data_1LSI
#
_entry.id   1LSI
#
_cell.length_a   1.000
_cell.length_b   1.000
_cell.length_c   1.000
_cell.angle_alpha   90.00
_cell.angle_beta   90.00
_cell.angle_gamma   90.00
#
_symmetry.space_group_name_H-M   'P 1'
#
_entity_poly.entity_id   1
_entity_poly.type   'polypeptide(L)'
_entity_poly.pdbx_seq_one_letter_code
;RECYLNPHDTQTCPSGQEICYVKSWCNAWCSSRGKVLEFGCAATCPSVNTGTEIKCCSADKCNTYP
;
_entity_poly.pdbx_strand_id   A
#
# COMPACT_ATOMS: atom_id res chain seq x y z
N ARG A 1 -9.55 5.01 9.80
CA ARG A 1 -8.76 4.75 8.56
C ARG A 1 -7.31 4.39 8.92
N GLU A 2 -6.66 3.64 8.08
CA GLU A 2 -5.24 3.27 8.33
C GLU A 2 -4.41 3.77 7.16
N CYS A 3 -3.13 4.01 7.38
CA CYS A 3 -2.23 4.52 6.28
C CYS A 3 -2.36 6.04 6.20
N TYR A 4 -3.57 6.53 6.20
CA TYR A 4 -3.79 8.01 6.13
C TYR A 4 -2.86 8.62 5.08
N LEU A 5 -1.67 9.01 5.45
CA LEU A 5 -0.76 9.60 4.45
C LEU A 5 0.70 9.22 4.73
N ASN A 6 1.05 7.99 4.51
CA ASN A 6 2.46 7.56 4.70
C ASN A 6 3.29 8.35 3.67
N PRO A 7 4.52 7.97 3.43
CA PRO A 7 5.35 8.65 2.41
C PRO A 7 4.95 8.13 1.01
N HIS A 8 3.70 7.80 0.84
CA HIS A 8 3.19 7.29 -0.47
C HIS A 8 1.88 8.01 -0.78
N ASP A 9 1.09 7.49 -1.68
CA ASP A 9 -0.21 8.15 -2.02
C ASP A 9 -1.23 7.88 -0.91
N THR A 10 -1.18 6.71 -0.31
CA THR A 10 -2.15 6.37 0.77
C THR A 10 -3.57 6.27 0.22
N GLN A 11 -4.52 6.08 1.10
CA GLN A 11 -5.93 5.96 0.68
C GLN A 11 -6.83 5.98 1.93
N THR A 12 -6.36 5.43 3.02
CA THR A 12 -7.16 5.42 4.27
C THR A 12 -8.37 4.50 4.16
N CYS A 13 -8.76 3.92 5.26
CA CYS A 13 -9.94 3.00 5.27
C CYS A 13 -10.84 3.37 6.45
N PRO A 14 -11.34 4.58 6.45
CA PRO A 14 -12.22 5.08 7.53
C PRO A 14 -13.66 4.58 7.34
N SER A 15 -13.87 3.69 6.40
CA SER A 15 -15.26 3.18 6.17
C SER A 15 -15.46 1.83 6.84
N GLY A 16 -16.56 1.18 6.55
CA GLY A 16 -16.84 -0.15 7.17
C GLY A 16 -15.56 -0.98 7.20
N GLN A 17 -14.79 -0.93 6.14
CA GLN A 17 -13.52 -1.71 6.11
C GLN A 17 -12.54 -1.11 7.11
N GLU A 18 -11.63 -1.88 7.62
CA GLU A 18 -10.66 -1.32 8.60
C GLU A 18 -9.26 -1.90 8.33
N ILE A 19 -9.05 -2.48 7.19
CA ILE A 19 -7.71 -3.04 6.89
C ILE A 19 -6.98 -2.09 5.95
N CYS A 20 -5.69 -2.15 5.95
CA CYS A 20 -4.91 -1.25 5.06
C CYS A 20 -3.98 -2.10 4.21
N TYR A 21 -4.14 -2.10 2.93
CA TYR A 21 -3.24 -2.93 2.09
C TYR A 21 -2.17 -2.02 1.49
N VAL A 22 -1.05 -2.56 1.13
CA VAL A 22 0.03 -1.71 0.57
C VAL A 22 0.44 -2.22 -0.81
N LYS A 23 0.25 -1.41 -1.82
CA LYS A 23 0.61 -1.84 -3.20
C LYS A 23 1.93 -1.17 -3.60
N SER A 24 2.90 -1.95 -4.00
CA SER A 24 4.21 -1.34 -4.37
C SER A 24 4.79 -2.03 -5.61
N TRP A 25 4.82 -1.34 -6.71
CA TRP A 25 5.40 -1.96 -7.96
C TRP A 25 6.37 -0.97 -8.61
N CYS A 26 6.90 -1.32 -9.75
CA CYS A 26 7.85 -0.39 -10.44
C CYS A 26 7.63 -0.46 -11.95
N ASN A 27 8.44 0.22 -12.71
CA ASN A 27 8.28 0.19 -14.18
C ASN A 27 9.56 -0.42 -14.79
N ALA A 28 9.56 -0.63 -16.08
CA ALA A 28 10.78 -1.22 -16.71
C ALA A 28 11.90 -0.20 -16.74
N TRP A 29 11.61 1.01 -16.34
CA TRP A 29 12.66 2.06 -16.36
C TRP A 29 12.56 2.92 -15.09
N CYS A 30 11.93 2.43 -14.06
CA CYS A 30 11.83 3.23 -12.80
C CYS A 30 13.17 3.31 -12.07
N SER A 31 14.25 2.89 -12.70
CA SER A 31 15.58 2.94 -12.01
C SER A 31 15.67 4.25 -11.23
N SER A 32 15.34 4.21 -9.96
CA SER A 32 15.36 5.44 -9.14
C SER A 32 14.74 6.58 -9.92
N ARG A 33 13.45 6.54 -10.05
CA ARG A 33 12.73 7.60 -10.79
C ARG A 33 11.52 8.07 -9.99
N GLY A 34 10.36 7.51 -10.26
CA GLY A 34 9.15 7.93 -9.50
C GLY A 34 8.27 6.71 -9.23
N LYS A 35 8.74 5.81 -8.42
CA LYS A 35 7.94 4.58 -8.11
C LYS A 35 6.49 4.99 -7.81
N VAL A 36 5.55 4.17 -8.20
CA VAL A 36 4.12 4.50 -7.94
C VAL A 36 3.62 3.61 -6.79
N LEU A 37 4.04 3.88 -5.59
CA LEU A 37 3.63 3.04 -4.45
C LEU A 37 2.60 3.77 -3.58
N GLU A 38 1.49 3.14 -3.32
CA GLU A 38 0.44 3.80 -2.47
C GLU A 38 -0.29 2.72 -1.65
N PHE A 39 -0.65 3.05 -0.44
CA PHE A 39 -1.38 2.07 0.41
C PHE A 39 -2.81 2.59 0.62
N GLY A 40 -3.77 1.72 0.79
CA GLY A 40 -5.15 2.23 0.96
C GLY A 40 -5.97 1.32 1.89
N CYS A 41 -7.25 1.22 1.64
CA CYS A 41 -8.13 0.40 2.49
C CYS A 41 -8.26 -1.00 1.91
N ALA A 42 -8.66 -1.91 2.73
CA ALA A 42 -8.83 -3.32 2.28
C ALA A 42 -9.58 -4.12 3.34
N ALA A 43 -9.83 -5.36 3.05
CA ALA A 43 -10.57 -6.23 4.00
C ALA A 43 -9.62 -7.30 4.56
N THR A 44 -8.81 -7.88 3.73
CA THR A 44 -7.86 -8.93 4.22
C THR A 44 -6.59 -8.92 3.37
N CYS A 45 -5.45 -8.92 3.99
CA CYS A 45 -4.15 -8.90 3.26
C CYS A 45 -4.27 -9.70 1.96
N PRO A 46 -4.23 -9.02 0.83
CA PRO A 46 -4.32 -9.67 -0.49
C PRO A 46 -2.96 -10.25 -0.89
N SER A 47 -2.88 -10.87 -2.04
CA SER A 47 -1.58 -11.45 -2.48
C SER A 47 -0.98 -10.61 -3.60
N VAL A 48 -0.20 -11.19 -4.47
CA VAL A 48 0.41 -10.42 -5.58
C VAL A 48 -0.28 -10.79 -6.89
N ASN A 49 -1.40 -10.17 -7.17
CA ASN A 49 -2.12 -10.48 -8.43
C ASN A 49 -1.16 -10.42 -9.62
N THR A 50 -1.12 -9.32 -10.32
CA THR A 50 -0.19 -9.20 -11.49
C THR A 50 1.25 -9.09 -10.96
N GLY A 51 2.06 -8.30 -11.60
CA GLY A 51 3.47 -8.15 -11.11
C GLY A 51 3.49 -7.02 -10.07
N THR A 52 2.51 -7.01 -9.21
CA THR A 52 2.45 -5.95 -8.16
C THR A 52 2.83 -6.56 -6.81
N GLU A 53 3.52 -5.81 -5.99
CA GLU A 53 3.92 -6.35 -4.66
C GLU A 53 2.97 -5.84 -3.59
N ILE A 54 2.01 -6.63 -3.19
CA ILE A 54 1.06 -6.18 -2.14
C ILE A 54 1.55 -6.69 -0.78
N LYS A 55 1.06 -6.13 0.28
CA LYS A 55 1.50 -6.59 1.63
C LYS A 55 0.37 -6.31 2.62
N CYS A 56 0.51 -6.78 3.83
CA CYS A 56 -0.55 -6.56 4.86
C CYS A 56 -0.11 -5.39 5.73
N CYS A 57 -0.93 -4.37 5.82
CA CYS A 57 -0.55 -3.19 6.65
C CYS A 57 -1.78 -2.67 7.40
N SER A 58 -1.57 -2.07 8.53
CA SER A 58 -2.72 -1.54 9.29
C SER A 58 -2.37 -0.20 9.93
N ALA A 59 -1.15 0.22 9.80
CA ALA A 59 -0.77 1.53 10.41
C ALA A 59 0.53 2.01 9.80
N ASP A 60 1.56 2.12 10.59
CA ASP A 60 2.87 2.55 10.04
C ASP A 60 3.69 1.29 9.79
N LYS A 61 3.01 0.23 9.46
CA LYS A 61 3.71 -1.04 9.19
C LYS A 61 3.68 -1.34 7.70
N CYS A 62 3.13 -0.43 6.93
CA CYS A 62 3.06 -0.66 5.46
C CYS A 62 4.47 -0.90 4.92
N ASN A 63 5.47 -0.44 5.61
CA ASN A 63 6.87 -0.65 5.16
C ASN A 63 7.70 -1.21 6.31
N THR A 64 7.30 -2.33 6.87
CA THR A 64 8.06 -2.92 7.98
C THR A 64 7.77 -4.42 8.08
N TYR A 65 8.47 -5.11 8.94
CA TYR A 65 8.25 -6.57 9.10
C TYR A 65 7.95 -7.22 7.74
N PRO A 66 9.00 -7.41 6.97
CA PRO A 66 8.90 -8.01 5.63
C PRO A 66 8.75 -9.53 5.74
N ARG A 1 -10.51 5.77 10.05
CA ARG A 1 -9.40 6.22 9.19
C ARG A 1 -8.09 5.58 9.66
N GLU A 2 -7.51 4.75 8.84
CA GLU A 2 -6.23 4.09 9.23
C GLU A 2 -5.23 4.21 8.07
N CYS A 3 -4.01 3.84 8.29
CA CYS A 3 -2.98 3.93 7.20
C CYS A 3 -2.44 5.36 7.14
N TYR A 4 -3.25 6.31 6.74
CA TYR A 4 -2.80 7.73 6.66
C TYR A 4 -1.35 7.81 6.21
N LEU A 5 -0.70 8.93 6.40
CA LEU A 5 0.71 9.04 5.97
C LEU A 5 0.79 8.81 4.48
N ASN A 6 0.56 9.81 3.69
CA ASN A 6 0.61 9.60 2.21
C ASN A 6 1.65 10.51 1.54
N PRO A 7 2.89 10.32 1.89
CA PRO A 7 4.00 11.09 1.28
C PRO A 7 4.31 10.48 -0.08
N HIS A 8 4.16 9.19 -0.20
CA HIS A 8 4.42 8.51 -1.49
C HIS A 8 3.67 7.18 -1.50
N ASP A 9 2.59 7.12 -0.79
CA ASP A 9 1.80 5.85 -0.75
C ASP A 9 0.73 5.93 0.35
N THR A 10 0.15 4.81 0.69
CA THR A 10 -0.89 4.77 1.76
C THR A 10 -2.22 5.37 1.29
N GLN A 11 -3.20 5.36 2.14
CA GLN A 11 -4.54 5.91 1.80
C GLN A 11 -5.50 5.67 2.97
N THR A 12 -5.80 6.70 3.72
CA THR A 12 -6.70 6.54 4.89
C THR A 12 -7.87 5.61 4.57
N CYS A 13 -8.56 5.19 5.60
CA CYS A 13 -9.72 4.27 5.43
C CYS A 13 -10.80 4.65 6.46
N PRO A 14 -11.39 5.80 6.26
CA PRO A 14 -12.44 6.31 7.16
C PRO A 14 -13.78 5.62 6.87
N SER A 15 -13.95 5.09 5.69
CA SER A 15 -15.22 4.40 5.34
C SER A 15 -14.92 3.11 4.59
N GLY A 16 -15.45 2.01 5.06
CA GLY A 16 -15.18 0.71 4.36
C GLY A 16 -14.74 -0.34 5.38
N GLN A 17 -13.88 -1.24 4.98
CA GLN A 17 -13.41 -2.30 5.92
C GLN A 17 -12.50 -1.67 6.98
N GLU A 18 -11.65 -2.45 7.60
CA GLU A 18 -10.75 -1.90 8.65
C GLU A 18 -9.33 -2.44 8.44
N ILE A 19 -9.09 -3.06 7.32
CA ILE A 19 -7.73 -3.61 7.04
C ILE A 19 -7.00 -2.67 6.10
N CYS A 20 -5.71 -2.77 6.06
CA CYS A 20 -4.92 -1.89 5.17
C CYS A 20 -3.98 -2.74 4.30
N TYR A 21 -4.17 -2.72 3.01
CA TYR A 21 -3.25 -3.52 2.14
C TYR A 21 -2.25 -2.56 1.53
N VAL A 22 -1.08 -3.03 1.17
CA VAL A 22 -0.08 -2.10 0.60
C VAL A 22 0.38 -2.58 -0.78
N LYS A 23 0.04 -1.86 -1.82
CA LYS A 23 0.45 -2.26 -3.19
C LYS A 23 1.53 -1.29 -3.70
N SER A 24 2.65 -1.78 -4.13
CA SER A 24 3.73 -0.86 -4.63
C SER A 24 4.34 -1.38 -5.93
N TRP A 25 4.13 -0.69 -7.02
CA TRP A 25 4.69 -1.17 -8.33
C TRP A 25 5.04 0.01 -9.26
N CYS A 26 5.76 -0.26 -10.30
CA CYS A 26 6.10 0.82 -11.29
C CYS A 26 5.87 0.26 -12.70
N ASN A 27 5.42 1.08 -13.61
CA ASN A 27 5.18 0.59 -14.99
C ASN A 27 6.27 1.13 -15.93
N ALA A 28 6.02 1.14 -17.20
CA ALA A 28 7.06 1.65 -18.14
C ALA A 28 6.91 3.16 -18.30
N TRP A 29 6.33 3.82 -17.34
CA TRP A 29 6.15 5.29 -17.46
C TRP A 29 6.69 6.03 -16.23
N CYS A 30 7.25 5.33 -15.26
CA CYS A 30 7.79 6.03 -14.07
C CYS A 30 9.00 6.88 -14.45
N SER A 31 9.41 6.87 -15.70
CA SER A 31 10.60 7.68 -16.11
C SER A 31 10.57 9.03 -15.40
N SER A 32 11.21 9.12 -14.28
CA SER A 32 11.21 10.38 -13.50
C SER A 32 9.83 11.00 -13.55
N ARG A 33 8.90 10.34 -12.95
CA ARG A 33 7.51 10.85 -12.92
C ARG A 33 6.90 10.63 -11.53
N GLY A 34 6.21 9.55 -11.34
CA GLY A 34 5.58 9.28 -10.02
C GLY A 34 4.98 7.88 -10.02
N LYS A 35 5.78 6.88 -9.75
CA LYS A 35 5.25 5.49 -9.75
C LYS A 35 3.91 5.46 -9.00
N VAL A 36 3.16 4.39 -9.15
CA VAL A 36 1.86 4.30 -8.46
C VAL A 36 2.04 3.45 -7.20
N LEU A 37 2.70 3.97 -6.22
CA LEU A 37 2.96 3.18 -4.99
C LEU A 37 2.11 3.70 -3.82
N GLU A 38 0.97 3.10 -3.61
CA GLU A 38 0.11 3.53 -2.47
C GLU A 38 -0.51 2.31 -1.80
N PHE A 39 -1.15 2.53 -0.71
CA PHE A 39 -1.81 1.43 0.02
C PHE A 39 -3.27 1.84 0.19
N GLY A 40 -4.04 1.10 0.94
CA GLY A 40 -5.46 1.51 1.09
C GLY A 40 -6.14 0.66 2.16
N CYS A 41 -7.44 0.56 2.10
CA CYS A 41 -8.17 -0.24 3.10
C CYS A 41 -8.42 -1.61 2.51
N ALA A 42 -9.10 -2.44 3.23
CA ALA A 42 -9.38 -3.81 2.70
C ALA A 42 -9.96 -4.69 3.80
N ALA A 43 -10.22 -5.92 3.48
CA ALA A 43 -10.81 -6.86 4.46
C ALA A 43 -9.76 -7.90 4.87
N THR A 44 -9.02 -8.43 3.93
CA THR A 44 -7.99 -9.45 4.27
C THR A 44 -6.77 -9.30 3.34
N CYS A 45 -5.59 -9.32 3.90
CA CYS A 45 -4.36 -9.18 3.10
C CYS A 45 -4.51 -9.93 1.77
N PRO A 46 -4.27 -9.25 0.67
CA PRO A 46 -4.38 -9.87 -0.67
C PRO A 46 -3.10 -10.62 -1.03
N SER A 47 -3.17 -11.54 -1.95
CA SER A 47 -1.95 -12.31 -2.34
C SER A 47 -1.84 -12.36 -3.87
N VAL A 48 -2.07 -11.25 -4.52
CA VAL A 48 -1.97 -11.24 -6.00
C VAL A 48 -0.69 -10.50 -6.42
N ASN A 49 0.35 -11.23 -6.73
CA ASN A 49 1.61 -10.58 -7.13
C ASN A 49 1.59 -10.23 -8.63
N THR A 50 0.47 -9.77 -9.12
CA THR A 50 0.39 -9.42 -10.57
C THR A 50 1.26 -8.19 -10.84
N GLY A 51 2.53 -8.39 -11.08
CA GLY A 51 3.43 -7.23 -11.34
C GLY A 51 3.19 -6.17 -10.28
N THR A 52 2.69 -6.56 -9.13
CA THR A 52 2.42 -5.58 -8.05
C THR A 52 2.90 -6.14 -6.71
N GLU A 53 3.61 -5.36 -5.94
CA GLU A 53 4.10 -5.88 -4.63
C GLU A 53 3.03 -5.60 -3.56
N ILE A 54 2.22 -6.58 -3.24
CA ILE A 54 1.19 -6.37 -2.21
C ILE A 54 1.69 -6.93 -0.88
N LYS A 55 1.24 -6.40 0.22
CA LYS A 55 1.69 -6.89 1.54
C LYS A 55 0.56 -6.67 2.55
N CYS A 56 0.72 -7.12 3.76
CA CYS A 56 -0.35 -6.92 4.77
C CYS A 56 0.02 -5.74 5.65
N CYS A 57 -0.87 -4.80 5.81
CA CYS A 57 -0.55 -3.60 6.62
C CYS A 57 -1.78 -3.17 7.43
N SER A 58 -1.55 -2.55 8.54
CA SER A 58 -2.70 -2.11 9.38
C SER A 58 -2.49 -0.67 9.83
N ALA A 59 -1.31 -0.16 9.68
CA ALA A 59 -1.05 1.25 10.11
C ALA A 59 0.24 1.75 9.47
N ASP A 60 1.25 2.01 10.27
CA ASP A 60 2.54 2.46 9.72
C ASP A 60 3.43 1.23 9.59
N LYS A 61 2.83 0.11 9.33
CA LYS A 61 3.58 -1.16 9.19
C LYS A 61 3.58 -1.57 7.72
N CYS A 62 3.01 -0.76 6.87
CA CYS A 62 2.96 -1.11 5.42
C CYS A 62 4.38 -1.38 4.91
N ASN A 63 5.35 -0.72 5.47
CA ASN A 63 6.76 -0.94 5.03
C ASN A 63 7.64 -1.23 6.24
N THR A 64 7.66 -2.47 6.68
CA THR A 64 8.51 -2.82 7.86
C THR A 64 8.98 -4.26 7.74
N TYR A 65 10.18 -4.54 8.18
CA TYR A 65 10.72 -5.93 8.10
C TYR A 65 9.61 -6.93 8.41
N PRO A 66 9.62 -8.06 7.74
CA PRO A 66 8.61 -9.11 7.94
C PRO A 66 8.94 -9.93 9.19
N ARG A 1 -10.20 6.14 9.40
CA ARG A 1 -8.82 6.30 8.86
C ARG A 1 -7.87 5.32 9.57
N GLU A 2 -7.25 4.44 8.83
CA GLU A 2 -6.32 3.47 9.47
C GLU A 2 -5.08 3.28 8.60
N CYS A 3 -4.61 4.34 8.01
CA CYS A 3 -3.39 4.24 7.15
C CYS A 3 -2.71 5.61 7.11
N TYR A 4 -3.42 6.61 6.69
CA TYR A 4 -2.84 7.98 6.61
C TYR A 4 -1.41 7.92 6.09
N LEU A 5 -0.64 8.96 6.28
CA LEU A 5 0.75 8.96 5.78
C LEU A 5 0.74 8.87 4.26
N ASN A 6 0.70 9.99 3.59
CA ASN A 6 0.66 9.94 2.11
C ASN A 6 1.85 10.70 1.49
N PRO A 7 3.05 10.34 1.89
CA PRO A 7 4.27 10.94 1.34
C PRO A 7 4.50 10.35 -0.05
N HIS A 8 4.38 9.06 -0.15
CA HIS A 8 4.53 8.37 -1.46
C HIS A 8 3.76 7.05 -1.40
N ASP A 9 2.80 6.99 -0.54
CA ASP A 9 2.00 5.74 -0.41
C ASP A 9 0.82 5.94 0.54
N THR A 10 0.11 4.89 0.83
CA THR A 10 -1.05 4.97 1.77
C THR A 10 -2.16 5.84 1.17
N GLN A 11 -3.35 5.74 1.72
CA GLN A 11 -4.48 6.55 1.19
C GLN A 11 -5.61 6.62 2.24
N THR A 12 -5.31 6.35 3.49
CA THR A 12 -6.36 6.43 4.55
C THR A 12 -7.54 5.51 4.24
N CYS A 13 -8.13 4.96 5.29
CA CYS A 13 -9.30 4.06 5.14
C CYS A 13 -10.41 4.56 6.08
N PRO A 14 -11.14 5.54 5.62
CA PRO A 14 -12.24 6.13 6.41
C PRO A 14 -13.48 5.22 6.37
N SER A 15 -14.12 5.11 5.25
CA SER A 15 -15.32 4.24 5.16
C SER A 15 -14.96 2.91 4.49
N GLY A 16 -15.35 1.82 5.08
CA GLY A 16 -15.04 0.49 4.48
C GLY A 16 -14.65 -0.50 5.58
N GLN A 17 -13.85 -1.48 5.26
CA GLN A 17 -13.44 -2.47 6.29
C GLN A 17 -12.50 -1.80 7.29
N GLU A 18 -11.66 -2.56 7.95
CA GLU A 18 -10.73 -1.95 8.95
C GLU A 18 -9.30 -2.43 8.66
N ILE A 19 -9.06 -3.00 7.51
CA ILE A 19 -7.69 -3.47 7.19
C ILE A 19 -7.03 -2.50 6.24
N CYS A 20 -5.73 -2.51 6.20
CA CYS A 20 -4.98 -1.59 5.29
C CYS A 20 -4.03 -2.42 4.44
N TYR A 21 -4.28 -2.50 3.15
CA TYR A 21 -3.36 -3.31 2.30
C TYR A 21 -2.35 -2.36 1.67
N VAL A 22 -1.20 -2.85 1.32
CA VAL A 22 -0.18 -1.95 0.73
C VAL A 22 0.25 -2.45 -0.65
N LYS A 23 -0.18 -1.78 -1.69
CA LYS A 23 0.20 -2.21 -3.07
C LYS A 23 1.29 -1.28 -3.60
N SER A 24 2.37 -1.82 -4.11
CA SER A 24 3.45 -0.96 -4.64
C SER A 24 3.98 -1.51 -5.97
N TRP A 25 3.85 -0.76 -7.03
CA TRP A 25 4.35 -1.25 -8.35
C TRP A 25 4.91 -0.09 -9.17
N CYS A 26 6.12 -0.23 -9.66
CA CYS A 26 6.73 0.85 -10.48
C CYS A 26 6.64 0.43 -11.96
N ASN A 27 6.89 1.33 -12.87
CA ASN A 27 6.84 0.97 -14.31
C ASN A 27 8.25 0.80 -14.83
N ALA A 28 8.43 0.78 -16.12
CA ALA A 28 9.80 0.60 -16.67
C ALA A 28 10.52 1.95 -16.74
N TRP A 29 9.87 2.99 -16.33
CA TRP A 29 10.51 4.33 -16.40
C TRP A 29 10.16 5.16 -15.15
N CYS A 30 9.75 4.53 -14.07
CA CYS A 30 9.41 5.32 -12.85
C CYS A 30 10.65 5.97 -12.22
N SER A 31 11.80 5.86 -12.84
CA SER A 31 13.02 6.49 -12.24
C SER A 31 12.64 7.87 -11.70
N SER A 32 12.29 7.93 -10.44
CA SER A 32 11.87 9.22 -9.84
C SER A 32 10.95 9.94 -10.82
N ARG A 33 9.80 9.40 -11.01
CA ARG A 33 8.82 10.03 -11.95
C ARG A 33 7.44 10.08 -11.29
N GLY A 34 6.56 9.17 -11.63
CA GLY A 34 5.20 9.19 -11.02
C GLY A 34 4.87 7.81 -10.45
N LYS A 35 5.74 7.28 -9.64
CA LYS A 35 5.49 5.93 -9.05
C LYS A 35 4.04 5.85 -8.56
N VAL A 36 3.39 4.76 -8.81
CA VAL A 36 1.98 4.61 -8.34
C VAL A 36 1.97 3.67 -7.14
N LEU A 37 2.68 4.01 -6.11
CA LEU A 37 2.76 3.14 -4.93
C LEU A 37 1.89 3.69 -3.80
N GLU A 38 0.76 3.10 -3.55
CA GLU A 38 -0.12 3.60 -2.44
C GLU A 38 -0.69 2.41 -1.67
N PHE A 39 -1.24 2.66 -0.52
CA PHE A 39 -1.85 1.59 0.28
C PHE A 39 -3.28 2.02 0.62
N GLY A 40 -4.20 1.12 0.74
CA GLY A 40 -5.60 1.55 1.02
C GLY A 40 -6.20 0.69 2.12
N CYS A 41 -7.49 0.46 2.05
CA CYS A 41 -8.17 -0.34 3.07
C CYS A 41 -8.35 -1.75 2.54
N ALA A 42 -9.02 -2.58 3.26
CA ALA A 42 -9.24 -3.97 2.78
C ALA A 42 -9.82 -4.83 3.90
N ALA A 43 -10.00 -6.09 3.62
CA ALA A 43 -10.56 -7.02 4.63
C ALA A 43 -9.46 -7.99 5.09
N THR A 44 -8.71 -8.54 4.18
CA THR A 44 -7.63 -9.48 4.57
C THR A 44 -6.42 -9.31 3.64
N CYS A 45 -5.25 -9.46 4.18
CA CYS A 45 -4.00 -9.30 3.38
C CYS A 45 -4.20 -9.85 1.95
N PRO A 46 -3.93 -9.03 0.96
CA PRO A 46 -4.05 -9.43 -0.45
C PRO A 46 -2.81 -10.20 -0.92
N SER A 47 -2.70 -10.47 -2.19
CA SER A 47 -1.52 -11.23 -2.70
C SER A 47 -0.92 -10.51 -3.93
N VAL A 48 0.13 -11.06 -4.48
CA VAL A 48 0.76 -10.42 -5.67
C VAL A 48 0.19 -11.04 -6.94
N ASN A 49 -0.82 -10.43 -7.50
CA ASN A 49 -1.43 -10.97 -8.75
C ASN A 49 -0.62 -10.53 -9.97
N THR A 50 -0.95 -9.40 -10.53
CA THR A 50 -0.22 -8.91 -11.73
C THR A 50 1.17 -8.39 -11.35
N GLY A 51 2.11 -9.26 -11.10
CA GLY A 51 3.49 -8.81 -10.72
C GLY A 51 3.41 -7.55 -9.86
N THR A 52 2.48 -7.51 -8.95
CA THR A 52 2.33 -6.31 -8.08
C THR A 52 2.94 -6.61 -6.70
N GLU A 53 3.47 -5.61 -6.04
CA GLU A 53 4.07 -5.85 -4.70
C GLU A 53 3.06 -5.51 -3.61
N ILE A 54 2.16 -6.41 -3.30
CA ILE A 54 1.16 -6.12 -2.25
C ILE A 54 1.60 -6.79 -0.94
N LYS A 55 1.17 -6.26 0.17
CA LYS A 55 1.56 -6.88 1.47
C LYS A 55 0.43 -6.64 2.48
N CYS A 56 0.62 -7.10 3.69
CA CYS A 56 -0.43 -6.93 4.73
C CYS A 56 -0.07 -5.73 5.60
N CYS A 57 -1.00 -4.84 5.78
CA CYS A 57 -0.72 -3.63 6.60
C CYS A 57 -1.98 -3.20 7.33
N SER A 58 -1.81 -2.31 8.25
CA SER A 58 -2.97 -1.82 9.03
C SER A 58 -2.48 -1.08 10.27
N ALA A 59 -1.25 -0.64 10.29
CA ALA A 59 -0.76 0.07 11.50
C ALA A 59 0.39 0.98 11.13
N ASP A 60 0.19 1.89 10.20
CA ASP A 60 1.29 2.80 9.79
C ASP A 60 2.59 1.99 9.81
N LYS A 61 2.47 0.73 9.50
CA LYS A 61 3.64 -0.17 9.52
C LYS A 61 3.94 -0.63 8.09
N CYS A 62 3.13 -0.23 7.15
CA CYS A 62 3.35 -0.65 5.74
C CYS A 62 4.83 -0.50 5.39
N ASN A 63 5.46 0.54 5.85
CA ASN A 63 6.90 0.75 5.56
C ASN A 63 7.72 0.45 6.81
N THR A 64 7.66 -0.76 7.29
CA THR A 64 8.44 -1.12 8.52
C THR A 64 9.86 -1.51 8.13
N TYR A 65 10.78 -0.59 8.23
CA TYR A 65 12.20 -0.89 7.88
C TYR A 65 12.25 -1.86 6.68
N PRO A 66 12.02 -1.32 5.51
CA PRO A 66 12.03 -2.11 4.25
C PRO A 66 13.46 -2.37 3.81
N ARG A 1 -10.28 5.07 9.50
CA ARG A 1 -9.07 5.78 9.00
C ARG A 1 -7.82 5.08 9.53
N GLU A 2 -7.21 4.23 8.74
CA GLU A 2 -5.99 3.52 9.22
C GLU A 2 -5.00 3.35 8.07
N CYS A 3 -4.56 4.42 7.46
CA CYS A 3 -3.59 4.30 6.34
C CYS A 3 -2.78 5.59 6.22
N TYR A 4 -3.44 6.72 6.28
CA TYR A 4 -2.73 8.05 6.16
C TYR A 4 -1.34 7.95 6.76
N LEU A 5 -0.43 8.81 6.31
CA LEU A 5 0.98 8.84 6.81
C LEU A 5 1.98 8.44 5.73
N ASN A 6 1.87 7.26 5.22
CA ASN A 6 2.86 6.82 4.20
C ASN A 6 3.04 7.92 3.14
N PRO A 7 4.27 8.18 2.79
CA PRO A 7 4.60 9.19 1.78
C PRO A 7 4.29 8.65 0.38
N HIS A 8 3.83 7.43 0.32
CA HIS A 8 3.51 6.82 -1.00
C HIS A 8 2.03 7.08 -1.32
N ASP A 9 1.58 8.28 -1.06
CA ASP A 9 0.16 8.64 -1.35
C ASP A 9 -0.76 8.14 -0.22
N THR A 10 -0.53 6.97 0.29
CA THR A 10 -1.41 6.46 1.39
C THR A 10 -2.87 6.55 0.94
N GLN A 11 -3.79 6.22 1.80
CA GLN A 11 -5.22 6.31 1.44
C GLN A 11 -6.07 5.88 2.64
N THR A 12 -6.23 6.78 3.58
CA THR A 12 -7.03 6.47 4.80
C THR A 12 -8.26 5.63 4.45
N CYS A 13 -8.68 4.80 5.36
CA CYS A 13 -9.87 3.94 5.10
C CYS A 13 -10.93 4.20 6.18
N PRO A 14 -11.65 5.29 6.02
CA PRO A 14 -12.70 5.68 6.98
C PRO A 14 -13.96 4.83 6.78
N SER A 15 -14.62 4.97 5.67
CA SER A 15 -15.86 4.18 5.43
C SER A 15 -15.53 3.01 4.50
N GLY A 16 -15.91 1.81 4.88
CA GLY A 16 -15.63 0.63 4.02
C GLY A 16 -15.09 -0.51 4.88
N GLN A 17 -13.90 -0.97 4.61
CA GLN A 17 -13.33 -2.09 5.41
C GLN A 17 -12.57 -1.51 6.62
N GLU A 18 -11.70 -2.27 7.21
CA GLU A 18 -10.94 -1.76 8.39
C GLU A 18 -9.47 -2.17 8.27
N ILE A 19 -9.10 -2.80 7.17
CA ILE A 19 -7.69 -3.21 7.00
C ILE A 19 -7.00 -2.25 6.03
N CYS A 20 -5.71 -2.20 6.09
CA CYS A 20 -4.96 -1.30 5.16
C CYS A 20 -4.03 -2.15 4.30
N TYR A 21 -4.26 -2.23 3.02
CA TYR A 21 -3.36 -3.06 2.19
C TYR A 21 -2.33 -2.14 1.55
N VAL A 22 -1.19 -2.66 1.20
CA VAL A 22 -0.16 -1.77 0.59
C VAL A 22 0.19 -2.27 -0.81
N LYS A 23 -0.25 -1.56 -1.82
CA LYS A 23 0.07 -1.97 -3.22
C LYS A 23 1.23 -1.12 -3.72
N SER A 24 2.29 -1.74 -4.17
CA SER A 24 3.45 -0.94 -4.66
C SER A 24 3.95 -1.49 -6.00
N TRP A 25 3.86 -0.71 -7.05
CA TRP A 25 4.35 -1.20 -8.37
C TRP A 25 4.94 -0.03 -9.18
N CYS A 26 6.15 -0.17 -9.63
CA CYS A 26 6.78 0.91 -10.45
C CYS A 26 6.69 0.53 -11.93
N ASN A 27 7.42 1.22 -12.76
CA ASN A 27 7.41 0.90 -14.21
C ASN A 27 8.79 0.40 -14.63
N ALA A 28 9.66 0.16 -13.68
CA ALA A 28 11.03 -0.32 -13.99
C ALA A 28 11.91 0.86 -14.40
N TRP A 29 11.32 2.00 -14.59
CA TRP A 29 12.11 3.19 -14.99
C TRP A 29 11.60 4.42 -14.22
N CYS A 30 10.95 4.21 -13.11
CA CYS A 30 10.42 5.36 -12.31
C CYS A 30 11.53 6.10 -11.55
N SER A 31 12.72 6.15 -12.09
CA SER A 31 13.81 6.89 -11.37
C SER A 31 13.29 8.26 -10.92
N SER A 32 12.77 8.33 -9.73
CA SER A 32 12.22 9.63 -9.23
C SER A 32 11.43 10.31 -10.34
N ARG A 33 10.24 9.88 -10.55
CA ARG A 33 9.38 10.49 -11.61
C ARG A 33 7.94 10.56 -11.13
N GLY A 34 7.25 9.45 -11.11
CA GLY A 34 5.83 9.44 -10.66
C GLY A 34 5.45 8.02 -10.23
N LYS A 35 6.26 7.40 -9.42
CA LYS A 35 5.94 6.02 -8.97
C LYS A 35 4.47 5.92 -8.60
N VAL A 36 3.86 4.79 -8.85
CA VAL A 36 2.42 4.61 -8.50
C VAL A 36 2.32 3.62 -7.35
N LEU A 37 2.96 3.92 -6.25
CA LEU A 37 2.94 2.98 -5.10
C LEU A 37 2.16 3.59 -3.94
N GLU A 38 0.97 3.14 -3.69
CA GLU A 38 0.18 3.70 -2.56
C GLU A 38 -0.55 2.58 -1.81
N PHE A 39 -0.91 2.82 -0.57
CA PHE A 39 -1.61 1.78 0.21
C PHE A 39 -3.01 2.31 0.56
N GLY A 40 -3.99 1.44 0.69
CA GLY A 40 -5.36 1.92 1.00
C GLY A 40 -6.05 0.97 1.99
N CYS A 41 -7.30 0.66 1.76
CA CYS A 41 -8.05 -0.22 2.69
C CYS A 41 -8.02 -1.65 2.17
N ALA A 42 -8.62 -2.52 2.90
CA ALA A 42 -8.67 -3.95 2.49
C ALA A 42 -9.37 -4.77 3.57
N ALA A 43 -9.49 -6.04 3.34
CA ALA A 43 -10.15 -6.93 4.34
C ALA A 43 -9.12 -7.85 4.98
N THR A 44 -8.26 -8.43 4.18
CA THR A 44 -7.22 -9.35 4.72
C THR A 44 -5.99 -9.30 3.82
N CYS A 45 -4.83 -9.48 4.39
CA CYS A 45 -3.58 -9.46 3.59
C CYS A 45 -3.80 -10.12 2.22
N PRO A 46 -3.74 -9.34 1.16
CA PRO A 46 -3.95 -9.85 -0.20
C PRO A 46 -2.65 -10.47 -0.74
N SER A 47 -2.72 -11.68 -1.24
CA SER A 47 -1.50 -12.34 -1.77
C SER A 47 -1.55 -12.35 -3.30
N VAL A 48 -1.69 -11.21 -3.91
CA VAL A 48 -1.76 -11.15 -5.39
C VAL A 48 -0.44 -10.60 -5.93
N ASN A 49 0.25 -11.35 -6.75
CA ASN A 49 1.53 -10.86 -7.30
C ASN A 49 1.37 -10.55 -8.79
N THR A 50 0.21 -10.12 -9.20
CA THR A 50 -0.01 -9.80 -10.64
C THR A 50 0.80 -8.56 -11.00
N GLY A 51 2.06 -8.73 -11.33
CA GLY A 51 2.89 -7.54 -11.68
C GLY A 51 2.67 -6.44 -10.63
N THR A 52 2.27 -6.83 -9.44
CA THR A 52 2.02 -5.82 -8.37
C THR A 52 2.60 -6.33 -7.05
N GLU A 53 3.13 -5.46 -6.24
CA GLU A 53 3.69 -5.89 -4.94
C GLU A 53 2.73 -5.52 -3.81
N ILE A 54 1.78 -6.38 -3.52
CA ILE A 54 0.82 -6.04 -2.43
C ILE A 54 1.27 -6.70 -1.13
N LYS A 55 0.77 -6.24 -0.02
CA LYS A 55 1.17 -6.83 1.29
C LYS A 55 0.13 -6.47 2.34
N CYS A 56 0.38 -6.82 3.57
CA CYS A 56 -0.60 -6.50 4.65
C CYS A 56 -0.08 -5.30 5.44
N CYS A 57 -0.97 -4.42 5.84
CA CYS A 57 -0.52 -3.23 6.60
C CYS A 57 -1.69 -2.67 7.42
N SER A 58 -1.40 -2.10 8.55
CA SER A 58 -2.50 -1.53 9.37
C SER A 58 -2.10 -0.17 9.93
N ALA A 59 -0.85 0.21 9.76
CA ALA A 59 -0.43 1.52 10.27
C ALA A 59 0.89 1.92 9.61
N ASP A 60 1.95 2.00 10.37
CA ASP A 60 3.26 2.34 9.77
C ASP A 60 4.00 1.02 9.57
N LYS A 61 3.26 0.00 9.27
CA LYS A 61 3.86 -1.33 9.03
C LYS A 61 3.78 -1.66 7.54
N CYS A 62 3.28 -0.74 6.76
CA CYS A 62 3.16 -1.01 5.30
C CYS A 62 4.55 -1.37 4.73
N ASN A 63 5.60 -0.99 5.41
CA ASN A 63 6.96 -1.31 4.91
C ASN A 63 7.52 -2.50 5.69
N THR A 64 7.20 -3.69 5.29
CA THR A 64 7.72 -4.88 6.00
C THR A 64 8.88 -5.49 5.21
N TYR A 65 9.89 -5.98 5.89
CA TYR A 65 11.04 -6.57 5.18
C TYR A 65 11.91 -7.34 6.18
N PRO A 66 11.45 -8.49 6.58
CA PRO A 66 12.16 -9.35 7.54
C PRO A 66 13.30 -10.10 6.83
N ARG A 1 -9.81 5.04 9.63
CA ARG A 1 -8.61 5.54 8.91
C ARG A 1 -7.37 4.76 9.38
N GLU A 2 -6.80 3.95 8.52
CA GLU A 2 -5.61 3.17 8.93
C GLU A 2 -4.54 3.24 7.84
N CYS A 3 -4.37 4.40 7.26
CA CYS A 3 -3.35 4.57 6.19
C CYS A 3 -2.96 6.04 6.14
N TYR A 4 -3.94 6.90 6.14
CA TYR A 4 -3.70 8.37 6.11
C TYR A 4 -2.66 8.75 5.05
N LEU A 5 -1.39 8.66 5.36
CA LEU A 5 -0.40 9.05 4.35
C LEU A 5 0.74 8.04 4.22
N ASN A 6 1.33 7.62 5.31
CA ASN A 6 2.48 6.66 5.20
C ASN A 6 3.46 7.22 4.17
N PRO A 7 4.50 6.48 3.89
CA PRO A 7 5.53 6.88 2.92
C PRO A 7 5.07 6.58 1.50
N HIS A 8 3.86 6.95 1.15
CA HIS A 8 3.35 6.67 -0.24
C HIS A 8 2.08 7.48 -0.49
N ASP A 9 1.38 7.19 -1.56
CA ASP A 9 0.12 7.94 -1.89
C ASP A 9 -0.91 7.70 -0.77
N THR A 10 -0.96 6.52 -0.25
CA THR A 10 -1.92 6.21 0.85
C THR A 10 -3.38 6.32 0.38
N GLN A 11 -4.29 5.98 1.25
CA GLN A 11 -5.73 6.05 0.92
C GLN A 11 -6.51 5.58 2.16
N THR A 12 -6.65 6.46 3.11
CA THR A 12 -7.36 6.13 4.40
C THR A 12 -8.40 5.03 4.22
N CYS A 13 -8.61 4.26 5.25
CA CYS A 13 -9.63 3.16 5.22
C CYS A 13 -10.65 3.38 6.34
N PRO A 14 -11.44 4.41 6.21
CA PRO A 14 -12.46 4.75 7.22
C PRO A 14 -13.68 3.82 7.11
N SER A 15 -14.35 3.83 5.99
CA SER A 15 -15.55 2.95 5.84
C SER A 15 -15.16 1.68 5.06
N GLY A 16 -16.12 0.84 4.79
CA GLY A 16 -15.82 -0.41 4.05
C GLY A 16 -15.23 -1.44 5.01
N GLN A 17 -13.98 -1.28 5.36
CA GLN A 17 -13.35 -2.24 6.31
C GLN A 17 -12.42 -1.47 7.26
N GLU A 18 -11.48 -2.15 7.86
CA GLU A 18 -10.56 -1.44 8.80
C GLU A 18 -9.13 -1.93 8.56
N ILE A 19 -8.88 -2.50 7.41
CA ILE A 19 -7.51 -3.00 7.10
C ILE A 19 -6.85 -2.07 6.11
N CYS A 20 -5.56 -2.08 6.07
CA CYS A 20 -4.83 -1.20 5.11
C CYS A 20 -3.89 -2.07 4.27
N TYR A 21 -4.06 -2.07 2.99
CA TYR A 21 -3.15 -2.91 2.16
C TYR A 21 -2.09 -2.00 1.56
N VAL A 22 -0.97 -2.53 1.20
CA VAL A 22 0.09 -1.66 0.63
C VAL A 22 0.53 -2.21 -0.72
N LYS A 23 0.21 -1.54 -1.79
CA LYS A 23 0.61 -2.02 -3.14
C LYS A 23 1.84 -1.25 -3.59
N SER A 24 2.85 -1.94 -4.04
CA SER A 24 4.08 -1.22 -4.48
C SER A 24 4.60 -1.82 -5.78
N TRP A 25 4.49 -1.08 -6.86
CA TRP A 25 4.98 -1.61 -8.17
C TRP A 25 5.68 -0.50 -8.96
N CYS A 26 6.85 -0.75 -9.46
CA CYS A 26 7.59 0.28 -10.25
C CYS A 26 7.36 -0.02 -11.75
N ASN A 27 7.76 0.88 -12.61
CA ASN A 27 7.57 0.63 -14.06
C ASN A 27 8.90 0.23 -14.68
N ALA A 28 9.01 0.28 -15.98
CA ALA A 28 10.29 -0.13 -16.63
C ALA A 28 11.27 1.04 -16.66
N TRP A 29 10.86 2.16 -16.16
CA TRP A 29 11.76 3.34 -16.19
C TRP A 29 11.65 4.13 -14.88
N CYS A 30 11.21 3.50 -13.82
CA CYS A 30 11.09 4.24 -12.51
C CYS A 30 12.45 4.57 -11.91
N SER A 31 13.53 4.51 -12.66
CA SER A 31 14.86 4.83 -12.08
C SER A 31 14.73 6.08 -11.21
N SER A 32 14.48 5.89 -9.93
CA SER A 32 14.29 7.05 -9.01
C SER A 32 13.51 8.14 -9.73
N ARG A 33 12.26 7.92 -9.89
CA ARG A 33 11.40 8.93 -10.58
C ARG A 33 10.11 9.14 -9.79
N GLY A 34 9.03 8.54 -10.22
CA GLY A 34 7.74 8.71 -9.48
C GLY A 34 6.99 7.38 -9.46
N LYS A 35 7.61 6.35 -8.95
CA LYS A 35 6.93 5.03 -8.90
C LYS A 35 5.49 5.22 -8.41
N VAL A 36 4.62 4.30 -8.73
CA VAL A 36 3.21 4.44 -8.27
C VAL A 36 2.98 3.50 -7.09
N LEU A 37 3.56 3.80 -5.96
CA LEU A 37 3.40 2.92 -4.78
C LEU A 37 2.44 3.58 -3.78
N GLU A 38 1.25 3.05 -3.64
CA GLU A 38 0.29 3.66 -2.68
C GLU A 38 -0.42 2.57 -1.87
N PHE A 39 -0.74 2.87 -0.65
CA PHE A 39 -1.45 1.89 0.21
C PHE A 39 -2.86 2.42 0.49
N GLY A 40 -3.85 1.57 0.59
CA GLY A 40 -5.22 2.10 0.84
C GLY A 40 -5.98 1.22 1.84
N CYS A 41 -7.26 1.07 1.63
CA CYS A 41 -8.09 0.26 2.56
C CYS A 41 -8.27 -1.14 2.03
N ALA A 42 -8.63 -2.02 2.89
CA ALA A 42 -8.84 -3.44 2.49
C ALA A 42 -9.50 -4.22 3.63
N ALA A 43 -9.74 -5.48 3.43
CA ALA A 43 -10.38 -6.32 4.47
C ALA A 43 -9.37 -7.34 5.01
N THR A 44 -8.57 -7.91 4.15
CA THR A 44 -7.58 -8.92 4.61
C THR A 44 -6.34 -8.89 3.72
N CYS A 45 -5.18 -8.88 4.31
CA CYS A 45 -3.92 -8.85 3.53
C CYS A 45 -4.05 -9.67 2.24
N PRO A 46 -4.09 -9.00 1.10
CA PRO A 46 -4.23 -9.69 -0.20
C PRO A 46 -2.88 -10.23 -0.66
N SER A 47 -2.81 -10.77 -1.85
CA SER A 47 -1.53 -11.31 -2.35
C SER A 47 -0.99 -10.42 -3.47
N VAL A 48 -0.27 -10.99 -4.41
CA VAL A 48 0.28 -10.17 -5.52
C VAL A 48 -0.49 -10.49 -6.81
N ASN A 49 -1.64 -9.90 -6.99
CA ASN A 49 -2.44 -10.18 -8.21
C ASN A 49 -1.55 -10.07 -9.45
N THR A 50 -1.56 -8.95 -10.12
CA THR A 50 -0.71 -8.80 -11.33
C THR A 50 0.75 -8.71 -10.88
N GLY A 51 1.55 -7.90 -11.52
CA GLY A 51 2.96 -7.75 -11.10
C GLY A 51 3.04 -6.68 -10.01
N THR A 52 2.09 -6.67 -9.11
CA THR A 52 2.08 -5.65 -8.03
C THR A 52 2.50 -6.32 -6.72
N GLU A 53 3.39 -5.70 -6.00
CA GLU A 53 3.83 -6.30 -4.71
C GLU A 53 2.91 -5.83 -3.58
N ILE A 54 1.97 -6.64 -3.18
CA ILE A 54 1.05 -6.21 -2.10
C ILE A 54 1.57 -6.76 -0.76
N LYS A 55 1.13 -6.18 0.32
CA LYS A 55 1.56 -6.65 1.66
C LYS A 55 0.50 -6.26 2.68
N CYS A 56 0.72 -6.61 3.92
CA CYS A 56 -0.29 -6.28 4.97
C CYS A 56 0.15 -5.03 5.72
N CYS A 57 -0.76 -4.16 6.03
CA CYS A 57 -0.39 -2.91 6.74
C CYS A 57 -1.60 -2.34 7.46
N SER A 58 -1.38 -1.66 8.54
CA SER A 58 -2.52 -1.07 9.28
C SER A 58 -2.22 0.38 9.64
N ALA A 59 -0.99 0.76 9.54
CA ALA A 59 -0.62 2.17 9.88
C ALA A 59 0.76 2.48 9.27
N ASP A 60 1.74 2.70 10.09
CA ASP A 60 3.10 2.96 9.57
C ASP A 60 3.87 1.63 9.62
N LYS A 61 3.15 0.57 9.42
CA LYS A 61 3.77 -0.78 9.45
C LYS A 61 3.82 -1.34 8.04
N CYS A 62 3.38 -0.56 7.08
CA CYS A 62 3.40 -1.04 5.67
C CYS A 62 4.78 -1.59 5.33
N ASN A 63 5.82 -0.91 5.71
CA ASN A 63 7.19 -1.38 5.41
C ASN A 63 8.04 -1.37 6.68
N THR A 64 7.44 -1.65 7.80
CA THR A 64 8.20 -1.65 9.09
C THR A 64 7.66 -2.73 10.01
N TYR A 65 8.51 -3.52 10.60
CA TYR A 65 8.04 -4.59 11.50
C TYR A 65 6.98 -4.06 12.46
N PRO A 66 7.26 -2.92 13.08
CA PRO A 66 6.31 -2.30 14.03
C PRO A 66 5.20 -1.56 13.28
N ARG A 1 -9.45 4.86 8.90
CA ARG A 1 -8.29 5.67 8.44
C ARG A 1 -6.99 5.06 8.98
N GLU A 2 -6.40 4.13 8.26
CA GLU A 2 -5.14 3.51 8.73
C GLU A 2 -4.13 3.46 7.58
N CYS A 3 -3.96 4.57 6.90
CA CYS A 3 -3.00 4.62 5.77
C CYS A 3 -2.50 6.05 5.61
N TYR A 4 -3.40 6.99 5.71
CA TYR A 4 -3.03 8.43 5.58
C TYR A 4 -1.99 8.62 4.49
N LEU A 5 -0.72 8.59 4.83
CA LEU A 5 0.32 8.76 3.80
C LEU A 5 1.56 7.94 4.18
N ASN A 6 1.54 6.67 3.92
CA ASN A 6 2.73 5.84 4.27
C ASN A 6 3.81 6.02 3.19
N PRO A 7 3.59 5.50 1.98
CA PRO A 7 4.58 5.66 0.89
C PRO A 7 4.34 6.99 0.17
N HIS A 8 3.42 6.99 -0.77
CA HIS A 8 3.10 8.23 -1.54
C HIS A 8 1.67 8.07 -2.06
N ASP A 9 0.87 9.12 -2.02
CA ASP A 9 -0.54 9.00 -2.50
C ASP A 9 -1.40 8.40 -1.37
N THR A 10 -1.25 7.13 -1.11
CA THR A 10 -2.02 6.48 -0.01
C THR A 10 -3.52 6.38 -0.34
N GLN A 11 -4.29 5.94 0.61
CA GLN A 11 -5.76 5.81 0.43
C GLN A 11 -6.36 5.24 1.73
N THR A 12 -6.48 6.07 2.73
CA THR A 12 -7.02 5.63 4.05
C THR A 12 -8.19 4.66 3.88
N CYS A 13 -8.58 4.03 4.96
CA CYS A 13 -9.72 3.07 4.92
C CYS A 13 -10.76 3.42 6.00
N PRO A 14 -11.27 4.63 5.95
CA PRO A 14 -12.28 5.08 6.93
C PRO A 14 -13.68 4.59 6.51
N SER A 15 -13.87 3.31 6.42
CA SER A 15 -15.21 2.79 6.02
C SER A 15 -15.58 1.57 6.86
N GLY A 16 -16.56 0.82 6.43
CA GLY A 16 -16.99 -0.38 7.20
C GLY A 16 -15.75 -1.14 7.69
N GLN A 17 -15.03 -1.77 6.80
CA GLN A 17 -13.82 -2.51 7.21
C GLN A 17 -12.75 -1.51 7.64
N GLU A 18 -11.67 -1.98 8.20
CA GLU A 18 -10.61 -1.02 8.64
C GLU A 18 -9.23 -1.60 8.36
N ILE A 19 -9.05 -2.27 7.26
CA ILE A 19 -7.72 -2.84 6.95
C ILE A 19 -7.04 -1.95 5.93
N CYS A 20 -5.75 -2.00 5.87
CA CYS A 20 -5.00 -1.17 4.90
C CYS A 20 -4.06 -2.09 4.11
N TYR A 21 -4.20 -2.13 2.83
CA TYR A 21 -3.28 -3.00 2.04
C TYR A 21 -2.14 -2.14 1.52
N VAL A 22 -1.03 -2.73 1.20
CA VAL A 22 0.10 -1.89 0.72
C VAL A 22 0.63 -2.40 -0.62
N LYS A 23 0.43 -1.63 -1.66
CA LYS A 23 0.94 -2.04 -3.01
C LYS A 23 2.11 -1.15 -3.37
N SER A 24 3.24 -1.73 -3.73
CA SER A 24 4.43 -0.90 -4.07
C SER A 24 5.12 -1.41 -5.34
N TRP A 25 5.11 -0.62 -6.38
CA TRP A 25 5.78 -1.04 -7.66
C TRP A 25 6.38 0.18 -8.36
N CYS A 26 7.36 0.00 -9.19
CA CYS A 26 7.95 1.16 -9.92
C CYS A 26 8.24 0.76 -11.37
N ASN A 27 8.99 1.55 -12.08
CA ASN A 27 9.31 1.22 -13.50
C ASN A 27 10.77 0.77 -13.59
N ALA A 28 11.26 0.54 -14.78
CA ALA A 28 12.67 0.09 -14.93
C ALA A 28 13.61 1.29 -14.75
N TRP A 29 13.07 2.43 -14.47
CA TRP A 29 13.91 3.64 -14.31
C TRP A 29 13.41 4.45 -13.12
N CYS A 30 12.74 3.82 -12.20
CA CYS A 30 12.22 4.57 -11.01
C CYS A 30 13.36 5.10 -10.14
N SER A 31 14.60 4.87 -10.51
CA SER A 31 15.73 5.38 -9.69
C SER A 31 15.39 6.79 -9.21
N SER A 32 14.86 6.90 -8.02
CA SER A 32 14.46 8.23 -7.50
C SER A 32 13.69 8.97 -8.59
N ARG A 33 12.51 8.53 -8.85
CA ARG A 33 11.67 9.17 -9.89
C ARG A 33 10.24 9.38 -9.35
N GLY A 34 9.25 8.94 -10.07
CA GLY A 34 7.84 9.13 -9.59
C GLY A 34 7.20 7.77 -9.35
N LYS A 35 7.83 6.91 -8.59
CA LYS A 35 7.25 5.57 -8.32
C LYS A 35 5.78 5.71 -7.92
N VAL A 36 4.98 4.74 -8.26
CA VAL A 36 3.52 4.78 -7.90
C VAL A 36 3.29 3.84 -6.72
N LEU A 37 3.65 4.25 -5.53
CA LEU A 37 3.52 3.37 -4.35
C LEU A 37 2.42 3.90 -3.40
N GLU A 38 1.35 3.16 -3.24
CA GLU A 38 0.26 3.65 -2.33
C GLU A 38 -0.40 2.48 -1.60
N PHE A 39 -0.76 2.70 -0.36
CA PHE A 39 -1.45 1.65 0.43
C PHE A 39 -2.89 2.13 0.60
N GLY A 40 -3.87 1.29 0.38
CA GLY A 40 -5.27 1.77 0.50
C GLY A 40 -6.06 1.02 1.56
N CYS A 41 -7.32 0.83 1.33
CA CYS A 41 -8.18 0.13 2.31
C CYS A 41 -8.40 -1.30 1.87
N ALA A 42 -8.81 -2.12 2.77
CA ALA A 42 -9.05 -3.55 2.43
C ALA A 42 -9.74 -4.25 3.60
N ALA A 43 -9.99 -5.52 3.43
CA ALA A 43 -10.67 -6.32 4.49
C ALA A 43 -9.67 -7.33 5.06
N THR A 44 -8.90 -7.99 4.22
CA THR A 44 -7.92 -8.98 4.73
C THR A 44 -6.66 -8.94 3.86
N CYS A 45 -5.54 -9.31 4.41
CA CYS A 45 -4.28 -9.29 3.66
C CYS A 45 -4.51 -9.77 2.21
N PRO A 46 -4.14 -8.95 1.25
CA PRO A 46 -4.31 -9.29 -0.18
C PRO A 46 -3.12 -10.11 -0.68
N SER A 47 -3.39 -11.20 -1.34
CA SER A 47 -2.27 -12.05 -1.85
C SER A 47 -2.19 -11.90 -3.37
N VAL A 48 -2.41 -10.73 -3.89
CA VAL A 48 -2.34 -10.52 -5.36
C VAL A 48 -1.05 -9.78 -5.71
N ASN A 49 -0.35 -10.23 -6.72
CA ASN A 49 0.91 -9.55 -7.10
C ASN A 49 0.88 -9.21 -8.60
N THR A 50 -0.12 -8.51 -9.03
CA THR A 50 -0.19 -8.14 -10.48
C THR A 50 0.91 -7.11 -10.78
N GLY A 51 2.10 -7.57 -11.05
CA GLY A 51 3.20 -6.61 -11.34
C GLY A 51 3.28 -5.58 -10.20
N THR A 52 2.74 -5.91 -9.06
CA THR A 52 2.76 -4.97 -7.91
C THR A 52 3.04 -5.75 -6.62
N GLU A 53 3.84 -5.21 -5.75
CA GLU A 53 4.13 -5.92 -4.48
C GLU A 53 3.05 -5.60 -3.45
N ILE A 54 2.12 -6.47 -3.23
CA ILE A 54 1.04 -6.18 -2.25
C ILE A 54 1.43 -6.77 -0.89
N LYS A 55 0.61 -6.56 0.09
CA LYS A 55 0.90 -7.08 1.45
C LYS A 55 -0.20 -6.62 2.41
N CYS A 56 -0.07 -6.97 3.67
CA CYS A 56 -1.09 -6.55 4.67
C CYS A 56 -0.50 -5.41 5.50
N CYS A 57 -1.32 -4.49 5.94
CA CYS A 57 -0.78 -3.36 6.75
C CYS A 57 -1.93 -2.64 7.45
N SER A 58 -1.72 -2.21 8.65
CA SER A 58 -2.82 -1.49 9.36
C SER A 58 -2.28 -0.18 9.94
N ALA A 59 -1.01 0.00 9.93
CA ALA A 59 -0.43 1.26 10.47
C ALA A 59 1.03 1.38 10.02
N ASP A 60 1.96 1.26 10.94
CA ASP A 60 3.39 1.33 10.55
C ASP A 60 3.89 -0.09 10.37
N LYS A 61 3.01 -0.94 9.92
CA LYS A 61 3.39 -2.37 9.71
C LYS A 61 3.49 -2.63 8.20
N CYS A 62 3.23 -1.62 7.40
CA CYS A 62 3.32 -1.80 5.93
C CYS A 62 4.66 -2.42 5.58
N ASN A 63 5.66 -2.20 6.39
CA ASN A 63 7.00 -2.77 6.11
C ASN A 63 7.22 -4.03 6.96
N THR A 64 6.49 -4.17 8.03
CA THR A 64 6.66 -5.38 8.89
C THR A 64 8.10 -5.47 9.39
N TYR A 65 8.40 -4.77 10.46
CA TYR A 65 9.78 -4.79 11.03
C TYR A 65 10.82 -4.90 9.90
N PRO A 66 11.07 -3.79 9.26
CA PRO A 66 12.05 -3.71 8.16
C PRO A 66 13.47 -3.69 8.71
N ARG A 1 -10.25 5.79 10.02
CA ARG A 1 -9.21 6.35 9.11
C ARG A 1 -7.88 5.61 9.32
N GLU A 2 -7.54 4.74 8.41
CA GLU A 2 -6.26 3.99 8.53
C GLU A 2 -5.43 4.26 7.28
N CYS A 3 -4.13 4.07 7.37
CA CYS A 3 -3.25 4.32 6.18
C CYS A 3 -2.89 5.81 6.14
N TYR A 4 -3.87 6.63 6.23
CA TYR A 4 -3.65 8.12 6.22
C TYR A 4 -2.61 8.51 5.18
N LEU A 5 -1.39 8.74 5.56
CA LEU A 5 -0.43 9.15 4.53
C LEU A 5 0.97 8.56 4.72
N ASN A 6 1.09 7.27 4.90
CA ASN A 6 2.45 6.68 5.00
C ASN A 6 3.26 7.24 3.82
N PRO A 7 4.54 7.01 3.81
CA PRO A 7 5.40 7.51 2.71
C PRO A 7 5.11 6.76 1.41
N HIS A 8 4.04 7.12 0.73
CA HIS A 8 3.69 6.43 -0.55
C HIS A 8 2.21 6.65 -0.88
N ASP A 9 1.84 7.83 -1.33
CA ASP A 9 0.41 8.10 -1.70
C ASP A 9 -0.51 7.89 -0.49
N THR A 10 -0.91 6.67 -0.24
CA THR A 10 -1.83 6.37 0.91
C THR A 10 -3.29 6.62 0.54
N GLN A 11 -4.19 6.32 1.43
CA GLN A 11 -5.64 6.53 1.17
C GLN A 11 -6.41 6.13 2.43
N THR A 12 -6.71 7.07 3.28
CA THR A 12 -7.44 6.77 4.53
C THR A 12 -8.55 5.75 4.28
N CYS A 13 -9.08 5.20 5.34
CA CYS A 13 -10.16 4.19 5.22
C CYS A 13 -11.10 4.33 6.43
N PRO A 14 -11.87 5.39 6.44
CA PRO A 14 -12.82 5.67 7.53
C PRO A 14 -14.06 4.78 7.41
N SER A 15 -14.76 4.87 6.31
CA SER A 15 -15.98 4.03 6.14
C SER A 15 -15.66 2.87 5.20
N GLY A 16 -16.08 1.68 5.55
CA GLY A 16 -15.81 0.50 4.68
C GLY A 16 -15.15 -0.60 5.50
N GLN A 17 -13.98 -1.03 5.11
CA GLN A 17 -13.29 -2.11 5.87
C GLN A 17 -12.43 -1.49 6.97
N GLU A 18 -11.49 -2.22 7.50
CA GLU A 18 -10.62 -1.68 8.57
C GLU A 18 -9.17 -2.13 8.37
N ILE A 19 -8.88 -2.77 7.27
CA ILE A 19 -7.49 -3.24 7.01
C ILE A 19 -6.83 -2.32 6.01
N CYS A 20 -5.54 -2.34 5.99
CA CYS A 20 -4.79 -1.48 5.04
C CYS A 20 -3.84 -2.35 4.21
N TYR A 21 -4.02 -2.42 2.93
CA TYR A 21 -3.10 -3.26 2.13
C TYR A 21 -2.06 -2.33 1.51
N VAL A 22 -0.91 -2.84 1.19
CA VAL A 22 0.12 -1.95 0.60
C VAL A 22 0.54 -2.51 -0.76
N LYS A 23 0.16 -1.84 -1.82
CA LYS A 23 0.53 -2.33 -3.18
C LYS A 23 1.73 -1.51 -3.66
N SER A 24 2.73 -2.16 -4.19
CA SER A 24 3.91 -1.40 -4.66
C SER A 24 4.31 -1.83 -6.07
N TRP A 25 4.08 -1.00 -7.05
CA TRP A 25 4.45 -1.37 -8.44
C TRP A 25 5.07 -0.16 -9.15
N CYS A 26 6.25 -0.32 -9.68
CA CYS A 26 6.92 0.81 -10.39
C CYS A 26 6.71 0.65 -11.89
N ASN A 27 7.43 1.40 -12.67
CA ASN A 27 7.30 1.30 -14.15
C ASN A 27 8.59 0.74 -14.74
N ALA A 28 9.48 0.26 -13.91
CA ALA A 28 10.76 -0.30 -14.40
C ALA A 28 11.75 0.82 -14.68
N TRP A 29 11.31 2.04 -14.59
CA TRP A 29 12.21 3.19 -14.86
C TRP A 29 11.88 4.34 -13.90
N CYS A 30 11.27 4.04 -12.77
CA CYS A 30 10.92 5.11 -11.78
C CYS A 30 12.14 5.57 -10.99
N SER A 31 13.29 5.67 -11.60
CA SER A 31 14.50 6.11 -10.85
C SER A 31 14.16 7.39 -10.07
N SER A 32 13.72 7.24 -8.85
CA SER A 32 13.34 8.42 -8.02
C SER A 32 12.64 9.45 -8.89
N ARG A 33 11.39 9.23 -9.13
CA ARG A 33 10.60 10.19 -9.96
C ARG A 33 9.18 10.28 -9.41
N GLY A 34 8.32 9.37 -9.82
CA GLY A 34 6.91 9.42 -9.32
C GLY A 34 6.35 7.99 -9.29
N LYS A 35 7.04 7.09 -8.63
CA LYS A 35 6.54 5.69 -8.56
C LYS A 35 5.05 5.67 -8.25
N VAL A 36 4.39 4.58 -8.48
CA VAL A 36 2.93 4.49 -8.16
C VAL A 36 2.76 3.46 -7.04
N LEU A 37 3.42 3.67 -5.94
CA LEU A 37 3.34 2.71 -4.83
C LEU A 37 2.47 3.30 -3.71
N GLU A 38 1.21 2.98 -3.69
CA GLU A 38 0.32 3.53 -2.62
C GLU A 38 -0.35 2.39 -1.86
N PHE A 39 -0.93 2.70 -0.73
CA PHE A 39 -1.62 1.67 0.08
C PHE A 39 -3.05 2.14 0.36
N GLY A 40 -3.99 1.23 0.46
CA GLY A 40 -5.39 1.66 0.72
C GLY A 40 -6.02 0.80 1.82
N CYS A 41 -7.31 0.57 1.73
CA CYS A 41 -8.00 -0.25 2.77
C CYS A 41 -8.16 -1.66 2.24
N ALA A 42 -8.70 -2.51 3.04
CA ALA A 42 -8.90 -3.92 2.62
C ALA A 42 -9.51 -4.73 3.76
N ALA A 43 -9.66 -6.01 3.54
CA ALA A 43 -10.24 -6.89 4.59
C ALA A 43 -9.17 -7.85 5.12
N THR A 44 -8.37 -8.41 4.26
CA THR A 44 -7.31 -9.35 4.73
C THR A 44 -6.10 -9.27 3.79
N CYS A 45 -4.92 -9.28 4.35
CA CYS A 45 -3.68 -9.21 3.53
C CYS A 45 -3.84 -10.04 2.24
N PRO A 46 -3.88 -9.38 1.11
CA PRO A 46 -4.03 -10.07 -0.19
C PRO A 46 -2.68 -10.63 -0.66
N SER A 47 -2.59 -10.97 -1.92
CA SER A 47 -1.31 -11.54 -2.44
C SER A 47 -0.77 -10.63 -3.54
N VAL A 48 -0.04 -11.18 -4.48
CA VAL A 48 0.52 -10.34 -5.58
C VAL A 48 -0.24 -10.62 -6.88
N ASN A 49 -1.26 -9.85 -7.17
CA ASN A 49 -2.03 -10.07 -8.41
C ASN A 49 -1.10 -10.02 -9.62
N THR A 50 -1.11 -8.94 -10.37
CA THR A 50 -0.21 -8.85 -11.56
C THR A 50 1.23 -8.68 -11.07
N GLY A 51 1.99 -7.79 -11.67
CA GLY A 51 3.40 -7.60 -11.20
C GLY A 51 3.40 -6.57 -10.05
N THR A 52 2.41 -6.63 -9.20
CA THR A 52 2.34 -5.67 -8.07
C THR A 52 2.63 -6.41 -6.77
N GLU A 53 3.59 -5.93 -6.01
CA GLU A 53 3.92 -6.61 -4.73
C GLU A 53 3.01 -6.09 -3.61
N ILE A 54 2.14 -6.91 -3.10
CA ILE A 54 1.24 -6.44 -2.02
C ILE A 54 1.76 -6.95 -0.68
N LYS A 55 1.37 -6.31 0.38
CA LYS A 55 1.82 -6.75 1.73
C LYS A 55 0.72 -6.46 2.74
N CYS A 56 0.93 -6.80 3.97
CA CYS A 56 -0.11 -6.56 5.00
C CYS A 56 0.26 -5.29 5.77
N CYS A 57 -0.68 -4.41 5.98
CA CYS A 57 -0.36 -3.14 6.68
C CYS A 57 -1.60 -2.62 7.41
N SER A 58 -1.40 -1.95 8.51
CA SER A 58 -2.55 -1.41 9.25
C SER A 58 -2.25 0.00 9.75
N ALA A 59 -1.03 0.43 9.64
CA ALA A 59 -0.67 1.79 10.10
C ALA A 59 0.68 2.18 9.49
N ASP A 60 1.69 2.31 10.31
CA ASP A 60 3.03 2.64 9.79
C ASP A 60 3.81 1.34 9.64
N LYS A 61 3.09 0.30 9.34
CA LYS A 61 3.72 -1.04 9.17
C LYS A 61 3.75 -1.40 7.70
N CYS A 62 3.26 -0.52 6.86
CA CYS A 62 3.25 -0.81 5.41
C CYS A 62 4.67 -1.18 4.95
N ASN A 63 5.63 -0.34 5.25
CA ASN A 63 7.02 -0.64 4.85
C ASN A 63 7.82 -1.10 6.06
N THR A 64 7.68 -2.35 6.45
CA THR A 64 8.44 -2.85 7.62
C THR A 64 8.24 -4.36 7.76
N TYR A 65 9.10 -5.13 7.16
CA TYR A 65 8.96 -6.61 7.25
C TYR A 65 8.73 -7.04 8.71
N PRO A 66 9.52 -6.52 9.61
CA PRO A 66 9.42 -6.85 11.05
C PRO A 66 8.27 -6.05 11.69
N ARG A 1 -11.10 6.16 9.91
CA ARG A 1 -10.15 6.63 8.88
C ARG A 1 -8.71 6.30 9.29
N GLU A 2 -8.03 5.55 8.47
CA GLU A 2 -6.61 5.20 8.77
C GLU A 2 -5.87 5.09 7.44
N CYS A 3 -4.56 5.03 7.47
CA CYS A 3 -3.79 4.91 6.19
C CYS A 3 -3.78 6.24 5.41
N TYR A 4 -3.59 7.32 6.09
CA TYR A 4 -3.58 8.62 5.38
C TYR A 4 -2.15 9.18 5.37
N LEU A 5 -1.18 8.34 5.56
CA LEU A 5 0.21 8.81 5.58
C LEU A 5 1.16 7.83 4.89
N ASN A 6 1.85 7.03 5.66
CA ASN A 6 2.82 6.05 5.06
C ASN A 6 3.75 6.77 4.08
N PRO A 7 4.79 6.09 3.67
CA PRO A 7 5.78 6.64 2.73
C PRO A 7 5.29 6.52 1.29
N HIS A 8 4.12 7.04 0.99
CA HIS A 8 3.61 6.94 -0.41
C HIS A 8 2.27 7.69 -0.53
N ASP A 9 1.59 7.51 -1.64
CA ASP A 9 0.29 8.21 -1.85
C ASP A 9 -0.63 7.98 -0.64
N THR A 10 -0.84 6.74 -0.26
CA THR A 10 -1.72 6.46 0.91
C THR A 10 -3.19 6.57 0.51
N GLN A 11 -4.08 6.12 1.35
CA GLN A 11 -5.53 6.21 1.03
C GLN A 11 -6.35 5.91 2.30
N THR A 12 -6.82 6.94 2.96
CA THR A 12 -7.61 6.75 4.20
C THR A 12 -8.64 5.62 4.05
N CYS A 13 -9.24 5.23 5.14
CA CYS A 13 -10.25 4.14 5.09
C CYS A 13 -11.26 4.34 6.23
N PRO A 14 -12.08 5.36 6.09
CA PRO A 14 -13.11 5.68 7.10
C PRO A 14 -14.30 4.72 6.96
N SER A 15 -14.89 4.64 5.80
CA SER A 15 -16.04 3.72 5.60
C SER A 15 -15.65 2.61 4.62
N GLY A 16 -15.77 1.38 5.02
CA GLY A 16 -15.40 0.26 4.11
C GLY A 16 -14.91 -0.94 4.94
N GLN A 17 -13.62 -1.09 5.07
CA GLN A 17 -13.08 -2.23 5.85
C GLN A 17 -12.31 -1.70 7.06
N GLU A 18 -11.43 -2.50 7.61
CA GLU A 18 -10.65 -2.04 8.79
C GLU A 18 -9.18 -2.43 8.62
N ILE A 19 -8.83 -3.02 7.51
CA ILE A 19 -7.42 -3.43 7.29
C ILE A 19 -6.76 -2.45 6.33
N CYS A 20 -5.47 -2.41 6.35
CA CYS A 20 -4.73 -1.49 5.44
C CYS A 20 -3.84 -2.33 4.53
N TYR A 21 -4.05 -2.29 3.24
CA TYR A 21 -3.19 -3.11 2.34
C TYR A 21 -2.15 -2.21 1.72
N VAL A 22 -1.05 -2.76 1.28
CA VAL A 22 0.00 -1.89 0.68
C VAL A 22 0.35 -2.39 -0.72
N LYS A 23 -0.03 -1.65 -1.72
CA LYS A 23 0.28 -2.08 -3.12
C LYS A 23 1.40 -1.20 -3.67
N SER A 24 2.49 -1.79 -4.09
CA SER A 24 3.61 -0.98 -4.62
C SER A 24 4.09 -1.56 -5.95
N TRP A 25 4.04 -0.79 -7.00
CA TRP A 25 4.51 -1.30 -8.32
C TRP A 25 5.14 -0.17 -9.14
N CYS A 26 6.17 -0.45 -9.88
CA CYS A 26 6.81 0.62 -10.69
C CYS A 26 7.06 0.09 -12.11
N ASN A 27 7.89 0.75 -12.86
CA ASN A 27 8.17 0.29 -14.24
C ASN A 27 9.60 -0.25 -14.32
N ALA A 28 10.06 -0.61 -15.48
CA ALA A 28 11.45 -1.14 -15.60
C ALA A 28 12.45 0.01 -15.54
N TRP A 29 11.98 1.21 -15.36
CA TRP A 29 12.89 2.38 -15.31
C TRP A 29 12.51 3.28 -14.14
N CYS A 30 11.79 2.75 -13.18
CA CYS A 30 11.39 3.59 -12.00
C CYS A 30 12.62 3.99 -11.18
N SER A 31 13.80 3.55 -11.56
CA SER A 31 15.01 3.92 -10.77
C SER A 31 14.90 5.38 -10.34
N SER A 32 14.42 5.61 -9.15
CA SER A 32 14.23 7.01 -8.69
C SER A 32 13.47 7.77 -9.76
N ARG A 33 12.24 7.41 -9.93
CA ARG A 33 11.40 8.07 -10.96
C ARG A 33 10.03 8.40 -10.36
N GLY A 34 8.97 8.19 -11.10
CA GLY A 34 7.61 8.50 -10.55
C GLY A 34 6.90 7.20 -10.20
N LYS A 35 7.53 6.36 -9.42
CA LYS A 35 6.89 5.07 -9.04
C LYS A 35 5.45 5.33 -8.57
N VAL A 36 4.53 4.48 -8.93
CA VAL A 36 3.12 4.67 -8.49
C VAL A 36 2.85 3.68 -7.35
N LEU A 37 3.43 3.92 -6.21
CA LEU A 37 3.25 2.98 -5.08
C LEU A 37 2.41 3.63 -3.98
N GLU A 38 1.22 3.12 -3.74
CA GLU A 38 0.35 3.72 -2.68
C GLU A 38 -0.28 2.60 -1.84
N PHE A 39 -0.83 2.97 -0.71
CA PHE A 39 -1.48 1.96 0.16
C PHE A 39 -2.92 2.39 0.42
N GLY A 40 -3.77 1.50 0.88
CA GLY A 40 -5.18 1.89 1.13
C GLY A 40 -5.82 0.98 2.18
N CYS A 41 -7.07 0.67 2.03
CA CYS A 41 -7.76 -0.19 3.01
C CYS A 41 -7.80 -1.62 2.48
N ALA A 42 -8.44 -2.48 3.20
CA ALA A 42 -8.52 -3.91 2.76
C ALA A 42 -9.19 -4.74 3.85
N ALA A 43 -9.37 -6.00 3.58
CA ALA A 43 -10.02 -6.91 4.57
C ALA A 43 -8.98 -7.90 5.11
N THR A 44 -8.15 -8.43 4.27
CA THR A 44 -7.12 -9.40 4.75
C THR A 44 -5.90 -9.34 3.84
N CYS A 45 -4.74 -9.53 4.39
CA CYS A 45 -3.49 -9.48 3.60
C CYS A 45 -3.71 -10.13 2.22
N PRO A 46 -3.72 -9.32 1.18
CA PRO A 46 -3.93 -9.82 -0.19
C PRO A 46 -2.62 -10.39 -0.76
N SER A 47 -2.69 -11.45 -1.50
CA SER A 47 -1.45 -12.04 -2.08
C SER A 47 -1.54 -12.05 -3.61
N VAL A 48 -1.71 -10.90 -4.21
CA VAL A 48 -1.80 -10.85 -5.70
C VAL A 48 -0.49 -10.27 -6.24
N ASN A 49 0.15 -10.97 -7.14
CA ASN A 49 1.42 -10.47 -7.70
C ASN A 49 1.24 -10.07 -9.17
N THR A 50 0.06 -9.70 -9.55
CA THR A 50 -0.18 -9.30 -10.97
C THR A 50 0.56 -7.98 -11.23
N GLY A 51 1.82 -8.04 -11.57
CA GLY A 51 2.59 -6.79 -11.81
C GLY A 51 2.36 -5.84 -10.64
N THR A 52 1.98 -6.37 -9.51
CA THR A 52 1.73 -5.50 -8.32
C THR A 52 2.26 -6.19 -7.07
N GLU A 53 3.02 -5.49 -6.27
CA GLU A 53 3.56 -6.11 -5.01
C GLU A 53 2.68 -5.70 -3.84
N ILE A 54 1.70 -6.51 -3.49
CA ILE A 54 0.81 -6.13 -2.36
C ILE A 54 1.29 -6.83 -1.08
N LYS A 55 0.85 -6.35 0.05
CA LYS A 55 1.26 -6.98 1.33
C LYS A 55 0.27 -6.59 2.42
N CYS A 56 0.54 -6.95 3.65
CA CYS A 56 -0.41 -6.62 4.75
C CYS A 56 0.12 -5.40 5.51
N CYS A 57 -0.75 -4.59 6.02
CA CYS A 57 -0.29 -3.37 6.75
C CYS A 57 -1.46 -2.81 7.57
N SER A 58 -1.16 -2.18 8.67
CA SER A 58 -2.25 -1.60 9.49
C SER A 58 -1.84 -0.23 10.03
N ALA A 59 -0.60 0.12 9.87
CA ALA A 59 -0.16 1.45 10.38
C ALA A 59 1.17 1.81 9.74
N ASP A 60 2.23 1.86 10.52
CA ASP A 60 3.56 2.17 9.95
C ASP A 60 4.26 0.84 9.71
N LYS A 61 3.50 -0.15 9.36
CA LYS A 61 4.07 -1.48 9.10
C LYS A 61 4.01 -1.76 7.59
N CYS A 62 3.46 -0.86 6.84
CA CYS A 62 3.35 -1.06 5.38
C CYS A 62 4.74 -1.40 4.82
N ASN A 63 5.73 -0.64 5.16
CA ASN A 63 7.11 -0.92 4.66
C ASN A 63 7.95 -1.52 5.79
N THR A 64 7.49 -2.59 6.37
CA THR A 64 8.27 -3.23 7.47
C THR A 64 9.61 -3.74 6.95
N TYR A 65 10.58 -3.87 7.82
CA TYR A 65 11.94 -4.37 7.42
C TYR A 65 11.83 -5.32 6.22
N PRO A 66 11.94 -4.78 5.04
CA PRO A 66 11.87 -5.58 3.80
C PRO A 66 13.18 -6.31 3.54
N ARG A 1 -9.00 5.00 10.12
CA ARG A 1 -8.28 4.67 8.86
C ARG A 1 -6.87 4.16 9.19
N GLU A 2 -6.29 3.38 8.32
CA GLU A 2 -4.92 2.86 8.60
C GLU A 2 -4.02 3.07 7.38
N CYS A 3 -3.99 4.26 6.87
CA CYS A 3 -3.14 4.57 5.69
C CYS A 3 -2.76 6.05 5.75
N TYR A 4 -3.71 6.87 6.08
CA TYR A 4 -3.46 8.35 6.19
C TYR A 4 -2.64 8.86 5.02
N LEU A 5 -1.34 8.76 5.07
CA LEU A 5 -0.53 9.27 3.95
C LEU A 5 0.68 8.38 3.64
N ASN A 6 1.38 7.90 4.63
CA ASN A 6 2.59 7.07 4.31
C ASN A 6 3.56 7.94 3.51
N PRO A 7 4.61 7.36 2.99
CA PRO A 7 5.60 8.10 2.21
C PRO A 7 5.12 8.32 0.75
N HIS A 8 3.84 8.28 0.50
CA HIS A 8 3.37 8.50 -0.90
C HIS A 8 1.90 8.11 -1.06
N ASP A 9 1.11 8.99 -1.63
CA ASP A 9 -0.34 8.70 -1.86
C ASP A 9 -0.97 8.05 -0.63
N THR A 10 -2.21 7.61 -0.76
CA THR A 10 -2.92 6.96 0.36
C THR A 10 -4.42 6.91 0.06
N GLN A 11 -5.16 6.17 0.83
CA GLN A 11 -6.62 6.08 0.63
C GLN A 11 -7.33 6.09 1.99
N THR A 12 -6.72 5.51 2.99
CA THR A 12 -7.32 5.48 4.34
C THR A 12 -8.55 4.56 4.36
N CYS A 13 -8.76 3.90 5.48
CA CYS A 13 -9.92 2.98 5.59
C CYS A 13 -10.64 3.28 6.92
N PRO A 14 -11.14 4.48 7.04
CA PRO A 14 -11.85 4.93 8.26
C PRO A 14 -13.28 4.36 8.28
N SER A 15 -14.01 4.51 7.22
CA SER A 15 -15.40 4.00 7.19
C SER A 15 -15.44 2.65 6.45
N GLY A 16 -16.43 1.85 6.69
CA GLY A 16 -16.51 0.53 6.01
C GLY A 16 -15.50 -0.43 6.63
N GLN A 17 -14.58 -0.94 5.84
CA GLN A 17 -13.57 -1.87 6.40
C GLN A 17 -12.59 -1.10 7.28
N GLU A 18 -11.58 -1.75 7.78
CA GLU A 18 -10.59 -1.06 8.66
C GLU A 18 -9.19 -1.56 8.35
N ILE A 19 -9.00 -2.20 7.23
CA ILE A 19 -7.65 -2.72 6.88
C ILE A 19 -7.00 -1.80 5.86
N CYS A 20 -5.72 -1.90 5.72
CA CYS A 20 -5.00 -1.03 4.75
C CYS A 20 -4.13 -1.91 3.86
N TYR A 21 -4.23 -1.78 2.58
CA TYR A 21 -3.39 -2.62 1.68
C TYR A 21 -2.21 -1.77 1.21
N VAL A 22 -1.14 -2.39 0.82
CA VAL A 22 0.03 -1.59 0.36
C VAL A 22 0.46 -2.06 -1.04
N LYS A 23 0.23 -1.25 -2.04
CA LYS A 23 0.64 -1.64 -3.42
C LYS A 23 1.95 -0.94 -3.76
N SER A 24 2.92 -1.65 -4.27
CA SER A 24 4.22 -1.02 -4.59
C SER A 24 4.75 -1.51 -5.93
N TRP A 25 4.63 -0.72 -6.96
CA TRP A 25 5.15 -1.16 -8.28
C TRP A 25 6.09 -0.09 -8.86
N CYS A 26 6.67 -0.35 -10.00
CA CYS A 26 7.61 0.65 -10.60
C CYS A 26 7.39 0.68 -12.12
N ASN A 27 8.27 1.35 -12.82
CA ASN A 27 8.13 1.41 -14.30
C ASN A 27 9.35 0.76 -14.95
N ALA A 28 10.16 0.09 -14.16
CA ALA A 28 11.38 -0.57 -14.70
C ALA A 28 12.50 0.44 -14.84
N TRP A 29 12.19 1.69 -14.62
CA TRP A 29 13.22 2.75 -14.75
C TRP A 29 13.08 3.76 -13.60
N CYS A 30 12.42 3.37 -12.53
CA CYS A 30 12.24 4.31 -11.37
C CYS A 30 13.52 4.48 -10.57
N SER A 31 14.67 4.37 -11.18
CA SER A 31 15.94 4.54 -10.39
C SER A 31 15.82 5.80 -9.53
N SER A 32 15.37 5.64 -8.31
CA SER A 32 15.21 6.82 -7.41
C SER A 32 14.63 7.98 -8.20
N ARG A 33 13.35 7.95 -8.40
CA ARG A 33 12.69 9.05 -9.16
C ARG A 33 11.34 9.39 -8.52
N GLY A 34 10.37 8.52 -8.66
CA GLY A 34 9.04 8.79 -8.06
C GLY A 34 8.18 7.53 -8.13
N LYS A 35 8.65 6.45 -7.54
CA LYS A 35 7.85 5.19 -7.57
C LYS A 35 6.39 5.51 -7.29
N VAL A 36 5.48 4.76 -7.84
CA VAL A 36 4.04 5.01 -7.58
C VAL A 36 3.55 4.02 -6.53
N LEU A 37 3.93 4.20 -5.31
CA LEU A 37 3.54 3.27 -4.24
C LEU A 37 2.53 3.95 -3.30
N GLU A 38 1.29 3.50 -3.33
CA GLU A 38 0.26 4.10 -2.44
C GLU A 38 -0.48 3.00 -1.70
N PHE A 39 -1.00 3.30 -0.53
CA PHE A 39 -1.74 2.28 0.24
C PHE A 39 -3.18 2.76 0.42
N GLY A 40 -4.13 1.86 0.51
CA GLY A 40 -5.54 2.31 0.66
C GLY A 40 -6.27 1.47 1.71
N CYS A 41 -7.56 1.29 1.53
CA CYS A 41 -8.34 0.50 2.51
C CYS A 41 -8.50 -0.92 1.97
N ALA A 42 -8.85 -1.82 2.83
CA ALA A 42 -9.03 -3.23 2.43
C ALA A 42 -9.74 -4.01 3.54
N ALA A 43 -9.99 -5.27 3.31
CA ALA A 43 -10.68 -6.10 4.32
C ALA A 43 -9.72 -7.16 4.88
N THR A 44 -8.92 -7.76 4.04
CA THR A 44 -7.98 -8.80 4.54
C THR A 44 -6.77 -8.91 3.62
N CYS A 45 -5.63 -9.25 4.16
CA CYS A 45 -4.40 -9.38 3.36
C CYS A 45 -4.72 -9.97 1.97
N PRO A 46 -4.11 -9.43 0.94
CA PRO A 46 -4.33 -9.91 -0.44
C PRO A 46 -3.58 -11.21 -0.68
N SER A 47 -3.77 -11.82 -1.82
CA SER A 47 -3.06 -13.10 -2.11
C SER A 47 -2.53 -13.07 -3.55
N VAL A 48 -2.62 -11.94 -4.20
CA VAL A 48 -2.14 -11.85 -5.61
C VAL A 48 -0.88 -10.97 -5.67
N ASN A 49 0.23 -11.53 -6.07
CA ASN A 49 1.47 -10.73 -6.14
C ASN A 49 2.09 -10.89 -7.53
N THR A 50 1.40 -10.50 -8.56
CA THR A 50 1.96 -10.62 -9.93
C THR A 50 3.10 -9.58 -10.06
N GLY A 51 3.06 -8.72 -11.05
CA GLY A 51 4.13 -7.70 -11.17
C GLY A 51 3.84 -6.57 -10.16
N THR A 52 2.84 -6.74 -9.35
CA THR A 52 2.48 -5.69 -8.36
C THR A 52 2.99 -6.12 -6.97
N GLU A 53 3.73 -5.28 -6.31
CA GLU A 53 4.24 -5.66 -4.97
C GLU A 53 3.20 -5.28 -3.92
N ILE A 54 2.18 -6.08 -3.75
CA ILE A 54 1.14 -5.75 -2.74
C ILE A 54 1.47 -6.45 -1.42
N LYS A 55 0.70 -6.17 -0.41
CA LYS A 55 0.94 -6.81 0.91
C LYS A 55 -0.17 -6.40 1.88
N CYS A 56 -0.11 -6.88 3.09
CA CYS A 56 -1.16 -6.51 4.08
C CYS A 56 -0.56 -5.52 5.08
N CYS A 57 -1.27 -4.47 5.38
CA CYS A 57 -0.72 -3.47 6.33
C CYS A 57 -1.86 -2.80 7.09
N SER A 58 -1.64 -2.50 8.34
CA SER A 58 -2.71 -1.84 9.11
C SER A 58 -2.10 -0.77 10.02
N ALA A 59 -0.82 -0.56 9.92
CA ALA A 59 -0.20 0.49 10.77
C ALA A 59 1.18 0.86 10.20
N ASP A 60 2.23 0.55 10.90
CA ASP A 60 3.59 0.85 10.39
C ASP A 60 4.12 -0.42 9.74
N LYS A 61 3.23 -1.19 9.19
CA LYS A 61 3.62 -2.45 8.52
C LYS A 61 3.49 -2.29 7.02
N CYS A 62 3.13 -1.11 6.58
CA CYS A 62 2.97 -0.87 5.12
C CYS A 62 4.33 -1.01 4.44
N ASN A 63 5.39 -0.80 5.15
CA ASN A 63 6.75 -0.92 4.53
C ASN A 63 7.37 -2.26 4.94
N THR A 64 7.31 -2.61 6.19
CA THR A 64 7.89 -3.90 6.64
C THR A 64 9.38 -3.94 6.32
N TYR A 65 10.20 -3.42 7.20
CA TYR A 65 11.68 -3.39 6.98
C TYR A 65 12.12 -4.61 6.16
N PRO A 66 12.18 -4.42 4.85
CA PRO A 66 12.58 -5.50 3.92
C PRO A 66 14.11 -5.67 3.95
N ARG A 1 -10.09 6.56 9.83
CA ARG A 1 -9.53 6.02 8.56
C ARG A 1 -8.14 5.42 8.82
N GLU A 2 -7.67 4.63 7.90
CA GLU A 2 -6.32 4.02 8.07
C GLU A 2 -5.49 4.32 6.82
N CYS A 3 -4.19 4.14 6.88
CA CYS A 3 -3.32 4.43 5.71
C CYS A 3 -2.99 5.92 5.71
N TYR A 4 -3.98 6.75 5.91
CA TYR A 4 -3.76 8.23 5.95
C TYR A 4 -2.77 8.65 4.87
N LEU A 5 -1.49 8.62 5.15
CA LEU A 5 -0.53 9.02 4.12
C LEU A 5 0.67 8.06 4.10
N ASN A 6 1.34 7.91 5.20
CA ASN A 6 2.52 6.99 5.20
C ASN A 6 3.47 7.43 4.08
N PRO A 7 4.62 6.80 4.02
CA PRO A 7 5.64 7.10 3.01
C PRO A 7 5.30 6.42 1.67
N HIS A 8 4.18 6.75 1.08
CA HIS A 8 3.82 6.11 -0.22
C HIS A 8 2.34 6.34 -0.53
N ASP A 9 2.00 7.48 -1.08
CA ASP A 9 0.57 7.75 -1.43
C ASP A 9 -0.34 7.20 -0.32
N THR A 10 -1.61 6.97 -0.61
CA THR A 10 -2.54 6.44 0.41
C THR A 10 -3.97 6.50 -0.12
N GLN A 11 -4.89 5.87 0.57
CA GLN A 11 -6.30 5.90 0.12
C GLN A 11 -7.23 6.16 1.31
N THR A 12 -6.73 6.14 2.52
CA THR A 12 -7.59 6.39 3.72
C THR A 12 -8.75 5.38 3.74
N CYS A 13 -9.19 5.03 4.91
CA CYS A 13 -10.28 4.04 5.04
C CYS A 13 -11.10 4.36 6.30
N PRO A 14 -11.72 5.51 6.31
CA PRO A 14 -12.53 5.97 7.45
C PRO A 14 -13.87 5.22 7.50
N SER A 15 -14.35 4.78 6.36
CA SER A 15 -15.65 4.05 6.34
C SER A 15 -15.52 2.83 5.43
N GLY A 16 -15.93 1.68 5.90
CA GLY A 16 -15.83 0.46 5.05
C GLY A 16 -15.07 -0.64 5.82
N GLN A 17 -14.08 -1.22 5.21
CA GLN A 17 -13.30 -2.28 5.90
C GLN A 17 -12.47 -1.65 7.03
N GLU A 18 -11.50 -2.36 7.53
CA GLU A 18 -10.66 -1.80 8.63
C GLU A 18 -9.20 -2.20 8.41
N ILE A 19 -8.89 -2.79 7.29
CA ILE A 19 -7.49 -3.20 7.03
C ILE A 19 -6.85 -2.24 6.04
N CYS A 20 -5.56 -2.20 6.02
CA CYS A 20 -4.84 -1.29 5.06
C CYS A 20 -3.84 -2.13 4.27
N TYR A 21 -4.01 -2.24 2.99
CA TYR A 21 -3.02 -3.05 2.22
C TYR A 21 -1.99 -2.12 1.63
N VAL A 22 -0.86 -2.64 1.27
CA VAL A 22 0.19 -1.77 0.68
C VAL A 22 0.63 -2.35 -0.67
N LYS A 23 0.26 -1.72 -1.75
CA LYS A 23 0.64 -2.24 -3.08
C LYS A 23 1.89 -1.51 -3.57
N SER A 24 2.83 -2.22 -4.12
CA SER A 24 4.07 -1.55 -4.58
C SER A 24 4.43 -2.01 -5.99
N TRP A 25 4.14 -1.21 -6.98
CA TRP A 25 4.50 -1.59 -8.38
C TRP A 25 5.24 -0.43 -9.06
N CYS A 26 6.08 -0.73 -10.00
CA CYS A 26 6.85 0.34 -10.70
C CYS A 26 7.00 -0.04 -12.19
N ASN A 27 7.33 0.90 -13.03
CA ASN A 27 7.50 0.60 -14.48
C ASN A 27 8.96 0.85 -14.85
N ALA A 28 9.24 1.04 -16.12
CA ALA A 28 10.65 1.29 -16.53
C ALA A 28 10.92 2.80 -16.49
N TRP A 29 10.19 3.52 -15.70
CA TRP A 29 10.39 5.00 -15.64
C TRP A 29 10.71 5.45 -14.22
N CYS A 30 10.71 4.57 -13.25
CA CYS A 30 11.03 4.98 -11.85
C CYS A 30 12.51 5.36 -11.69
N SER A 31 13.25 5.53 -12.77
CA SER A 31 14.69 5.89 -12.62
C SER A 31 14.83 6.97 -11.53
N SER A 32 15.12 6.54 -10.33
CA SER A 32 15.25 7.50 -9.19
C SER A 32 14.23 8.62 -9.32
N ARG A 33 13.01 8.29 -9.09
CA ARG A 33 11.92 9.30 -9.18
C ARG A 33 10.88 9.04 -8.09
N GLY A 34 9.97 8.13 -8.33
CA GLY A 34 8.93 7.84 -7.31
C GLY A 34 7.95 6.81 -7.85
N LYS A 35 8.26 5.55 -7.70
CA LYS A 35 7.35 4.48 -8.21
C LYS A 35 5.91 4.82 -7.79
N VAL A 36 4.96 4.07 -8.28
CA VAL A 36 3.54 4.33 -7.90
C VAL A 36 3.17 3.37 -6.78
N LEU A 37 3.70 3.59 -5.60
CA LEU A 37 3.42 2.68 -4.48
C LEU A 37 2.49 3.36 -3.47
N GLU A 38 1.24 2.97 -3.45
CA GLU A 38 0.27 3.58 -2.49
C GLU A 38 -0.43 2.48 -1.68
N PHE A 39 -0.88 2.80 -0.50
CA PHE A 39 -1.58 1.80 0.33
C PHE A 39 -3.02 2.26 0.57
N GLY A 40 -3.96 1.35 0.58
CA GLY A 40 -5.38 1.76 0.78
C GLY A 40 -6.03 0.89 1.85
N CYS A 41 -7.31 0.62 1.72
CA CYS A 41 -8.01 -0.22 2.72
C CYS A 41 -8.06 -1.65 2.20
N ALA A 42 -8.57 -2.52 2.99
CA ALA A 42 -8.66 -3.95 2.57
C ALA A 42 -9.31 -4.78 3.68
N ALA A 43 -9.41 -6.06 3.46
CA ALA A 43 -10.02 -6.95 4.47
C ALA A 43 -8.95 -7.88 5.07
N THR A 44 -8.09 -8.43 4.26
CA THR A 44 -7.04 -9.34 4.81
C THR A 44 -5.76 -9.24 3.96
N CYS A 45 -4.65 -9.57 4.55
CA CYS A 45 -3.36 -9.50 3.83
C CYS A 45 -3.52 -9.98 2.37
N PRO A 46 -3.41 -9.07 1.43
CA PRO A 46 -3.51 -9.41 0.00
C PRO A 46 -2.22 -10.03 -0.53
N SER A 47 -2.13 -10.29 -1.81
CA SER A 47 -0.90 -10.91 -2.37
C SER A 47 -0.42 -10.12 -3.59
N VAL A 48 0.16 -10.78 -4.56
CA VAL A 48 0.65 -10.04 -5.75
C VAL A 48 -0.37 -10.17 -6.90
N ASN A 49 -1.13 -9.13 -7.13
CA ASN A 49 -2.14 -9.18 -8.21
C ASN A 49 -1.48 -8.88 -9.56
N THR A 50 -1.69 -7.73 -10.12
CA THR A 50 -1.07 -7.40 -11.44
C THR A 50 0.43 -7.20 -11.28
N GLY A 51 1.19 -8.26 -11.30
CA GLY A 51 2.67 -8.14 -11.16
C GLY A 51 3.01 -7.08 -10.12
N THR A 52 2.16 -6.88 -9.15
CA THR A 52 2.44 -5.87 -8.10
C THR A 52 2.72 -6.60 -6.78
N GLU A 53 3.58 -6.06 -5.97
CA GLU A 53 3.88 -6.74 -4.68
C GLU A 53 3.07 -6.07 -3.56
N ILE A 54 2.11 -6.76 -3.02
CA ILE A 54 1.30 -6.16 -1.92
C ILE A 54 1.78 -6.69 -0.57
N LYS A 55 1.28 -6.14 0.49
CA LYS A 55 1.71 -6.60 1.84
C LYS A 55 0.55 -6.36 2.81
N CYS A 56 0.65 -6.87 4.02
CA CYS A 56 -0.45 -6.66 5.00
C CYS A 56 -0.04 -5.51 5.92
N CYS A 57 -0.71 -4.40 5.81
CA CYS A 57 -0.35 -3.22 6.65
C CYS A 57 -1.56 -2.77 7.46
N SER A 58 -1.33 -2.25 8.63
CA SER A 58 -2.46 -1.77 9.45
C SER A 58 -2.11 -0.45 10.13
N ALA A 59 -0.89 -0.02 10.01
CA ALA A 59 -0.50 1.26 10.64
C ALA A 59 0.83 1.73 10.05
N ASP A 60 1.87 1.76 10.85
CA ASP A 60 3.20 2.16 10.33
C ASP A 60 3.96 0.88 10.03
N LYS A 61 3.24 -0.12 9.62
CA LYS A 61 3.87 -1.43 9.31
C LYS A 61 3.86 -1.64 7.79
N CYS A 62 3.33 -0.69 7.06
CA CYS A 62 3.29 -0.84 5.59
C CYS A 62 4.69 -1.17 5.07
N ASN A 63 5.68 -0.45 5.50
CA ASN A 63 7.06 -0.73 5.04
C ASN A 63 7.92 -1.18 6.23
N THR A 64 7.98 -2.46 6.48
CA THR A 64 8.80 -2.95 7.62
C THR A 64 9.24 -4.39 7.36
N TYR A 65 10.37 -4.78 7.91
CA TYR A 65 10.88 -6.16 7.71
C TYR A 65 10.57 -6.63 6.28
N PRO A 66 11.35 -6.15 5.34
CA PRO A 66 11.19 -6.50 3.92
C PRO A 66 11.78 -7.89 3.65
N ARG A 1 -10.24 5.20 8.91
CA ARG A 1 -8.91 5.80 8.63
C ARG A 1 -7.80 4.94 9.25
N GLU A 2 -7.21 4.05 8.48
CA GLU A 2 -6.14 3.19 9.02
C GLU A 2 -4.97 3.13 8.04
N CYS A 3 -4.49 4.26 7.62
CA CYS A 3 -3.34 4.29 6.67
C CYS A 3 -2.54 5.57 6.88
N TYR A 4 -3.17 6.71 6.65
CA TYR A 4 -2.52 8.06 6.86
C TYR A 4 -1.01 7.93 7.05
N LEU A 5 -0.33 7.32 6.12
CA LEU A 5 1.12 7.14 6.31
C LEU A 5 1.87 7.19 4.98
N ASN A 6 1.84 6.10 4.25
CA ASN A 6 2.55 6.01 2.93
C ASN A 6 2.96 7.39 2.41
N PRO A 7 4.20 7.51 2.01
CA PRO A 7 4.74 8.78 1.49
C PRO A 7 4.19 9.05 0.09
N HIS A 8 3.48 8.11 -0.46
CA HIS A 8 2.90 8.32 -1.81
C HIS A 8 1.43 8.71 -1.67
N ASP A 9 1.15 9.58 -0.74
CA ASP A 9 -0.26 10.04 -0.53
C ASP A 9 -1.03 9.06 0.37
N THR A 10 -0.80 7.77 0.21
CA THR A 10 -1.55 6.79 1.06
C THR A 10 -3.04 6.90 0.73
N GLN A 11 -3.86 6.15 1.42
CA GLN A 11 -5.32 6.23 1.17
C GLN A 11 -6.08 5.65 2.36
N THR A 12 -6.24 6.42 3.40
CA THR A 12 -6.95 5.93 4.60
C THR A 12 -8.17 5.09 4.21
N CYS A 13 -8.71 4.37 5.16
CA CYS A 13 -9.90 3.52 4.89
C CYS A 13 -11.03 3.93 5.83
N PRO A 14 -11.63 5.07 5.56
CA PRO A 14 -12.74 5.59 6.37
C PRO A 14 -14.06 4.91 6.01
N SER A 15 -14.03 3.64 5.69
CA SER A 15 -15.30 2.93 5.33
C SER A 15 -15.62 1.88 6.40
N GLY A 16 -16.48 0.95 6.07
CA GLY A 16 -16.83 -0.11 7.06
C GLY A 16 -15.62 -1.00 7.33
N GLN A 17 -14.78 -1.18 6.35
CA GLN A 17 -13.57 -2.03 6.55
C GLN A 17 -12.60 -1.31 7.49
N GLU A 18 -11.57 -1.99 7.93
CA GLU A 18 -10.60 -1.34 8.85
C GLU A 18 -9.18 -1.83 8.55
N ILE A 19 -8.96 -2.40 7.40
CA ILE A 19 -7.58 -2.88 7.07
C ILE A 19 -6.99 -1.99 6.01
N CYS A 20 -5.69 -2.02 5.90
CA CYS A 20 -5.02 -1.17 4.88
C CYS A 20 -4.10 -2.06 4.05
N TYR A 21 -4.21 -2.01 2.76
CA TYR A 21 -3.31 -2.86 1.92
C TYR A 21 -2.19 -1.97 1.39
N VAL A 22 -1.07 -2.54 1.10
CA VAL A 22 0.05 -1.72 0.58
C VAL A 22 0.49 -2.26 -0.79
N LYS A 23 0.05 -1.61 -1.84
CA LYS A 23 0.44 -2.09 -3.20
C LYS A 23 1.61 -1.26 -3.70
N SER A 24 2.70 -1.89 -4.04
CA SER A 24 3.88 -1.12 -4.51
C SER A 24 4.50 -1.76 -5.75
N TRP A 25 4.44 -1.08 -6.86
CA TRP A 25 5.06 -1.64 -8.11
C TRP A 25 5.86 -0.54 -8.82
N CYS A 26 6.98 -0.91 -9.39
CA CYS A 26 7.84 0.07 -10.10
C CYS A 26 8.18 -0.48 -11.48
N ASN A 27 8.70 0.34 -12.38
CA ASN A 27 9.02 -0.16 -13.75
C ASN A 27 10.53 -0.40 -13.87
N ALA A 28 11.18 -0.59 -12.77
CA ALA A 28 12.65 -0.83 -12.80
C ALA A 28 13.41 0.47 -13.04
N TRP A 29 12.71 1.54 -13.28
CA TRP A 29 13.39 2.83 -13.55
C TRP A 29 12.64 3.97 -12.86
N CYS A 30 11.81 3.68 -11.90
CA CYS A 30 11.04 4.75 -11.19
C CYS A 30 11.92 5.54 -10.23
N SER A 31 13.19 5.71 -10.51
CA SER A 31 14.06 6.48 -9.57
C SER A 31 13.36 7.80 -9.20
N SER A 32 12.58 7.78 -8.15
CA SER A 32 11.84 9.00 -7.73
C SER A 32 11.38 9.77 -8.96
N ARG A 33 10.42 9.22 -9.62
CA ARG A 33 9.89 9.89 -10.85
C ARG A 33 8.39 9.61 -10.97
N GLY A 34 8.03 8.41 -11.29
CA GLY A 34 6.58 8.08 -11.43
C GLY A 34 6.22 6.85 -10.59
N LYS A 35 6.99 6.59 -9.56
CA LYS A 35 6.66 5.41 -8.70
C LYS A 35 5.17 5.40 -8.42
N VAL A 36 4.49 4.34 -8.78
CA VAL A 36 3.03 4.29 -8.53
C VAL A 36 2.77 3.41 -7.31
N LEU A 37 3.20 3.84 -6.16
CA LEU A 37 3.03 3.02 -4.94
C LEU A 37 1.99 3.66 -4.02
N GLU A 38 0.89 2.99 -3.76
CA GLU A 38 -0.13 3.58 -2.85
C GLU A 38 -0.77 2.50 -1.99
N PHE A 39 -1.08 2.81 -0.76
CA PHE A 39 -1.73 1.82 0.12
C PHE A 39 -3.20 2.21 0.26
N GLY A 40 -4.10 1.28 0.07
CA GLY A 40 -5.55 1.66 0.14
C GLY A 40 -6.24 0.99 1.32
N CYS A 41 -7.51 0.70 1.16
CA CYS A 41 -8.28 0.05 2.25
C CYS A 41 -8.51 -1.40 1.88
N ALA A 42 -8.86 -2.20 2.84
CA ALA A 42 -9.09 -3.63 2.55
C ALA A 42 -9.66 -4.34 3.78
N ALA A 43 -9.86 -5.62 3.66
CA ALA A 43 -10.41 -6.43 4.78
C ALA A 43 -9.34 -7.40 5.28
N THR A 44 -8.62 -8.03 4.38
CA THR A 44 -7.57 -8.99 4.80
C THR A 44 -6.38 -8.89 3.83
N CYS A 45 -5.19 -9.15 4.31
CA CYS A 45 -3.99 -9.08 3.46
C CYS A 45 -4.29 -9.61 2.05
N PRO A 46 -4.04 -8.81 1.04
CA PRO A 46 -4.27 -9.20 -0.36
C PRO A 46 -3.08 -9.99 -0.89
N SER A 47 -3.31 -10.88 -1.83
CA SER A 47 -2.18 -11.68 -2.39
C SER A 47 -2.23 -11.66 -3.91
N VAL A 48 -2.09 -10.50 -4.50
CA VAL A 48 -2.13 -10.41 -5.99
C VAL A 48 -0.73 -10.13 -6.51
N ASN A 49 -0.04 -11.13 -6.98
CA ASN A 49 1.33 -10.92 -7.50
C ASN A 49 1.29 -10.51 -8.97
N THR A 50 0.26 -9.79 -9.38
CA THR A 50 0.18 -9.36 -10.81
C THR A 50 1.26 -8.32 -11.09
N GLY A 51 2.46 -8.74 -11.39
CA GLY A 51 3.54 -7.76 -11.67
C GLY A 51 3.49 -6.65 -10.61
N THR A 52 2.98 -6.95 -9.45
CA THR A 52 2.89 -5.92 -8.38
C THR A 52 3.30 -6.54 -7.04
N GLU A 53 3.67 -5.73 -6.08
CA GLU A 53 4.06 -6.28 -4.75
C GLU A 53 3.11 -5.75 -3.67
N ILE A 54 2.08 -6.48 -3.35
CA ILE A 54 1.14 -5.99 -2.30
C ILE A 54 1.46 -6.67 -0.97
N LYS A 55 0.98 -6.14 0.11
CA LYS A 55 1.26 -6.76 1.43
C LYS A 55 0.18 -6.36 2.43
N CYS A 56 0.35 -6.73 3.67
CA CYS A 56 -0.66 -6.39 4.70
C CYS A 56 -0.16 -5.21 5.51
N CYS A 57 -1.02 -4.29 5.87
CA CYS A 57 -0.57 -3.12 6.65
C CYS A 57 -1.77 -2.47 7.34
N SER A 58 -1.60 -1.99 8.53
CA SER A 58 -2.73 -1.33 9.23
C SER A 58 -2.27 -0.05 9.90
N ALA A 59 -1.00 0.23 9.84
CA ALA A 59 -0.50 1.48 10.48
C ALA A 59 0.89 1.79 9.94
N ASP A 60 1.89 1.76 10.79
CA ASP A 60 3.27 2.02 10.33
C ASP A 60 3.92 0.65 10.08
N LYS A 61 3.12 -0.28 9.63
CA LYS A 61 3.64 -1.63 9.36
C LYS A 61 3.68 -1.84 7.84
N CYS A 62 3.31 -0.84 7.09
CA CYS A 62 3.32 -0.97 5.61
C CYS A 62 4.72 -1.36 5.15
N ASN A 63 5.74 -0.81 5.75
CA ASN A 63 7.12 -1.14 5.34
C ASN A 63 7.96 -1.45 6.58
N THR A 64 7.65 -2.50 7.29
CA THR A 64 8.44 -2.85 8.51
C THR A 64 8.30 -4.35 8.80
N TYR A 65 9.27 -5.12 8.41
CA TYR A 65 9.20 -6.58 8.65
C TYR A 65 8.68 -6.85 10.07
N PRO A 66 9.27 -6.21 11.05
CA PRO A 66 8.86 -6.39 12.46
C PRO A 66 7.58 -5.61 12.75
N ARG A 1 -10.74 6.31 9.22
CA ARG A 1 -9.57 5.92 8.38
C ARG A 1 -8.36 5.61 9.29
N GLU A 2 -7.46 4.80 8.83
CA GLU A 2 -6.29 4.46 9.68
C GLU A 2 -5.00 4.38 8.86
N CYS A 3 -4.78 5.33 8.01
CA CYS A 3 -3.54 5.32 7.20
C CYS A 3 -3.11 6.78 6.96
N TYR A 4 -3.68 7.46 6.00
CA TYR A 4 -3.34 8.89 5.74
C TYR A 4 -1.86 9.17 6.02
N LEU A 5 -1.02 8.18 5.90
CA LEU A 5 0.39 8.39 6.20
C LEU A 5 1.29 7.57 5.28
N ASN A 6 1.76 6.44 5.74
CA ASN A 6 2.67 5.58 4.90
C ASN A 6 3.72 6.47 4.22
N PRO A 7 4.54 5.86 3.40
CA PRO A 7 5.60 6.59 2.69
C PRO A 7 5.00 7.31 1.48
N HIS A 8 3.98 6.73 0.90
CA HIS A 8 3.33 7.38 -0.27
C HIS A 8 2.23 8.31 0.24
N ASP A 9 1.28 8.61 -0.59
CA ASP A 9 0.17 9.52 -0.17
C ASP A 9 -0.90 8.75 0.62
N THR A 10 -0.72 7.47 0.80
CA THR A 10 -1.74 6.69 1.56
C THR A 10 -3.12 6.94 0.95
N GLN A 11 -4.13 6.32 1.47
CA GLN A 11 -5.50 6.54 0.92
C GLN A 11 -6.55 6.50 2.03
N THR A 12 -6.14 6.35 3.27
CA THR A 12 -7.12 6.33 4.39
C THR A 12 -8.16 5.22 4.21
N CYS A 13 -8.66 4.70 5.30
CA CYS A 13 -9.68 3.61 5.22
C CYS A 13 -10.88 4.01 6.11
N PRO A 14 -11.59 5.02 5.68
CA PRO A 14 -12.75 5.54 6.44
C PRO A 14 -13.96 4.61 6.30
N SER A 15 -14.41 4.37 5.09
CA SER A 15 -15.59 3.48 4.91
C SER A 15 -15.13 2.09 4.48
N GLY A 16 -15.91 1.08 4.78
CA GLY A 16 -15.52 -0.30 4.41
C GLY A 16 -14.88 -1.00 5.62
N GLN A 17 -13.97 -1.90 5.38
CA GLN A 17 -13.30 -2.61 6.51
C GLN A 17 -12.36 -1.64 7.23
N GLU A 18 -11.48 -2.14 8.05
CA GLU A 18 -10.54 -1.25 8.77
C GLU A 18 -9.10 -1.70 8.53
N ILE A 19 -8.84 -2.29 7.40
CA ILE A 19 -7.47 -2.77 7.10
C ILE A 19 -6.79 -1.80 6.14
N CYS A 20 -5.50 -1.87 6.05
CA CYS A 20 -4.77 -0.97 5.13
C CYS A 20 -3.88 -1.80 4.22
N TYR A 21 -4.16 -1.86 2.95
CA TYR A 21 -3.29 -2.69 2.07
C TYR A 21 -2.27 -1.79 1.41
N VAL A 22 -1.17 -2.33 0.97
CA VAL A 22 -0.14 -1.47 0.34
C VAL A 22 0.20 -2.02 -1.05
N LYS A 23 -0.15 -1.30 -2.09
CA LYS A 23 0.14 -1.78 -3.47
C LYS A 23 1.33 -0.99 -4.02
N SER A 24 2.28 -1.65 -4.61
CA SER A 24 3.45 -0.91 -5.15
C SER A 24 3.74 -1.34 -6.59
N TRP A 25 3.40 -0.51 -7.55
CA TRP A 25 3.66 -0.87 -8.97
C TRP A 25 4.24 0.33 -9.72
N CYS A 26 4.99 0.07 -10.76
CA CYS A 26 5.57 1.20 -11.56
C CYS A 26 5.49 0.86 -13.05
N ASN A 27 6.28 1.52 -13.84
CA ASN A 27 6.26 1.24 -15.30
C ASN A 27 7.55 0.51 -15.69
N ALA A 28 7.75 0.26 -16.95
CA ALA A 28 8.99 -0.45 -17.39
C ALA A 28 10.18 0.50 -17.37
N TRP A 29 9.95 1.72 -16.98
CA TRP A 29 11.06 2.71 -16.94
C TRP A 29 10.93 3.57 -15.69
N CYS A 30 10.34 3.05 -14.65
CA CYS A 30 10.18 3.83 -13.39
C CYS A 30 11.53 4.11 -12.71
N SER A 31 12.64 3.82 -13.35
CA SER A 31 13.96 4.07 -12.70
C SER A 31 13.90 5.43 -11.99
N SER A 32 13.58 5.41 -10.73
CA SER A 32 13.46 6.70 -9.96
C SER A 32 12.75 7.73 -10.82
N ARG A 33 11.48 7.61 -10.94
CA ARG A 33 10.70 8.58 -11.76
C ARG A 33 9.43 8.99 -11.01
N GLY A 34 8.30 8.45 -11.39
CA GLY A 34 7.03 8.81 -10.69
C GLY A 34 6.31 7.53 -10.25
N LYS A 35 6.97 6.70 -9.51
CA LYS A 35 6.34 5.44 -9.04
C LYS A 35 4.92 5.72 -8.54
N VAL A 36 3.97 4.90 -8.90
CA VAL A 36 2.57 5.13 -8.43
C VAL A 36 2.29 4.14 -7.30
N LEU A 37 2.96 4.29 -6.19
CA LEU A 37 2.76 3.35 -5.07
C LEU A 37 1.93 4.00 -3.96
N GLU A 38 0.77 3.46 -3.66
CA GLU A 38 -0.05 4.05 -2.58
C GLU A 38 -0.72 2.93 -1.80
N PHE A 39 -1.00 3.15 -0.54
CA PHE A 39 -1.65 2.11 0.28
C PHE A 39 -3.04 2.63 0.68
N GLY A 40 -4.05 1.80 0.68
CA GLY A 40 -5.41 2.31 1.04
C GLY A 40 -6.10 1.38 2.04
N CYS A 41 -7.37 1.16 1.87
CA CYS A 41 -8.12 0.31 2.81
C CYS A 41 -8.32 -1.07 2.22
N ALA A 42 -8.61 -2.00 3.06
CA ALA A 42 -8.82 -3.40 2.61
C ALA A 42 -9.48 -4.19 3.74
N ALA A 43 -9.68 -5.46 3.51
CA ALA A 43 -10.32 -6.33 4.54
C ALA A 43 -9.30 -7.34 5.08
N THR A 44 -8.51 -7.93 4.23
CA THR A 44 -7.50 -8.91 4.71
C THR A 44 -6.37 -9.05 3.69
N CYS A 45 -5.18 -9.29 4.16
CA CYS A 45 -4.02 -9.42 3.26
C CYS A 45 -4.43 -10.19 1.99
N PRO A 46 -3.97 -9.74 0.84
CA PRO A 46 -4.29 -10.39 -0.44
C PRO A 46 -3.42 -11.63 -0.66
N SER A 47 -3.54 -12.27 -1.79
CA SER A 47 -2.72 -13.48 -2.06
C SER A 47 -2.22 -13.45 -3.51
N VAL A 48 -2.35 -12.33 -4.18
CA VAL A 48 -1.89 -12.24 -5.58
C VAL A 48 -0.67 -11.32 -5.68
N ASN A 49 0.42 -11.80 -6.19
CA ASN A 49 1.63 -10.97 -6.31
C ASN A 49 2.18 -11.08 -7.74
N THR A 50 1.43 -10.67 -8.72
CA THR A 50 1.93 -10.75 -10.13
C THR A 50 3.02 -9.69 -10.33
N GLY A 51 2.99 -8.95 -11.40
CA GLY A 51 4.02 -7.89 -11.59
C GLY A 51 3.82 -6.80 -10.54
N THR A 52 2.75 -6.91 -9.78
CA THR A 52 2.47 -5.89 -8.73
C THR A 52 2.97 -6.42 -7.39
N GLU A 53 3.45 -5.55 -6.54
CA GLU A 53 3.94 -6.02 -5.22
C GLU A 53 3.07 -5.43 -4.11
N ILE A 54 2.02 -6.12 -3.76
CA ILE A 54 1.13 -5.59 -2.68
C ILE A 54 1.42 -6.36 -1.39
N LYS A 55 0.96 -5.88 -0.27
CA LYS A 55 1.22 -6.60 1.00
C LYS A 55 0.13 -6.27 2.02
N CYS A 56 0.27 -6.76 3.21
CA CYS A 56 -0.74 -6.49 4.27
C CYS A 56 -0.18 -5.41 5.20
N CYS A 57 -0.91 -4.35 5.39
CA CYS A 57 -0.40 -3.25 6.26
C CYS A 57 -1.52 -2.73 7.16
N SER A 58 -1.17 -2.17 8.27
CA SER A 58 -2.21 -1.63 9.18
C SER A 58 -1.71 -0.36 9.86
N ALA A 59 -0.48 -0.04 9.71
CA ALA A 59 0.05 1.20 10.35
C ALA A 59 1.40 1.55 9.72
N ASP A 60 2.46 1.46 10.48
CA ASP A 60 3.81 1.76 9.93
C ASP A 60 4.43 0.42 9.52
N LYS A 61 3.61 -0.47 9.06
CA LYS A 61 4.09 -1.79 8.63
C LYS A 61 3.99 -1.91 7.11
N CYS A 62 3.48 -0.90 6.49
CA CYS A 62 3.34 -0.94 5.00
C CYS A 62 4.72 -1.21 4.39
N ASN A 63 5.67 -0.36 4.69
CA ASN A 63 7.04 -0.56 4.12
C ASN A 63 7.98 -1.04 5.23
N THR A 64 8.04 -2.32 5.46
CA THR A 64 8.93 -2.84 6.52
C THR A 64 9.23 -4.32 6.26
N TYR A 65 10.26 -4.85 6.88
CA TYR A 65 10.62 -6.28 6.66
C TYR A 65 9.35 -7.13 6.56
N PRO A 66 9.36 -8.11 5.69
CA PRO A 66 8.20 -9.00 5.49
C PRO A 66 8.16 -10.06 6.60
N ARG A 1 -10.06 5.27 9.97
CA ARG A 1 -9.09 5.19 8.84
C ARG A 1 -7.68 4.97 9.37
N GLU A 2 -6.94 4.07 8.78
CA GLU A 2 -5.56 3.80 9.27
C GLU A 2 -4.61 3.51 8.10
N CYS A 3 -4.18 4.53 7.39
CA CYS A 3 -3.23 4.29 6.26
C CYS A 3 -2.35 5.53 6.07
N TYR A 4 -2.91 6.70 6.27
CA TYR A 4 -2.15 8.00 6.14
C TYR A 4 -0.67 7.78 6.44
N LEU A 5 0.09 7.34 5.50
CA LEU A 5 1.51 7.09 5.79
C LEU A 5 2.38 7.22 4.54
N ASN A 6 2.39 6.19 3.72
CA ASN A 6 3.24 6.21 2.49
C ASN A 6 3.28 7.64 1.91
N PRO A 7 4.41 7.98 1.34
CA PRO A 7 4.62 9.29 0.73
C PRO A 7 3.90 9.36 -0.62
N HIS A 8 3.23 8.31 -0.99
CA HIS A 8 2.51 8.30 -2.29
C HIS A 8 1.03 8.65 -2.06
N ASP A 9 0.78 9.57 -1.17
CA ASP A 9 -0.62 9.97 -0.89
C ASP A 9 -1.28 9.00 0.10
N THR A 10 -1.15 7.71 -0.11
CA THR A 10 -1.78 6.75 0.83
C THR A 10 -3.30 6.89 0.74
N GLN A 11 -4.04 6.07 1.44
CA GLN A 11 -5.52 6.18 1.39
C GLN A 11 -6.12 5.60 2.67
N THR A 12 -6.35 6.43 3.64
CA THR A 12 -6.93 5.95 4.92
C THR A 12 -8.33 5.36 4.69
N CYS A 13 -8.76 4.52 5.59
CA CYS A 13 -10.11 3.88 5.43
C CYS A 13 -11.01 4.35 6.59
N PRO A 14 -11.53 5.54 6.45
CA PRO A 14 -12.41 6.14 7.48
C PRO A 14 -13.83 5.56 7.43
N SER A 15 -14.39 5.40 6.26
CA SER A 15 -15.77 4.86 6.16
C SER A 15 -15.71 3.35 5.87
N GLY A 16 -16.50 2.58 6.58
CA GLY A 16 -16.49 1.10 6.36
C GLY A 16 -15.05 0.64 6.19
N GLN A 17 -14.36 0.41 7.27
CA GLN A 17 -12.94 -0.02 7.17
C GLN A 17 -12.67 -1.22 8.05
N GLU A 18 -11.74 -2.04 7.65
CA GLU A 18 -11.40 -3.24 8.46
C GLU A 18 -9.89 -3.48 8.33
N ILE A 19 -9.37 -3.39 7.14
CA ILE A 19 -7.91 -3.61 6.92
C ILE A 19 -7.35 -2.56 5.99
N CYS A 20 -6.07 -2.40 6.02
CA CYS A 20 -5.41 -1.42 5.11
C CYS A 20 -4.38 -2.19 4.28
N TYR A 21 -4.52 -2.24 2.99
CA TYR A 21 -3.53 -3.02 2.21
C TYR A 21 -2.49 -2.08 1.63
N VAL A 22 -1.31 -2.58 1.34
CA VAL A 22 -0.27 -1.69 0.79
C VAL A 22 0.26 -2.30 -0.51
N LYS A 23 -0.09 -1.72 -1.64
CA LYS A 23 0.38 -2.28 -2.93
C LYS A 23 1.54 -1.42 -3.45
N SER A 24 2.62 -2.05 -3.81
CA SER A 24 3.79 -1.26 -4.30
C SER A 24 4.34 -1.87 -5.59
N TRP A 25 4.02 -1.30 -6.72
CA TRP A 25 4.56 -1.86 -8.00
C TRP A 25 5.28 -0.76 -8.80
N CYS A 26 6.29 -1.14 -9.53
CA CYS A 26 7.04 -0.15 -10.34
C CYS A 26 7.46 -0.81 -11.66
N ASN A 27 7.86 -0.03 -12.62
CA ASN A 27 8.28 -0.62 -13.92
C ASN A 27 9.80 -0.51 -14.06
N ALA A 28 10.32 -0.70 -15.24
CA ALA A 28 11.80 -0.61 -15.41
C ALA A 28 12.20 0.83 -15.72
N TRP A 29 11.39 1.78 -15.31
CA TRP A 29 11.72 3.20 -15.62
C TRP A 29 11.66 4.06 -14.34
N CYS A 30 11.44 3.48 -13.19
CA CYS A 30 11.38 4.29 -11.95
C CYS A 30 12.76 4.83 -11.56
N SER A 31 13.74 4.77 -12.42
CA SER A 31 15.09 5.30 -12.05
C SER A 31 14.93 6.62 -11.30
N SER A 32 14.88 6.57 -10.00
CA SER A 32 14.69 7.81 -9.20
C SER A 32 13.65 8.70 -9.88
N ARG A 33 12.42 8.33 -9.76
CA ARG A 33 11.33 9.13 -10.38
C ARG A 33 10.10 9.13 -9.46
N GLY A 34 9.37 8.06 -9.43
CA GLY A 34 8.17 8.01 -8.55
C GLY A 34 7.32 6.78 -8.87
N LYS A 35 7.72 5.63 -8.39
CA LYS A 35 6.94 4.39 -8.66
C LYS A 35 5.45 4.66 -8.45
N VAL A 36 4.60 3.75 -8.85
CA VAL A 36 3.14 3.95 -8.65
C VAL A 36 2.73 3.13 -7.43
N LEU A 37 3.14 3.56 -6.27
CA LEU A 37 2.83 2.81 -5.04
C LEU A 37 1.77 3.52 -4.20
N GLU A 38 0.71 2.83 -3.85
CA GLU A 38 -0.34 3.48 -3.02
C GLU A 38 -0.93 2.46 -2.03
N PHE A 39 -1.31 2.91 -0.87
CA PHE A 39 -1.92 2.00 0.12
C PHE A 39 -3.39 2.40 0.31
N GLY A 40 -4.26 1.47 0.58
CA GLY A 40 -5.70 1.84 0.74
C GLY A 40 -6.37 0.93 1.77
N CYS A 41 -7.61 0.61 1.55
CA CYS A 41 -8.35 -0.23 2.51
C CYS A 41 -8.29 -1.67 2.03
N ALA A 42 -8.92 -2.54 2.74
CA ALA A 42 -8.91 -3.98 2.34
C ALA A 42 -9.58 -4.84 3.41
N ALA A 43 -9.72 -6.11 3.13
CA ALA A 43 -10.37 -7.03 4.10
C ALA A 43 -9.33 -8.00 4.67
N THR A 44 -8.41 -8.44 3.86
CA THR A 44 -7.37 -9.38 4.36
C THR A 44 -6.13 -9.32 3.46
N CYS A 45 -4.98 -9.49 4.04
CA CYS A 45 -3.72 -9.45 3.26
C CYS A 45 -3.90 -10.15 1.91
N PRO A 46 -4.02 -9.39 0.84
CA PRO A 46 -4.19 -9.94 -0.52
C PRO A 46 -2.85 -10.41 -1.09
N SER A 47 -2.88 -11.14 -2.17
CA SER A 47 -1.60 -11.62 -2.78
C SER A 47 -1.64 -11.43 -4.29
N VAL A 48 -1.33 -10.26 -4.77
CA VAL A 48 -1.35 -10.03 -6.24
C VAL A 48 0.09 -9.85 -6.75
N ASN A 49 0.69 -10.90 -7.22
CA ASN A 49 2.09 -10.81 -7.70
C ASN A 49 2.12 -10.34 -9.17
N THR A 50 1.05 -9.72 -9.63
CA THR A 50 1.05 -9.24 -11.04
C THR A 50 2.01 -8.07 -11.18
N GLY A 51 3.27 -8.34 -11.39
CA GLY A 51 4.26 -7.22 -11.50
C GLY A 51 4.02 -6.23 -10.37
N THR A 52 3.43 -6.69 -9.29
CA THR A 52 3.14 -5.78 -8.15
C THR A 52 3.38 -6.54 -6.84
N GLU A 53 3.79 -5.87 -5.80
CA GLU A 53 4.03 -6.57 -4.51
C GLU A 53 3.02 -6.06 -3.48
N ILE A 54 2.07 -6.87 -3.10
CA ILE A 54 1.07 -6.42 -2.10
C ILE A 54 1.52 -6.87 -0.71
N LYS A 55 1.04 -6.24 0.30
CA LYS A 55 1.43 -6.64 1.68
C LYS A 55 0.28 -6.35 2.64
N CYS A 56 0.40 -6.78 3.86
CA CYS A 56 -0.69 -6.54 4.86
C CYS A 56 -0.30 -5.35 5.73
N CYS A 57 -1.20 -4.41 5.89
CA CYS A 57 -0.86 -3.22 6.71
C CYS A 57 -2.09 -2.78 7.51
N SER A 58 -1.88 -2.34 8.72
CA SER A 58 -3.04 -1.88 9.53
C SER A 58 -2.72 -0.54 10.18
N ALA A 59 -1.50 -0.11 10.09
CA ALA A 59 -1.14 1.20 10.70
C ALA A 59 0.20 1.66 10.11
N ASP A 60 1.21 1.75 10.93
CA ASP A 60 2.55 2.15 10.40
C ASP A 60 3.33 0.87 10.14
N LYS A 61 2.63 -0.15 9.71
CA LYS A 61 3.28 -1.44 9.42
C LYS A 61 3.30 -1.67 7.92
N CYS A 62 2.79 -0.73 7.16
CA CYS A 62 2.77 -0.90 5.68
C CYS A 62 4.17 -1.26 5.20
N ASN A 63 5.18 -0.62 5.72
CA ASN A 63 6.56 -0.93 5.29
C ASN A 63 7.24 -1.81 6.34
N THR A 64 8.27 -1.31 7.00
CA THR A 64 8.95 -2.13 8.03
C THR A 64 9.15 -3.56 7.52
N TYR A 65 10.09 -3.76 6.64
CA TYR A 65 10.32 -5.12 6.09
C TYR A 65 10.34 -6.16 7.21
N PRO A 66 11.08 -5.87 8.27
CA PRO A 66 11.20 -6.78 9.41
C PRO A 66 9.97 -6.66 10.32
N ARG A 1 -10.26 5.23 9.46
CA ARG A 1 -9.34 6.12 8.70
C ARG A 1 -7.88 5.74 9.01
N GLU A 2 -7.39 4.72 8.37
CA GLU A 2 -5.97 4.30 8.60
C GLU A 2 -5.17 4.51 7.32
N CYS A 3 -3.87 4.40 7.38
CA CYS A 3 -3.02 4.59 6.17
C CYS A 3 -2.73 6.09 6.00
N TYR A 4 -3.76 6.88 5.99
CA TYR A 4 -3.61 8.35 5.86
C TYR A 4 -2.56 8.72 4.81
N LEU A 5 -1.32 8.82 5.18
CA LEU A 5 -0.33 9.19 4.16
C LEU A 5 1.03 8.54 4.40
N ASN A 6 1.18 7.32 4.02
CA ASN A 6 2.50 6.64 4.17
C ASN A 6 3.50 7.45 3.34
N PRO A 7 4.65 6.91 2.99
CA PRO A 7 5.64 7.66 2.21
C PRO A 7 5.26 7.74 0.72
N HIS A 8 3.99 7.79 0.39
CA HIS A 8 3.61 7.90 -1.05
C HIS A 8 2.12 7.56 -1.27
N ASP A 9 1.37 8.50 -1.81
CA ASP A 9 -0.08 8.25 -2.10
C ASP A 9 -0.88 7.99 -0.81
N THR A 10 -1.28 6.77 -0.57
CA THR A 10 -2.08 6.44 0.66
C THR A 10 -3.57 6.62 0.41
N GLN A 11 -4.39 6.28 1.37
CA GLN A 11 -5.87 6.43 1.22
C GLN A 11 -6.55 5.95 2.51
N THR A 12 -7.03 6.87 3.31
CA THR A 12 -7.68 6.50 4.59
C THR A 12 -8.89 5.59 4.34
N CYS A 13 -9.20 4.75 5.29
CA CYS A 13 -10.37 3.83 5.15
C CYS A 13 -11.32 4.04 6.33
N PRO A 14 -12.08 5.09 6.27
CA PRO A 14 -13.06 5.43 7.32
C PRO A 14 -14.33 4.59 7.18
N SER A 15 -14.23 3.30 7.34
CA SER A 15 -15.44 2.43 7.21
C SER A 15 -15.40 1.34 8.28
N GLY A 16 -16.28 0.38 8.19
CA GLY A 16 -16.29 -0.72 9.21
C GLY A 16 -14.94 -1.44 9.19
N GLN A 17 -14.80 -2.44 8.37
CA GLN A 17 -13.50 -3.16 8.29
C GLN A 17 -12.46 -2.23 7.65
N GLU A 18 -11.67 -1.58 8.44
CA GLU A 18 -10.66 -0.64 7.87
C GLU A 18 -9.30 -1.33 7.77
N ILE A 19 -9.07 -2.07 6.73
CA ILE A 19 -7.75 -2.74 6.57
C ILE A 19 -6.88 -1.89 5.66
N CYS A 20 -5.61 -2.03 5.77
CA CYS A 20 -4.70 -1.22 4.92
C CYS A 20 -3.84 -2.16 4.06
N TYR A 21 -4.01 -2.12 2.77
CA TYR A 21 -3.19 -3.00 1.91
C TYR A 21 -2.05 -2.16 1.34
N VAL A 22 -0.94 -2.75 1.05
CA VAL A 22 0.19 -1.95 0.50
C VAL A 22 0.65 -2.54 -0.82
N LYS A 23 0.46 -1.82 -1.90
CA LYS A 23 0.90 -2.33 -3.22
C LYS A 23 2.24 -1.66 -3.56
N SER A 24 3.20 -2.42 -4.00
CA SER A 24 4.51 -1.81 -4.32
C SER A 24 5.04 -2.33 -5.66
N TRP A 25 4.73 -1.65 -6.73
CA TRP A 25 5.24 -2.11 -8.05
C TRP A 25 6.32 -1.14 -8.54
N CYS A 26 7.10 -1.53 -9.51
CA CYS A 26 8.17 -0.64 -10.02
C CYS A 26 8.28 -0.76 -11.53
N ASN A 27 9.33 -0.24 -12.09
CA ASN A 27 9.52 -0.33 -13.56
C ASN A 27 10.72 -1.24 -13.87
N ALA A 28 11.21 -1.92 -12.88
CA ALA A 28 12.38 -2.83 -13.08
C ALA A 28 13.67 -2.04 -13.01
N TRP A 29 13.58 -0.75 -12.99
CA TRP A 29 14.80 0.09 -12.92
C TRP A 29 14.53 1.34 -12.07
N CYS A 30 13.60 1.25 -11.15
CA CYS A 30 13.30 2.44 -10.29
C CYS A 30 14.40 2.68 -9.25
N SER A 31 15.61 2.28 -9.50
CA SER A 31 16.69 2.51 -8.49
C SER A 31 16.58 3.94 -7.96
N SER A 32 15.91 4.10 -6.84
CA SER A 32 15.73 5.47 -6.28
C SER A 32 15.36 6.43 -7.40
N ARG A 33 14.12 6.41 -7.77
CA ARG A 33 13.64 7.31 -8.85
C ARG A 33 12.24 7.83 -8.51
N GLY A 34 11.23 7.03 -8.72
CA GLY A 34 9.85 7.47 -8.40
C GLY A 34 8.94 6.26 -8.25
N LYS A 35 9.31 5.32 -7.43
CA LYS A 35 8.47 4.11 -7.22
C LYS A 35 7.00 4.53 -7.09
N VAL A 36 6.10 3.76 -7.60
CA VAL A 36 4.65 4.11 -7.50
C VAL A 36 4.02 3.20 -6.45
N LEU A 37 4.40 3.35 -5.22
CA LEU A 37 3.88 2.47 -4.15
C LEU A 37 2.87 3.23 -3.29
N GLU A 38 1.64 2.77 -3.24
CA GLU A 38 0.62 3.44 -2.41
C GLU A 38 -0.18 2.39 -1.63
N PHE A 39 -0.64 2.72 -0.46
CA PHE A 39 -1.42 1.74 0.33
C PHE A 39 -2.85 2.28 0.46
N GLY A 40 -3.84 1.45 0.29
CA GLY A 40 -5.24 1.95 0.39
C GLY A 40 -6.02 1.16 1.42
N CYS A 41 -7.29 0.99 1.20
CA CYS A 41 -8.12 0.24 2.17
C CYS A 41 -8.34 -1.16 1.64
N ALA A 42 -8.70 -2.04 2.51
CA ALA A 42 -8.93 -3.45 2.11
C ALA A 42 -9.70 -4.18 3.20
N ALA A 43 -9.97 -5.44 2.96
CA ALA A 43 -10.71 -6.26 3.95
C ALA A 43 -9.73 -7.25 4.59
N THR A 44 -8.90 -7.87 3.81
CA THR A 44 -7.92 -8.84 4.37
C THR A 44 -6.67 -8.85 3.48
N CYS A 45 -5.52 -9.07 4.07
CA CYS A 45 -4.26 -9.09 3.29
C CYS A 45 -4.49 -9.75 1.92
N PRO A 46 -4.44 -8.97 0.86
CA PRO A 46 -4.66 -9.48 -0.50
C PRO A 46 -3.37 -10.12 -1.04
N SER A 47 -3.49 -10.86 -2.11
CA SER A 47 -2.27 -11.52 -2.69
C SER A 47 -2.28 -11.33 -4.21
N VAL A 48 -1.82 -10.21 -4.68
CA VAL A 48 -1.78 -9.96 -6.15
C VAL A 48 -0.35 -10.10 -6.66
N ASN A 49 -0.18 -10.54 -7.88
CA ASN A 49 1.19 -10.69 -8.42
C ASN A 49 1.31 -9.98 -9.77
N THR A 50 0.36 -9.14 -10.10
CA THR A 50 0.44 -8.41 -11.40
C THR A 50 1.55 -7.37 -11.33
N GLY A 51 2.78 -7.78 -11.56
CA GLY A 51 3.91 -6.80 -11.49
C GLY A 51 3.72 -5.89 -10.28
N THR A 52 3.04 -6.37 -9.27
CA THR A 52 2.80 -5.54 -8.06
C THR A 52 2.95 -6.41 -6.81
N GLU A 53 3.69 -5.95 -5.84
CA GLU A 53 3.86 -6.75 -4.59
C GLU A 53 2.93 -6.20 -3.51
N ILE A 54 1.91 -6.93 -3.15
CA ILE A 54 0.97 -6.43 -2.11
C ILE A 54 1.42 -7.00 -0.76
N LYS A 55 0.99 -6.38 0.30
CA LYS A 55 1.36 -6.87 1.65
C LYS A 55 0.25 -6.53 2.63
N CYS A 56 0.36 -7.01 3.85
CA CYS A 56 -0.70 -6.72 4.86
C CYS A 56 -0.22 -5.57 5.74
N CYS A 57 -1.04 -4.59 5.91
CA CYS A 57 -0.63 -3.41 6.74
C CYS A 57 -1.86 -2.78 7.38
N SER A 58 -1.67 -2.14 8.50
CA SER A 58 -2.82 -1.49 9.17
C SER A 58 -2.52 -0.03 9.42
N ALA A 59 -1.27 0.33 9.36
CA ALA A 59 -0.90 1.76 9.59
C ALA A 59 0.51 2.00 9.05
N ASP A 60 1.44 2.29 9.92
CA ASP A 60 2.83 2.49 9.47
C ASP A 60 3.58 1.19 9.72
N LYS A 61 2.86 0.11 9.64
CA LYS A 61 3.47 -1.22 9.87
C LYS A 61 3.56 -1.96 8.54
N CYS A 62 3.27 -1.28 7.46
CA CYS A 62 3.33 -1.93 6.12
C CYS A 62 4.73 -2.51 5.91
N ASN A 63 5.75 -1.71 6.09
CA ASN A 63 7.13 -2.20 5.90
C ASN A 63 7.97 -1.86 7.13
N THR A 64 7.91 -2.67 8.15
CA THR A 64 8.70 -2.39 9.38
C THR A 64 9.46 -3.65 9.81
N TYR A 65 10.75 -3.52 10.03
CA TYR A 65 11.56 -4.70 10.46
C TYR A 65 11.06 -5.97 9.76
N PRO A 66 11.43 -6.11 8.51
CA PRO A 66 11.03 -7.26 7.69
C PRO A 66 11.90 -8.48 8.03
N ARG A 1 -10.01 5.19 10.10
CA ARG A 1 -8.90 5.80 9.32
C ARG A 1 -7.57 5.15 9.69
N GLU A 2 -6.98 4.43 8.77
CA GLU A 2 -5.68 3.78 9.02
C GLU A 2 -4.72 4.16 7.89
N CYS A 3 -3.47 3.78 7.98
CA CYS A 3 -2.50 4.12 6.89
C CYS A 3 -2.23 5.63 6.83
N TYR A 4 -3.10 6.40 6.24
CA TYR A 4 -2.88 7.87 6.11
C TYR A 4 -1.42 8.14 5.78
N LEU A 5 -0.93 9.33 5.96
CA LEU A 5 0.49 9.61 5.64
C LEU A 5 0.70 9.46 4.13
N ASN A 6 0.52 10.52 3.40
CA ASN A 6 0.70 10.41 1.92
C ASN A 6 1.98 11.09 1.39
N PRO A 7 3.07 11.05 2.13
CA PRO A 7 4.35 11.63 1.66
C PRO A 7 4.95 10.63 0.67
N HIS A 8 4.82 9.37 0.98
CA HIS A 8 5.31 8.29 0.08
C HIS A 8 4.10 7.44 -0.28
N ASP A 9 3.04 8.10 -0.71
CA ASP A 9 1.80 7.37 -1.08
C ASP A 9 1.06 6.99 0.21
N THR A 10 0.14 6.05 0.12
CA THR A 10 -0.67 5.59 1.31
C THR A 10 -2.10 6.13 1.16
N GLN A 11 -2.99 5.74 2.02
CA GLN A 11 -4.38 6.22 1.93
C GLN A 11 -5.14 5.84 3.21
N THR A 12 -6.08 6.63 3.62
CA THR A 12 -6.84 6.30 4.85
C THR A 12 -8.08 5.47 4.52
N CYS A 13 -8.64 4.84 5.52
CA CYS A 13 -9.85 4.01 5.32
C CYS A 13 -10.79 4.21 6.50
N PRO A 14 -11.53 5.28 6.46
CA PRO A 14 -12.50 5.63 7.52
C PRO A 14 -13.77 4.77 7.38
N SER A 15 -14.31 4.73 6.19
CA SER A 15 -15.54 3.90 5.97
C SER A 15 -15.18 2.67 5.15
N GLY A 16 -16.07 1.71 5.08
CA GLY A 16 -15.78 0.48 4.30
C GLY A 16 -15.16 -0.58 5.21
N GLN A 17 -14.19 -1.31 4.72
CA GLN A 17 -13.55 -2.36 5.57
C GLN A 17 -12.72 -1.70 6.66
N GLU A 18 -11.81 -2.42 7.25
CA GLU A 18 -10.97 -1.82 8.33
C GLU A 18 -9.52 -2.29 8.16
N ILE A 19 -9.21 -2.97 7.09
CA ILE A 19 -7.82 -3.45 6.87
C ILE A 19 -7.13 -2.53 5.87
N CYS A 20 -5.84 -2.56 5.86
CA CYS A 20 -5.09 -1.70 4.91
C CYS A 20 -4.16 -2.56 4.05
N TYR A 21 -4.31 -2.55 2.76
CA TYR A 21 -3.40 -3.37 1.93
C TYR A 21 -2.33 -2.45 1.36
N VAL A 22 -1.16 -2.94 1.09
CA VAL A 22 -0.10 -2.05 0.55
C VAL A 22 0.37 -2.57 -0.81
N LYS A 23 0.12 -1.84 -1.86
CA LYS A 23 0.56 -2.29 -3.20
C LYS A 23 1.80 -1.49 -3.62
N SER A 24 2.79 -2.14 -4.18
CA SER A 24 4.02 -1.41 -4.57
C SER A 24 4.43 -1.79 -6.01
N TRP A 25 4.29 -0.87 -6.93
CA TRP A 25 4.68 -1.18 -8.35
C TRP A 25 5.28 0.08 -9.00
N CYS A 26 5.72 -0.04 -10.22
CA CYS A 26 6.30 1.15 -10.92
C CYS A 26 5.81 1.18 -12.37
N ASN A 27 6.39 2.01 -13.17
CA ASN A 27 5.96 2.10 -14.60
C ASN A 27 7.10 1.56 -15.49
N ALA A 28 8.07 0.95 -14.89
CA ALA A 28 9.23 0.40 -15.67
C ALA A 28 10.24 1.49 -15.95
N TRP A 29 9.90 2.70 -15.66
CA TRP A 29 10.83 3.83 -15.91
C TRP A 29 10.69 4.88 -14.81
N CYS A 30 10.27 4.48 -13.64
CA CYS A 30 10.10 5.45 -12.52
C CYS A 30 11.45 5.87 -11.92
N SER A 31 12.49 5.94 -12.69
CA SER A 31 13.82 6.33 -12.13
C SER A 31 13.64 7.55 -11.23
N SER A 32 13.43 7.33 -9.96
CA SER A 32 13.22 8.46 -9.02
C SER A 32 12.40 9.55 -9.68
N ARG A 33 11.12 9.36 -9.74
CA ARG A 33 10.24 10.36 -10.37
C ARG A 33 8.90 10.42 -9.61
N GLY A 34 7.93 9.66 -10.04
CA GLY A 34 6.61 9.67 -9.33
C GLY A 34 6.09 8.24 -9.23
N LYS A 35 6.87 7.33 -8.71
CA LYS A 35 6.40 5.92 -8.59
C LYS A 35 4.98 5.93 -8.03
N VAL A 36 4.27 4.84 -8.19
CA VAL A 36 2.88 4.78 -7.67
C VAL A 36 2.81 3.69 -6.60
N LEU A 37 3.34 3.95 -5.44
CA LEU A 37 3.35 2.94 -4.36
C LEU A 37 2.37 3.35 -3.27
N GLU A 38 1.10 3.35 -3.55
CA GLU A 38 0.12 3.74 -2.49
C GLU A 38 -0.52 2.51 -1.87
N PHE A 39 -1.30 2.75 -0.86
CA PHE A 39 -1.99 1.64 -0.16
C PHE A 39 -3.48 1.99 -0.05
N GLY A 40 -4.27 1.16 0.57
CA GLY A 40 -5.72 1.49 0.67
C GLY A 40 -6.37 0.65 1.78
N CYS A 41 -7.64 0.42 1.67
CA CYS A 41 -8.34 -0.38 2.71
C CYS A 41 -8.49 -1.81 2.19
N ALA A 42 -9.05 -2.66 2.99
CA ALA A 42 -9.22 -4.06 2.55
C ALA A 42 -9.85 -4.89 3.68
N ALA A 43 -10.03 -6.16 3.44
CA ALA A 43 -10.63 -7.05 4.47
C ALA A 43 -9.56 -8.00 5.00
N THR A 44 -8.76 -8.57 4.14
CA THR A 44 -7.70 -9.50 4.61
C THR A 44 -6.47 -9.38 3.70
N CYS A 45 -5.30 -9.50 4.27
CA CYS A 45 -4.06 -9.38 3.48
C CYS A 45 -4.24 -10.04 2.10
N PRO A 46 -4.05 -9.27 1.04
CA PRO A 46 -4.20 -9.79 -0.33
C PRO A 46 -2.91 -10.49 -0.78
N SER A 47 -3.04 -11.44 -1.67
CA SER A 47 -1.83 -12.16 -2.16
C SER A 47 -1.86 -12.26 -3.68
N VAL A 48 -1.96 -11.14 -4.36
CA VAL A 48 -2.00 -11.18 -5.84
C VAL A 48 -0.64 -10.74 -6.40
N ASN A 49 0.10 -11.67 -6.94
CA ASN A 49 1.43 -11.31 -7.51
C ASN A 49 1.29 -10.83 -8.95
N THR A 50 0.16 -10.29 -9.31
CA THR A 50 -0.02 -9.80 -10.71
C THR A 50 0.84 -8.56 -10.93
N GLY A 51 2.10 -8.73 -11.23
CA GLY A 51 2.98 -7.55 -11.46
C GLY A 51 2.70 -6.50 -10.38
N THR A 52 2.24 -6.93 -9.23
CA THR A 52 1.94 -5.97 -8.14
C THR A 52 2.45 -6.52 -6.80
N GLU A 53 3.30 -5.80 -6.13
CA GLU A 53 3.83 -6.31 -4.83
C GLU A 53 2.88 -5.88 -3.71
N ILE A 54 1.92 -6.71 -3.36
CA ILE A 54 0.97 -6.32 -2.29
C ILE A 54 1.40 -6.97 -0.96
N LYS A 55 0.98 -6.40 0.13
CA LYS A 55 1.36 -6.98 1.45
C LYS A 55 0.26 -6.65 2.46
N CYS A 56 0.47 -7.02 3.70
CA CYS A 56 -0.57 -6.75 4.75
C CYS A 56 -0.14 -5.52 5.55
N CYS A 57 -1.06 -4.67 5.89
CA CYS A 57 -0.70 -3.45 6.67
C CYS A 57 -1.94 -2.86 7.32
N SER A 58 -1.79 -2.30 8.49
CA SER A 58 -2.97 -1.70 9.15
C SER A 58 -2.58 -0.39 9.85
N ALA A 59 -1.33 -0.03 9.77
CA ALA A 59 -0.90 1.23 10.43
C ALA A 59 0.47 1.64 9.89
N ASP A 60 1.48 1.59 10.73
CA ASP A 60 2.85 1.94 10.25
C ASP A 60 3.55 0.64 9.89
N LYS A 61 2.79 -0.30 9.40
CA LYS A 61 3.36 -1.61 9.02
C LYS A 61 3.36 -1.71 7.49
N CYS A 62 2.86 -0.70 6.84
CA CYS A 62 2.83 -0.72 5.35
C CYS A 62 4.25 -0.84 4.81
N ASN A 63 5.18 -0.16 5.43
CA ASN A 63 6.59 -0.23 4.97
C ASN A 63 7.40 -1.15 5.90
N THR A 64 7.23 -1.00 7.18
CA THR A 64 7.98 -1.86 8.14
C THR A 64 9.49 -1.74 7.85
N TYR A 65 10.11 -0.69 8.32
CA TYR A 65 11.56 -0.51 8.08
C TYR A 65 12.31 -1.81 8.39
N PRO A 66 12.02 -2.40 9.53
CA PRO A 66 12.69 -3.65 9.96
C PRO A 66 12.06 -4.85 9.24
N ARG A 1 -9.06 4.24 9.11
CA ARG A 1 -7.92 5.22 9.00
C ARG A 1 -6.62 4.55 9.48
N GLU A 2 -6.03 3.73 8.65
CA GLU A 2 -4.76 3.07 9.06
C GLU A 2 -3.72 3.23 7.94
N CYS A 3 -3.62 4.42 7.42
CA CYS A 3 -2.64 4.69 6.33
C CYS A 3 -2.44 6.21 6.24
N TYR A 4 -3.52 6.93 6.32
CA TYR A 4 -3.47 8.42 6.27
C TYR A 4 -2.60 8.90 5.11
N LEU A 5 -1.31 8.99 5.29
CA LEU A 5 -0.49 9.49 4.18
C LEU A 5 0.78 8.66 3.97
N ASN A 6 1.51 8.34 5.01
CA ASN A 6 2.76 7.56 4.82
C ASN A 6 3.57 8.22 3.69
N PRO A 7 4.66 7.61 3.31
CA PRO A 7 5.52 8.14 2.23
C PRO A 7 4.96 7.75 0.86
N HIS A 8 3.70 8.04 0.61
CA HIS A 8 3.11 7.68 -0.72
C HIS A 8 1.70 8.27 -0.86
N ASP A 9 0.97 7.86 -1.86
CA ASP A 9 -0.41 8.40 -2.06
C ASP A 9 -1.29 8.08 -0.85
N THR A 10 -1.20 6.89 -0.34
CA THR A 10 -2.01 6.51 0.86
C THR A 10 -3.50 6.52 0.53
N GLN A 11 -4.32 6.25 1.52
CA GLN A 11 -5.79 6.23 1.33
C GLN A 11 -6.42 5.53 2.55
N THR A 12 -6.61 6.26 3.62
CA THR A 12 -7.18 5.69 4.86
C THR A 12 -8.27 4.65 4.57
N CYS A 13 -8.62 3.89 5.59
CA CYS A 13 -9.69 2.87 5.43
C CYS A 13 -10.68 3.02 6.61
N PRO A 14 -11.25 4.19 6.73
CA PRO A 14 -12.22 4.48 7.80
C PRO A 14 -13.57 3.83 7.51
N SER A 15 -14.06 3.99 6.31
CA SER A 15 -15.39 3.39 5.96
C SER A 15 -15.17 2.11 5.15
N GLY A 16 -16.23 1.43 4.81
CA GLY A 16 -16.09 0.17 4.01
C GLY A 16 -15.48 -0.92 4.89
N GLN A 17 -14.18 -0.94 4.99
CA GLN A 17 -13.51 -1.98 5.83
C GLN A 17 -12.72 -1.29 6.95
N GLU A 18 -11.79 -1.99 7.53
CA GLU A 18 -10.98 -1.37 8.63
C GLU A 18 -9.53 -1.82 8.50
N ILE A 19 -9.18 -2.39 7.38
CA ILE A 19 -7.78 -2.85 7.18
C ILE A 19 -7.09 -1.95 6.18
N CYS A 20 -5.80 -1.99 6.15
CA CYS A 20 -5.04 -1.14 5.18
C CYS A 20 -4.17 -2.04 4.31
N TYR A 21 -4.31 -1.97 3.01
CA TYR A 21 -3.47 -2.82 2.15
C TYR A 21 -2.34 -1.96 1.58
N VAL A 22 -1.27 -2.55 1.16
CA VAL A 22 -0.16 -1.72 0.62
C VAL A 22 0.27 -2.28 -0.74
N LYS A 23 -0.07 -1.60 -1.80
CA LYS A 23 0.31 -2.08 -3.16
C LYS A 23 1.55 -1.32 -3.62
N SER A 24 2.56 -2.01 -4.04
CA SER A 24 3.80 -1.32 -4.47
C SER A 24 4.33 -1.90 -5.80
N TRP A 25 4.22 -1.15 -6.86
CA TRP A 25 4.72 -1.65 -8.17
C TRP A 25 5.42 -0.51 -8.94
N CYS A 26 6.36 -0.86 -9.78
CA CYS A 26 7.08 0.18 -10.57
C CYS A 26 7.33 -0.37 -11.99
N ASN A 27 7.48 0.50 -12.95
CA ASN A 27 7.73 0.03 -14.34
C ASN A 27 9.14 0.45 -14.75
N ALA A 28 9.41 0.54 -16.02
CA ALA A 28 10.78 0.94 -16.46
C ALA A 28 10.85 2.47 -16.55
N TRP A 29 10.04 3.15 -15.80
CA TRP A 29 10.02 4.64 -15.85
C TRP A 29 10.36 5.26 -14.49
N CYS A 30 10.24 4.53 -13.41
CA CYS A 30 10.56 5.12 -12.08
C CYS A 30 12.06 5.34 -11.91
N SER A 31 12.85 5.32 -12.95
CA SER A 31 14.31 5.53 -12.78
C SER A 31 14.54 6.71 -11.83
N SER A 32 14.70 6.43 -10.57
CA SER A 32 14.89 7.53 -9.58
C SER A 32 13.93 8.66 -9.90
N ARG A 33 12.69 8.42 -9.66
CA ARG A 33 11.65 9.44 -9.94
C ARG A 33 10.51 9.32 -8.92
N GLY A 34 9.61 8.38 -9.10
CA GLY A 34 8.49 8.23 -8.14
C GLY A 34 7.62 7.03 -8.53
N LYS A 35 8.03 5.84 -8.19
CA LYS A 35 7.22 4.64 -8.53
C LYS A 35 5.75 4.92 -8.21
N VAL A 36 4.86 4.09 -8.67
CA VAL A 36 3.41 4.30 -8.37
C VAL A 36 3.07 3.42 -7.17
N LEU A 37 3.63 3.70 -6.04
CA LEU A 37 3.40 2.87 -4.84
C LEU A 37 2.45 3.58 -3.86
N GLU A 38 1.26 3.07 -3.71
CA GLU A 38 0.30 3.71 -2.76
C GLU A 38 -0.42 2.63 -1.94
N PHE A 39 -0.96 3.00 -0.80
CA PHE A 39 -1.68 2.02 0.04
C PHE A 39 -3.13 2.50 0.21
N GLY A 40 -4.07 1.60 0.37
CA GLY A 40 -5.48 2.04 0.51
C GLY A 40 -6.19 1.25 1.61
N CYS A 41 -7.45 0.98 1.42
CA CYS A 41 -8.23 0.24 2.43
C CYS A 41 -8.43 -1.20 1.96
N ALA A 42 -8.76 -2.06 2.86
CA ALA A 42 -8.97 -3.48 2.51
C ALA A 42 -9.61 -4.22 3.68
N ALA A 43 -9.80 -5.50 3.52
CA ALA A 43 -10.41 -6.32 4.59
C ALA A 43 -9.37 -7.31 5.14
N THR A 44 -8.61 -7.92 4.28
CA THR A 44 -7.59 -8.89 4.75
C THR A 44 -6.37 -8.84 3.83
N CYS A 45 -5.22 -9.14 4.37
CA CYS A 45 -3.98 -9.12 3.56
C CYS A 45 -4.24 -9.66 2.15
N PRO A 46 -4.12 -8.82 1.15
CA PRO A 46 -4.36 -9.22 -0.24
C PRO A 46 -3.11 -9.89 -0.83
N SER A 47 -3.31 -10.94 -1.60
CA SER A 47 -2.14 -11.65 -2.19
C SER A 47 -2.13 -11.46 -3.70
N VAL A 48 -1.59 -10.37 -4.18
CA VAL A 48 -1.56 -10.15 -5.65
C VAL A 48 -0.11 -10.23 -6.15
N ASN A 49 0.11 -10.94 -7.23
CA ASN A 49 1.49 -11.06 -7.75
C ASN A 49 1.54 -10.59 -9.21
N THR A 50 0.44 -10.09 -9.73
CA THR A 50 0.45 -9.61 -11.14
C THR A 50 1.32 -8.37 -11.25
N GLY A 51 2.61 -8.54 -11.44
CA GLY A 51 3.51 -7.36 -11.55
C GLY A 51 3.15 -6.37 -10.43
N THR A 52 2.60 -6.84 -9.36
CA THR A 52 2.22 -5.93 -8.24
C THR A 52 2.63 -6.56 -6.91
N GLU A 53 3.27 -5.82 -6.06
CA GLU A 53 3.70 -6.38 -4.74
C GLU A 53 2.80 -5.83 -3.64
N ILE A 54 1.75 -6.52 -3.29
CA ILE A 54 0.84 -6.00 -2.22
C ILE A 54 1.18 -6.69 -0.90
N LYS A 55 0.73 -6.13 0.19
CA LYS A 55 1.02 -6.74 1.51
C LYS A 55 -0.06 -6.35 2.51
N CYS A 56 0.13 -6.71 3.74
CA CYS A 56 -0.88 -6.36 4.79
C CYS A 56 -0.36 -5.18 5.59
N CYS A 57 -1.19 -4.24 5.91
CA CYS A 57 -0.72 -3.07 6.68
C CYS A 57 -1.87 -2.42 7.45
N SER A 58 -1.64 -2.07 8.68
CA SER A 58 -2.73 -1.44 9.46
C SER A 58 -2.19 -0.21 10.18
N ALA A 59 -0.93 0.07 10.04
CA ALA A 59 -0.36 1.26 10.72
C ALA A 59 1.00 1.59 10.11
N ASP A 60 2.04 1.46 10.88
CA ASP A 60 3.40 1.72 10.34
C ASP A 60 3.99 0.38 9.97
N LYS A 61 3.15 -0.50 9.50
CA LYS A 61 3.60 -1.85 9.11
C LYS A 61 3.56 -1.96 7.59
N CYS A 62 3.16 -0.91 6.92
CA CYS A 62 3.11 -0.94 5.44
C CYS A 62 4.47 -1.34 4.88
N ASN A 63 5.53 -0.96 5.55
CA ASN A 63 6.88 -1.31 5.05
C ASN A 63 7.41 -2.54 5.81
N THR A 64 6.95 -2.75 7.01
CA THR A 64 7.42 -3.93 7.79
C THR A 64 8.95 -3.92 7.86
N TYR A 65 9.52 -3.00 8.58
CA TYR A 65 10.99 -2.93 8.69
C TYR A 65 11.58 -4.34 8.87
N PRO A 66 11.05 -5.09 9.80
CA PRO A 66 11.52 -6.46 10.07
C PRO A 66 10.97 -7.42 9.02
N ARG A 1 -10.28 6.07 9.98
CA ARG A 1 -9.28 6.63 9.04
C ARG A 1 -7.92 5.98 9.27
N GLU A 2 -7.53 5.07 8.41
CA GLU A 2 -6.21 4.40 8.57
C GLU A 2 -5.42 4.62 7.28
N CYS A 3 -4.11 4.45 7.34
CA CYS A 3 -3.26 4.65 6.12
C CYS A 3 -2.94 6.14 5.98
N TYR A 4 -3.95 6.96 6.04
CA TYR A 4 -3.78 8.44 5.94
C TYR A 4 -2.68 8.79 4.93
N LEU A 5 -1.46 8.94 5.37
CA LEU A 5 -0.42 9.31 4.40
C LEU A 5 0.94 8.68 4.73
N ASN A 6 1.09 7.42 4.46
CA ASN A 6 2.41 6.77 4.70
C ASN A 6 3.41 7.53 3.80
N PRO A 7 4.58 6.98 3.55
CA PRO A 7 5.54 7.65 2.64
C PRO A 7 5.15 7.36 1.18
N HIS A 8 3.89 7.53 0.85
CA HIS A 8 3.40 7.27 -0.52
C HIS A 8 2.04 7.94 -0.72
N ASP A 9 1.33 7.60 -1.77
CA ASP A 9 0.00 8.22 -2.01
C ASP A 9 -0.91 7.99 -0.80
N THR A 10 -1.17 6.76 -0.45
CA THR A 10 -2.04 6.46 0.72
C THR A 10 -3.52 6.57 0.33
N GLN A 11 -4.39 6.37 1.28
CA GLN A 11 -5.85 6.46 1.02
C GLN A 11 -6.60 6.12 2.32
N THR A 12 -6.88 7.11 3.12
CA THR A 12 -7.58 6.85 4.41
C THR A 12 -8.70 5.82 4.22
N CYS A 13 -9.19 5.30 5.30
CA CYS A 13 -10.25 4.27 5.23
C CYS A 13 -11.18 4.41 6.45
N PRO A 14 -11.92 5.49 6.49
CA PRO A 14 -12.85 5.78 7.59
C PRO A 14 -14.12 4.92 7.46
N SER A 15 -14.29 4.28 6.34
CA SER A 15 -15.51 3.42 6.16
C SER A 15 -15.11 2.11 5.48
N GLY A 16 -16.06 1.25 5.22
CA GLY A 16 -15.74 -0.04 4.56
C GLY A 16 -15.00 -0.95 5.55
N GLN A 17 -13.99 -1.64 5.09
CA GLN A 17 -13.23 -2.55 5.99
C GLN A 17 -12.41 -1.71 6.98
N GLU A 18 -11.43 -2.30 7.60
CA GLU A 18 -10.59 -1.54 8.56
C GLU A 18 -9.12 -1.96 8.41
N ILE A 19 -8.80 -2.64 7.35
CA ILE A 19 -7.39 -3.08 7.14
C ILE A 19 -6.73 -2.17 6.11
N CYS A 20 -5.44 -2.15 6.11
CA CYS A 20 -4.71 -1.30 5.13
C CYS A 20 -3.74 -2.18 4.34
N TYR A 21 -3.95 -2.31 3.06
CA TYR A 21 -3.00 -3.16 2.28
C TYR A 21 -1.97 -2.24 1.65
N VAL A 22 -0.84 -2.75 1.29
CA VAL A 22 0.19 -1.86 0.68
C VAL A 22 0.64 -2.44 -0.66
N LYS A 23 0.31 -1.78 -1.74
CA LYS A 23 0.71 -2.29 -3.08
C LYS A 23 1.93 -1.51 -3.55
N SER A 24 2.95 -2.18 -4.01
CA SER A 24 4.15 -1.44 -4.46
C SER A 24 4.67 -1.97 -5.79
N TRP A 25 4.54 -1.20 -6.83
CA TRP A 25 5.03 -1.65 -8.18
C TRP A 25 5.71 -0.48 -8.89
N CYS A 26 6.82 -0.73 -9.54
CA CYS A 26 7.53 0.36 -10.25
C CYS A 26 7.80 -0.08 -11.70
N ASN A 27 8.67 0.59 -12.38
CA ASN A 27 8.97 0.22 -13.79
C ASN A 27 10.39 -0.32 -13.89
N ALA A 28 11.04 -0.51 -12.78
CA ALA A 28 12.43 -1.03 -12.78
C ALA A 28 13.41 0.09 -13.12
N TRP A 29 12.92 1.28 -13.28
CA TRP A 29 13.80 2.42 -13.62
C TRP A 29 13.37 3.66 -12.84
N CYS A 30 12.73 3.47 -11.71
CA CYS A 30 12.27 4.63 -10.90
C CYS A 30 13.44 5.36 -10.22
N SER A 31 14.64 5.29 -10.74
CA SER A 31 15.76 6.01 -10.08
C SER A 31 15.30 7.42 -9.73
N SER A 32 14.86 7.62 -8.52
CA SER A 32 14.36 8.96 -8.11
C SER A 32 13.48 9.51 -9.22
N ARG A 33 12.26 9.09 -9.25
CA ARG A 33 11.32 9.56 -10.29
C ARG A 33 9.93 9.75 -9.68
N GLY A 34 9.10 8.73 -9.73
CA GLY A 34 7.73 8.86 -9.15
C GLY A 34 7.08 7.47 -9.08
N LYS A 35 7.70 6.55 -8.40
CA LYS A 35 7.11 5.18 -8.28
C LYS A 35 5.61 5.29 -8.02
N VAL A 36 4.86 4.30 -8.40
CA VAL A 36 3.39 4.34 -8.16
C VAL A 36 3.09 3.40 -7.00
N LEU A 37 3.65 3.66 -5.86
CA LEU A 37 3.43 2.78 -4.68
C LEU A 37 2.49 3.45 -3.69
N GLU A 38 1.28 2.94 -3.55
CA GLU A 38 0.32 3.55 -2.58
C GLU A 38 -0.38 2.45 -1.79
N PHE A 39 -0.85 2.75 -0.61
CA PHE A 39 -1.54 1.73 0.22
C PHE A 39 -2.99 2.18 0.45
N GLY A 40 -3.91 1.26 0.53
CA GLY A 40 -5.34 1.67 0.75
C GLY A 40 -5.96 0.85 1.86
N CYS A 41 -7.25 0.61 1.78
CA CYS A 41 -7.94 -0.18 2.84
C CYS A 41 -8.08 -1.61 2.35
N ALA A 42 -8.62 -2.44 3.16
CA ALA A 42 -8.79 -3.87 2.77
C ALA A 42 -9.37 -4.66 3.95
N ALA A 43 -9.54 -5.94 3.76
CA ALA A 43 -10.09 -6.80 4.83
C ALA A 43 -9.00 -7.73 5.36
N THR A 44 -8.21 -8.30 4.50
CA THR A 44 -7.14 -9.21 4.96
C THR A 44 -5.98 -9.20 3.96
N CYS A 45 -4.78 -9.40 4.43
CA CYS A 45 -3.60 -9.41 3.54
C CYS A 45 -3.93 -10.11 2.21
N PRO A 46 -3.92 -9.35 1.13
CA PRO A 46 -4.23 -9.89 -0.21
C PRO A 46 -2.99 -10.58 -0.81
N SER A 47 -3.08 -11.00 -2.04
CA SER A 47 -1.92 -11.67 -2.69
C SER A 47 -1.32 -10.74 -3.73
N VAL A 48 -0.64 -11.29 -4.72
CA VAL A 48 -0.03 -10.42 -5.76
C VAL A 48 -0.89 -10.47 -7.03
N ASN A 49 -1.63 -9.43 -7.29
CA ASN A 49 -2.50 -9.41 -8.51
C ASN A 49 -1.62 -9.45 -9.76
N THR A 50 -1.41 -8.34 -10.40
CA THR A 50 -0.56 -8.32 -11.63
C THR A 50 0.91 -8.53 -11.22
N GLY A 51 1.81 -7.86 -11.87
CA GLY A 51 3.25 -8.01 -11.49
C GLY A 51 3.56 -7.00 -10.38
N THR A 52 2.65 -6.84 -9.46
CA THR A 52 2.86 -5.88 -8.35
C THR A 52 3.12 -6.66 -7.05
N GLU A 53 3.75 -6.04 -6.08
CA GLU A 53 4.02 -6.75 -4.81
C GLU A 53 3.05 -6.26 -3.74
N ILE A 54 2.19 -7.12 -3.25
CA ILE A 54 1.23 -6.69 -2.21
C ILE A 54 1.76 -7.12 -0.84
N LYS A 55 1.33 -6.47 0.20
CA LYS A 55 1.79 -6.83 1.56
C LYS A 55 0.68 -6.54 2.56
N CYS A 56 0.84 -6.99 3.77
CA CYS A 56 -0.21 -6.75 4.80
C CYS A 56 0.19 -5.56 5.66
N CYS A 57 -0.68 -4.59 5.81
CA CYS A 57 -0.33 -3.41 6.62
C CYS A 57 -1.56 -2.93 7.39
N SER A 58 -1.35 -2.18 8.42
CA SER A 58 -2.48 -1.66 9.21
C SER A 58 -1.95 -0.84 10.38
N ALA A 59 -0.72 -0.39 10.33
CA ALA A 59 -0.20 0.39 11.48
C ALA A 59 0.98 1.24 11.03
N ASP A 60 0.77 2.15 10.09
CA ASP A 60 1.89 2.98 9.61
C ASP A 60 3.16 2.11 9.55
N LYS A 61 2.94 0.86 9.27
CA LYS A 61 4.05 -0.12 9.21
C LYS A 61 4.13 -0.64 7.77
N CYS A 62 3.26 -0.18 6.92
CA CYS A 62 3.26 -0.63 5.50
C CYS A 62 4.69 -0.76 5.00
N ASN A 63 5.59 0.02 5.54
CA ASN A 63 7.00 -0.05 5.10
C ASN A 63 7.91 -0.17 6.33
N THR A 64 8.35 -1.35 6.66
CA THR A 64 9.24 -1.52 7.84
C THR A 64 10.60 -2.06 7.40
N TYR A 65 11.62 -1.83 8.20
CA TYR A 65 12.99 -2.30 7.86
C TYR A 65 12.94 -3.61 7.04
N PRO A 66 12.94 -3.46 5.74
CA PRO A 66 12.89 -4.61 4.82
C PRO A 66 14.28 -5.27 4.72
N ARG A 1 -10.23 6.07 8.65
CA ARG A 1 -8.83 6.55 8.76
C ARG A 1 -8.00 5.54 9.58
N GLU A 2 -7.57 4.46 8.96
CA GLU A 2 -6.77 3.46 9.72
C GLU A 2 -5.56 3.04 8.90
N CYS A 3 -4.99 3.97 8.20
CA CYS A 3 -3.79 3.67 7.37
C CYS A 3 -2.90 4.92 7.37
N TYR A 4 -3.47 6.03 6.98
CA TYR A 4 -2.72 7.33 6.96
C TYR A 4 -1.25 7.10 6.57
N LEU A 5 -0.40 8.04 6.88
CA LEU A 5 1.03 7.89 6.51
C LEU A 5 1.14 7.89 4.99
N ASN A 6 1.19 9.04 4.38
CA ASN A 6 1.28 9.07 2.89
C ASN A 6 2.50 9.88 2.43
N PRO A 7 3.66 9.42 2.80
CA PRO A 7 4.93 10.05 2.37
C PRO A 7 5.20 9.65 0.92
N HIS A 8 4.55 8.60 0.48
CA HIS A 8 4.71 8.11 -0.91
C HIS A 8 3.80 6.90 -1.10
N ASP A 9 2.65 6.93 -0.48
CA ASP A 9 1.70 5.79 -0.62
C ASP A 9 0.64 5.84 0.49
N THR A 10 -0.11 4.79 0.65
CA THR A 10 -1.15 4.73 1.70
C THR A 10 -2.34 5.64 1.35
N GLN A 11 -3.36 5.58 2.16
CA GLN A 11 -4.57 6.41 1.93
C GLN A 11 -5.60 6.07 3.02
N THR A 12 -5.81 6.98 3.94
CA THR A 12 -6.76 6.72 5.06
C THR A 12 -7.98 5.92 4.57
N CYS A 13 -8.52 5.10 5.43
CA CYS A 13 -9.71 4.29 5.06
C CYS A 13 -10.89 4.70 5.96
N PRO A 14 -11.68 5.62 5.48
CA PRO A 14 -12.84 6.14 6.22
C PRO A 14 -13.99 5.15 6.18
N SER A 15 -14.63 4.99 5.05
CA SER A 15 -15.78 4.04 4.97
C SER A 15 -15.31 2.75 4.29
N GLY A 16 -15.72 1.62 4.81
CA GLY A 16 -15.30 0.33 4.21
C GLY A 16 -14.85 -0.64 5.30
N GLN A 17 -13.71 -1.27 5.12
CA GLN A 17 -13.22 -2.22 6.16
C GLN A 17 -12.32 -1.48 7.16
N GLU A 18 -11.47 -2.18 7.84
CA GLU A 18 -10.57 -1.51 8.83
C GLU A 18 -9.11 -1.89 8.53
N ILE A 19 -8.88 -2.68 7.53
CA ILE A 19 -7.49 -3.09 7.18
C ILE A 19 -6.99 -2.29 6.00
N CYS A 20 -5.71 -2.25 5.82
CA CYS A 20 -5.14 -1.49 4.67
C CYS A 20 -4.22 -2.41 3.86
N TYR A 21 -4.38 -2.44 2.58
CA TYR A 21 -3.49 -3.29 1.75
C TYR A 21 -2.46 -2.37 1.11
N VAL A 22 -1.29 -2.84 0.87
CA VAL A 22 -0.27 -1.94 0.25
C VAL A 22 0.13 -2.45 -1.13
N LYS A 23 -0.25 -1.76 -2.17
CA LYS A 23 0.12 -2.20 -3.54
C LYS A 23 1.18 -1.25 -4.08
N SER A 24 2.23 -1.76 -4.65
CA SER A 24 3.30 -0.86 -5.18
C SER A 24 3.77 -1.34 -6.55
N TRP A 25 3.62 -0.52 -7.55
CA TRP A 25 4.07 -0.93 -8.92
C TRP A 25 4.63 0.28 -9.67
N CYS A 26 5.84 0.19 -10.14
CA CYS A 26 6.45 1.33 -10.90
C CYS A 26 6.34 1.01 -12.40
N ASN A 27 6.63 1.96 -13.25
CA ASN A 27 6.55 1.70 -14.71
C ASN A 27 7.96 1.44 -15.26
N ALA A 28 8.13 1.44 -16.54
CA ALA A 28 9.49 1.18 -17.11
C ALA A 28 10.32 2.44 -17.09
N TRP A 29 9.77 3.52 -16.64
CA TRP A 29 10.53 4.80 -16.62
C TRP A 29 10.20 5.61 -15.37
N CYS A 30 9.75 4.98 -14.31
CA CYS A 30 9.41 5.74 -13.07
C CYS A 30 10.67 6.32 -12.41
N SER A 31 11.83 6.21 -13.02
CA SER A 31 13.06 6.75 -12.38
C SER A 31 12.73 8.10 -11.74
N SER A 32 12.39 8.08 -10.48
CA SER A 32 12.01 9.33 -9.79
C SER A 32 11.11 10.15 -10.69
N ARG A 33 9.91 9.71 -10.86
CA ARG A 33 8.95 10.45 -11.73
C ARG A 33 7.61 10.61 -11.01
N GLY A 34 6.72 9.66 -11.17
CA GLY A 34 5.40 9.76 -10.49
C GLY A 34 4.87 8.35 -10.23
N LYS A 35 5.69 7.50 -9.69
CA LYS A 35 5.24 6.11 -9.40
C LYS A 35 3.84 6.13 -8.78
N VAL A 36 3.07 5.11 -9.01
CA VAL A 36 1.70 5.06 -8.42
C VAL A 36 1.71 4.05 -7.28
N LEU A 37 2.42 4.35 -6.23
CA LEU A 37 2.50 3.41 -5.09
C LEU A 37 1.67 3.91 -3.91
N GLU A 38 0.52 3.31 -3.70
CA GLU A 38 -0.34 3.72 -2.55
C GLU A 38 -0.91 2.47 -1.87
N PHE A 39 -1.52 2.64 -0.74
CA PHE A 39 -2.12 1.50 -0.02
C PHE A 39 -3.56 1.88 0.32
N GLY A 40 -4.51 1.00 0.11
CA GLY A 40 -5.93 1.37 0.39
C GLY A 40 -6.48 0.64 1.61
N CYS A 41 -7.76 0.37 1.60
CA CYS A 41 -8.41 -0.32 2.75
C CYS A 41 -8.55 -1.79 2.38
N ALA A 42 -9.13 -2.54 3.24
CA ALA A 42 -9.30 -4.00 2.96
C ALA A 42 -9.72 -4.74 4.22
N ALA A 43 -9.89 -6.01 4.12
CA ALA A 43 -10.31 -6.83 5.30
C ALA A 43 -9.14 -7.72 5.74
N THR A 44 -8.48 -8.34 4.79
CA THR A 44 -7.33 -9.23 5.17
C THR A 44 -6.25 -9.14 4.09
N CYS A 45 -5.01 -9.33 4.48
CA CYS A 45 -3.90 -9.26 3.52
C CYS A 45 -4.28 -9.92 2.19
N PRO A 46 -4.06 -9.23 1.09
CA PRO A 46 -4.39 -9.75 -0.24
C PRO A 46 -3.26 -10.64 -0.77
N SER A 47 -3.57 -11.59 -1.61
CA SER A 47 -2.52 -12.49 -2.17
C SER A 47 -2.27 -12.13 -3.63
N VAL A 48 -2.29 -10.88 -3.96
CA VAL A 48 -2.04 -10.48 -5.38
C VAL A 48 -0.62 -9.93 -5.50
N ASN A 49 0.27 -10.70 -6.07
CA ASN A 49 1.67 -10.23 -6.22
C ASN A 49 2.13 -10.45 -7.65
N THR A 50 1.33 -10.09 -8.61
CA THR A 50 1.74 -10.28 -10.03
C THR A 50 2.83 -9.25 -10.34
N GLY A 51 2.80 -8.66 -11.51
CA GLY A 51 3.84 -7.62 -11.81
C GLY A 51 3.77 -6.56 -10.71
N THR A 52 2.69 -6.54 -9.96
CA THR A 52 2.54 -5.56 -8.86
C THR A 52 2.98 -6.20 -7.54
N GLU A 53 3.19 -5.42 -6.52
CA GLU A 53 3.62 -6.00 -5.23
C GLU A 53 2.61 -5.61 -4.13
N ILE A 54 1.76 -6.52 -3.73
CA ILE A 54 0.78 -6.20 -2.65
C ILE A 54 1.23 -6.81 -1.33
N LYS A 55 0.73 -6.32 -0.24
CA LYS A 55 1.13 -6.89 1.09
C LYS A 55 0.11 -6.49 2.15
N CYS A 56 0.43 -6.74 3.39
CA CYS A 56 -0.53 -6.40 4.48
C CYS A 56 -0.05 -5.14 5.20
N CYS A 57 -0.95 -4.31 5.64
CA CYS A 57 -0.52 -3.06 6.34
C CYS A 57 -1.72 -2.42 7.04
N SER A 58 -1.52 -1.93 8.22
CA SER A 58 -2.65 -1.28 8.94
C SER A 58 -2.15 -0.01 9.63
N ALA A 59 -0.89 0.29 9.51
CA ALA A 59 -0.36 1.52 10.16
C ALA A 59 1.01 1.86 9.57
N ASP A 60 2.05 1.75 10.35
CA ASP A 60 3.41 2.02 9.82
C ASP A 60 4.02 0.68 9.47
N LYS A 61 3.20 -0.22 9.01
CA LYS A 61 3.70 -1.56 8.63
C LYS A 61 3.68 -1.69 7.11
N CYS A 62 3.21 -0.68 6.44
CA CYS A 62 3.16 -0.73 4.96
C CYS A 62 4.56 -1.02 4.41
N ASN A 63 5.57 -0.43 4.98
CA ASN A 63 6.95 -0.68 4.50
C ASN A 63 7.66 -1.63 5.47
N THR A 64 7.48 -2.91 5.30
CA THR A 64 8.15 -3.89 6.20
C THR A 64 9.22 -4.66 5.43
N TYR A 65 10.44 -4.62 5.90
CA TYR A 65 11.52 -5.34 5.19
C TYR A 65 11.09 -6.78 4.87
N PRO A 66 10.54 -7.46 5.85
CA PRO A 66 10.08 -8.86 5.67
C PRO A 66 8.73 -8.89 4.95
N ARG A 1 -10.41 6.15 10.63
CA ARG A 1 -9.49 6.63 9.60
C ARG A 1 -8.07 6.11 9.86
N GLU A 2 -7.54 5.35 8.94
CA GLU A 2 -6.16 4.81 9.11
C GLU A 2 -5.49 4.82 7.73
N CYS A 3 -4.18 4.82 7.68
CA CYS A 3 -3.51 4.82 6.35
C CYS A 3 -3.65 6.19 5.70
N TYR A 4 -2.88 7.12 6.13
CA TYR A 4 -2.97 8.48 5.55
C TYR A 4 -1.57 9.07 5.40
N LEU A 5 -0.56 8.26 5.54
CA LEU A 5 0.81 8.77 5.42
C LEU A 5 1.73 7.81 4.66
N ASN A 6 2.52 7.05 5.37
CA ASN A 6 3.46 6.09 4.70
C ASN A 6 4.25 6.85 3.61
N PRO A 7 5.21 6.16 3.03
CA PRO A 7 6.07 6.73 1.98
C PRO A 7 5.34 6.71 0.62
N HIS A 8 4.11 7.13 0.58
CA HIS A 8 3.36 7.12 -0.70
C HIS A 8 2.15 8.05 -0.61
N ASP A 9 1.26 7.97 -1.57
CA ASP A 9 0.04 8.83 -1.52
C ASP A 9 -0.84 8.39 -0.36
N THR A 10 -0.80 7.12 -0.03
CA THR A 10 -1.62 6.62 1.12
C THR A 10 -3.12 6.71 0.78
N GLN A 11 -3.95 6.36 1.71
CA GLN A 11 -5.43 6.42 1.48
C GLN A 11 -6.15 6.07 2.79
N THR A 12 -6.67 7.06 3.47
CA THR A 12 -7.38 6.80 4.74
C THR A 12 -8.54 5.83 4.55
N CYS A 13 -8.83 5.06 5.56
CA CYS A 13 -9.95 4.09 5.49
C CYS A 13 -10.82 4.27 6.74
N PRO A 14 -11.62 5.30 6.73
CA PRO A 14 -12.52 5.62 7.86
C PRO A 14 -13.71 4.69 7.86
N SER A 15 -14.43 4.60 6.77
CA SER A 15 -15.61 3.71 6.71
C SER A 15 -15.33 2.57 5.72
N GLY A 16 -16.19 1.59 5.67
CA GLY A 16 -15.98 0.46 4.72
C GLY A 16 -15.36 -0.73 5.47
N GLN A 17 -14.12 -1.03 5.21
CA GLN A 17 -13.48 -2.17 5.91
C GLN A 17 -12.60 -1.66 7.06
N GLU A 18 -11.75 -2.49 7.59
CA GLU A 18 -10.88 -2.03 8.72
C GLU A 18 -9.45 -2.51 8.48
N ILE A 19 -9.20 -3.10 7.34
CA ILE A 19 -7.81 -3.58 7.05
C ILE A 19 -7.13 -2.60 6.10
N CYS A 20 -5.84 -2.60 6.11
CA CYS A 20 -5.09 -1.69 5.21
C CYS A 20 -4.12 -2.50 4.36
N TYR A 21 -4.25 -2.45 3.06
CA TYR A 21 -3.29 -3.24 2.23
C TYR A 21 -2.29 -2.28 1.61
N VAL A 22 -1.16 -2.78 1.21
CA VAL A 22 -0.15 -1.87 0.61
C VAL A 22 0.32 -2.45 -0.72
N LYS A 23 -0.08 -1.83 -1.81
CA LYS A 23 0.34 -2.35 -3.14
C LYS A 23 1.45 -1.46 -3.68
N SER A 24 2.50 -2.04 -4.19
CA SER A 24 3.61 -1.20 -4.72
C SER A 24 4.05 -1.68 -6.10
N TRP A 25 3.83 -0.89 -7.11
CA TRP A 25 4.24 -1.29 -8.48
C TRP A 25 4.74 -0.07 -9.27
N CYS A 26 5.80 -0.22 -10.01
CA CYS A 26 6.31 0.93 -10.81
C CYS A 26 6.76 0.44 -12.18
N ASN A 27 7.57 1.20 -12.84
CA ASN A 27 8.06 0.78 -14.19
C ASN A 27 9.54 0.40 -14.09
N ALA A 28 10.16 0.08 -15.20
CA ALA A 28 11.60 -0.30 -15.16
C ALA A 28 12.47 0.95 -15.03
N TRP A 29 11.85 2.09 -14.93
CA TRP A 29 12.62 3.35 -14.82
C TRP A 29 12.02 4.24 -13.72
N CYS A 30 11.29 3.65 -12.81
CA CYS A 30 10.66 4.45 -11.71
C CYS A 30 11.70 5.00 -10.74
N SER A 31 12.97 4.92 -11.04
CA SER A 31 14.00 5.45 -10.09
C SER A 31 13.51 6.76 -9.49
N SER A 32 12.85 6.70 -8.37
CA SER A 32 12.31 7.92 -7.73
C SER A 32 11.75 8.85 -8.80
N ARG A 33 10.64 8.49 -9.33
CA ARG A 33 10.01 9.32 -10.39
C ARG A 33 8.48 9.37 -10.18
N GLY A 34 7.72 8.74 -11.02
CA GLY A 34 6.24 8.77 -10.83
C GLY A 34 5.77 7.42 -10.29
N LYS A 35 6.49 6.86 -9.36
CA LYS A 35 6.11 5.55 -8.78
C LYS A 35 4.61 5.55 -8.46
N VAL A 36 3.91 4.52 -8.84
CA VAL A 36 2.46 4.45 -8.53
C VAL A 36 2.28 3.49 -7.36
N LEU A 37 2.94 3.76 -6.26
CA LEU A 37 2.86 2.86 -5.09
C LEU A 37 2.00 3.49 -4.01
N GLU A 38 0.84 2.96 -3.75
CA GLU A 38 -0.03 3.56 -2.68
C GLU A 38 -0.66 2.45 -1.83
N PHE A 39 -1.18 2.81 -0.68
CA PHE A 39 -1.82 1.81 0.20
C PHE A 39 -3.25 2.26 0.49
N GLY A 40 -4.17 1.35 0.64
CA GLY A 40 -5.58 1.77 0.91
C GLY A 40 -6.21 0.86 1.96
N CYS A 41 -7.50 0.65 1.88
CA CYS A 41 -8.18 -0.21 2.87
C CYS A 41 -8.34 -1.59 2.26
N ALA A 42 -8.89 -2.49 3.01
CA ALA A 42 -9.08 -3.87 2.50
C ALA A 42 -9.75 -4.73 3.56
N ALA A 43 -9.94 -5.98 3.27
CA ALA A 43 -10.59 -6.90 4.23
C ALA A 43 -9.57 -7.94 4.72
N THR A 44 -8.77 -8.48 3.84
CA THR A 44 -7.76 -9.48 4.28
C THR A 44 -6.49 -9.36 3.43
N CYS A 45 -5.39 -9.02 4.06
CA CYS A 45 -4.10 -8.87 3.35
C CYS A 45 -4.02 -9.84 2.15
N PRO A 46 -4.02 -9.31 0.95
CA PRO A 46 -3.95 -10.14 -0.27
C PRO A 46 -2.50 -10.54 -0.57
N SER A 47 -2.27 -11.19 -1.67
CA SER A 47 -0.88 -11.60 -2.02
C SER A 47 -0.40 -10.81 -3.24
N VAL A 48 0.41 -11.42 -4.08
CA VAL A 48 0.91 -10.70 -5.27
C VAL A 48 0.18 -11.19 -6.52
N ASN A 49 -0.23 -10.28 -7.38
CA ASN A 49 -0.95 -10.69 -8.61
C ASN A 49 0.00 -10.64 -9.82
N THR A 50 -0.13 -9.65 -10.66
CA THR A 50 0.78 -9.56 -11.83
C THR A 50 2.18 -9.17 -11.35
N GLY A 51 2.80 -8.17 -11.93
CA GLY A 51 4.15 -7.77 -11.47
C GLY A 51 4.03 -6.75 -10.33
N THR A 52 2.96 -6.84 -9.58
CA THR A 52 2.75 -5.89 -8.45
C THR A 52 3.03 -6.61 -7.13
N GLU A 53 3.59 -5.93 -6.17
CA GLU A 53 3.89 -6.60 -4.88
C GLU A 53 2.96 -6.06 -3.79
N ILE A 54 2.08 -6.88 -3.29
CA ILE A 54 1.15 -6.41 -2.23
C ILE A 54 1.65 -6.90 -0.87
N LYS A 55 1.18 -6.31 0.19
CA LYS A 55 1.62 -6.74 1.54
C LYS A 55 0.52 -6.40 2.55
N CYS A 56 0.76 -6.69 3.81
CA CYS A 56 -0.27 -6.41 4.84
C CYS A 56 0.08 -5.12 5.56
N CYS A 57 -0.90 -4.40 6.01
CA CYS A 57 -0.64 -3.10 6.71
C CYS A 57 -1.89 -2.67 7.47
N SER A 58 -1.70 -1.95 8.54
CA SER A 58 -2.88 -1.49 9.31
C SER A 58 -2.69 -0.04 9.75
N ALA A 59 -1.50 0.46 9.61
CA ALA A 59 -1.25 1.88 10.03
C ALA A 59 0.04 2.37 9.38
N ASP A 60 1.04 2.64 10.18
CA ASP A 60 2.34 3.09 9.61
C ASP A 60 3.23 1.87 9.53
N LYS A 61 2.63 0.73 9.28
CA LYS A 61 3.40 -0.52 9.19
C LYS A 61 3.43 -0.99 7.73
N CYS A 62 2.85 -0.20 6.86
CA CYS A 62 2.83 -0.59 5.42
C CYS A 62 4.26 -0.88 4.95
N ASN A 63 5.23 -0.22 5.52
CA ASN A 63 6.64 -0.46 5.09
C ASN A 63 7.31 -1.43 6.07
N THR A 64 6.78 -1.57 7.25
CA THR A 64 7.40 -2.50 8.23
C THR A 64 8.87 -2.14 8.43
N TYR A 65 9.15 -1.21 9.31
CA TYR A 65 10.56 -0.78 9.57
C TYR A 65 11.53 -1.94 9.34
N PRO A 66 12.04 -2.04 8.13
CA PRO A 66 13.00 -3.10 7.76
C PRO A 66 14.40 -2.76 8.30
N ARG A 1 -9.84 5.25 9.76
CA ARG A 1 -8.75 5.42 8.76
C ARG A 1 -7.55 4.57 9.18
N GLU A 2 -6.89 3.92 8.25
CA GLU A 2 -5.71 3.09 8.63
C GLU A 2 -4.63 3.19 7.55
N CYS A 3 -4.49 4.34 6.99
CA CYS A 3 -3.45 4.54 5.93
C CYS A 3 -3.13 6.03 5.86
N TYR A 4 -4.15 6.83 5.79
CA TYR A 4 -3.98 8.32 5.73
C TYR A 4 -2.85 8.72 4.78
N LEU A 5 -1.63 8.74 5.22
CA LEU A 5 -0.57 9.16 4.30
C LEU A 5 0.65 8.23 4.33
N ASN A 6 1.14 7.88 5.48
CA ASN A 6 2.33 6.98 5.50
C ASN A 6 3.38 7.58 4.55
N PRO A 7 4.46 6.89 4.35
CA PRO A 7 5.53 7.36 3.45
C PRO A 7 5.20 7.06 1.98
N HIS A 8 3.98 7.31 1.56
CA HIS A 8 3.62 7.03 0.13
C HIS A 8 2.31 7.73 -0.24
N ASP A 9 1.76 7.39 -1.38
CA ASP A 9 0.49 8.03 -1.84
C ASP A 9 -0.62 7.84 -0.80
N THR A 10 -0.85 6.63 -0.36
CA THR A 10 -1.91 6.38 0.66
C THR A 10 -3.30 6.51 0.03
N GLN A 11 -4.31 6.46 0.85
CA GLN A 11 -5.71 6.57 0.36
C GLN A 11 -6.63 6.79 1.56
N THR A 12 -6.31 6.20 2.68
CA THR A 12 -7.15 6.35 3.91
C THR A 12 -8.38 5.45 3.84
N CYS A 13 -8.83 4.99 4.97
CA CYS A 13 -10.01 4.10 5.01
C CYS A 13 -10.84 4.42 6.27
N PRO A 14 -11.53 5.53 6.23
CA PRO A 14 -12.37 5.98 7.35
C PRO A 14 -13.70 5.21 7.36
N SER A 15 -14.07 4.65 6.24
CA SER A 15 -15.35 3.88 6.20
C SER A 15 -15.14 2.60 5.39
N GLY A 16 -15.96 1.61 5.60
CA GLY A 16 -15.81 0.33 4.84
C GLY A 16 -15.10 -0.69 5.72
N GLN A 17 -14.04 -1.28 5.22
CA GLN A 17 -13.30 -2.29 6.03
C GLN A 17 -12.46 -1.59 7.09
N GLU A 18 -11.48 -2.27 7.64
CA GLU A 18 -10.63 -1.63 8.69
C GLU A 18 -9.17 -2.02 8.46
N ILE A 19 -8.89 -2.70 7.38
CA ILE A 19 -7.48 -3.11 7.10
C ILE A 19 -6.88 -2.20 6.04
N CYS A 20 -5.59 -2.17 5.97
CA CYS A 20 -4.92 -1.32 4.97
C CYS A 20 -3.96 -2.17 4.14
N TYR A 21 -4.08 -2.16 2.85
CA TYR A 21 -3.16 -2.98 2.02
C TYR A 21 -2.07 -2.07 1.46
N VAL A 22 -0.92 -2.59 1.19
CA VAL A 22 0.15 -1.74 0.63
C VAL A 22 0.60 -2.32 -0.71
N LYS A 23 0.30 -1.65 -1.79
CA LYS A 23 0.70 -2.17 -3.14
C LYS A 23 1.98 -1.45 -3.57
N SER A 24 2.92 -2.18 -4.10
CA SER A 24 4.18 -1.53 -4.54
C SER A 24 4.52 -1.99 -5.95
N TRP A 25 4.02 -1.31 -6.96
CA TRP A 25 4.31 -1.74 -8.35
C TRP A 25 5.05 -0.64 -9.11
N CYS A 26 5.80 -1.00 -10.12
CA CYS A 26 6.53 0.01 -10.92
C CYS A 26 6.62 -0.47 -12.36
N ASN A 27 7.21 0.32 -13.23
CA ASN A 27 7.33 -0.11 -14.65
C ASN A 27 8.80 -0.35 -14.98
N ALA A 28 9.11 -0.56 -16.24
CA ALA A 28 10.54 -0.81 -16.60
C ALA A 28 11.23 0.52 -16.89
N TRP A 29 10.70 1.60 -16.36
CA TRP A 29 11.31 2.92 -16.61
C TRP A 29 11.45 3.69 -15.29
N CYS A 30 11.39 3.01 -14.17
CA CYS A 30 11.52 3.70 -12.86
C CYS A 30 12.91 4.29 -12.68
N SER A 31 13.80 4.14 -13.65
CA SER A 31 15.17 4.70 -13.49
C SER A 31 15.08 6.07 -12.82
N SER A 32 15.21 6.09 -11.52
CA SER A 32 15.10 7.38 -10.78
C SER A 32 13.92 8.17 -11.33
N ARG A 33 12.74 7.75 -11.01
CA ARG A 33 11.53 8.45 -11.50
C ARG A 33 10.54 8.64 -10.34
N GLY A 34 9.63 7.71 -10.16
CA GLY A 34 8.64 7.85 -9.06
C GLY A 34 7.69 6.65 -9.07
N LYS A 35 8.07 5.57 -8.47
CA LYS A 35 7.18 4.37 -8.44
C LYS A 35 5.77 4.78 -8.02
N VAL A 36 4.79 4.00 -8.35
CA VAL A 36 3.39 4.34 -7.96
C VAL A 36 2.97 3.42 -6.82
N LEU A 37 3.42 3.68 -5.64
CA LEU A 37 3.09 2.80 -4.50
C LEU A 37 2.11 3.50 -3.56
N GLU A 38 0.91 2.99 -3.46
CA GLU A 38 -0.11 3.61 -2.55
C GLU A 38 -0.78 2.51 -1.73
N PHE A 39 -1.23 2.85 -0.55
CA PHE A 39 -1.90 1.85 0.31
C PHE A 39 -3.36 2.25 0.53
N GLY A 40 -4.27 1.32 0.48
CA GLY A 40 -5.71 1.67 0.66
C GLY A 40 -6.34 0.84 1.78
N CYS A 41 -7.59 0.52 1.66
CA CYS A 41 -8.28 -0.27 2.72
C CYS A 41 -8.35 -1.72 2.27
N ALA A 42 -8.86 -2.56 3.11
CA ALA A 42 -8.97 -4.00 2.76
C ALA A 42 -9.50 -4.79 3.96
N ALA A 43 -9.61 -6.07 3.78
CA ALA A 43 -10.11 -6.94 4.88
C ALA A 43 -8.98 -7.82 5.40
N THR A 44 -8.19 -8.37 4.52
CA THR A 44 -7.06 -9.23 4.96
C THR A 44 -5.90 -9.10 3.97
N CYS A 45 -4.70 -9.33 4.42
CA CYS A 45 -3.51 -9.22 3.55
C CYS A 45 -3.83 -9.82 2.17
N PRO A 46 -3.88 -9.00 1.14
CA PRO A 46 -4.19 -9.47 -0.22
C PRO A 46 -2.95 -10.07 -0.88
N SER A 47 -3.13 -10.85 -1.92
CA SER A 47 -1.96 -11.46 -2.61
C SER A 47 -2.16 -11.37 -4.13
N VAL A 48 -1.93 -10.22 -4.70
CA VAL A 48 -2.11 -10.08 -6.17
C VAL A 48 -0.75 -10.04 -6.86
N ASN A 49 -0.44 -11.04 -7.63
CA ASN A 49 0.88 -11.08 -8.31
C ASN A 49 0.81 -10.33 -9.64
N THR A 50 -0.11 -9.40 -9.77
CA THR A 50 -0.22 -8.64 -11.05
C THR A 50 0.93 -7.63 -11.15
N GLY A 51 2.12 -8.07 -11.47
CA GLY A 51 3.27 -7.13 -11.57
C GLY A 51 3.20 -6.14 -10.40
N THR A 52 2.62 -6.56 -9.30
CA THR A 52 2.51 -5.65 -8.14
C THR A 52 2.81 -6.41 -6.85
N GLU A 53 3.62 -5.85 -5.99
CA GLU A 53 3.95 -6.56 -4.71
C GLU A 53 3.06 -6.00 -3.60
N ILE A 54 2.10 -6.77 -3.14
CA ILE A 54 1.22 -6.27 -2.06
C ILE A 54 1.73 -6.78 -0.71
N LYS A 55 1.30 -6.15 0.35
CA LYS A 55 1.73 -6.58 1.70
C LYS A 55 0.62 -6.27 2.70
N CYS A 56 0.81 -6.65 3.93
CA CYS A 56 -0.24 -6.39 4.95
C CYS A 56 0.17 -5.16 5.77
N CYS A 57 -0.73 -4.24 5.96
CA CYS A 57 -0.38 -3.00 6.71
C CYS A 57 -1.62 -2.43 7.38
N SER A 58 -1.45 -1.83 8.53
CA SER A 58 -2.63 -1.24 9.22
C SER A 58 -2.24 0.08 9.88
N ALA A 59 -1.00 0.44 9.83
CA ALA A 59 -0.58 1.73 10.45
C ALA A 59 0.82 2.11 9.94
N ASP A 60 1.81 2.08 10.79
CA ASP A 60 3.18 2.40 10.35
C ASP A 60 3.88 1.08 10.04
N LYS A 61 3.13 0.14 9.55
CA LYS A 61 3.70 -1.19 9.23
C LYS A 61 3.76 -1.34 7.72
N CYS A 62 3.24 -0.37 7.00
CA CYS A 62 3.26 -0.46 5.52
C CYS A 62 4.70 -0.67 5.04
N ASN A 63 5.64 -0.01 5.67
CA ASN A 63 7.06 -0.17 5.26
C ASN A 63 7.77 -1.09 6.26
N THR A 64 7.50 -0.92 7.53
CA THR A 64 8.16 -1.78 8.56
C THR A 64 9.67 -1.53 8.55
N TYR A 65 10.15 -0.76 9.49
CA TYR A 65 11.61 -0.46 9.58
C TYR A 65 12.22 -0.36 8.17
N PRO A 66 11.98 0.75 7.53
CA PRO A 66 12.49 1.01 6.16
C PRO A 66 13.97 1.38 6.21
N ARG A 1 -10.25 6.46 9.85
CA ARG A 1 -9.29 5.83 8.89
C ARG A 1 -8.26 4.99 9.67
N GLU A 2 -7.62 4.06 9.02
CA GLU A 2 -6.62 3.23 9.74
C GLU A 2 -5.44 2.87 8.85
N CYS A 3 -4.96 3.83 8.10
CA CYS A 3 -3.80 3.57 7.21
C CYS A 3 -2.88 4.79 7.28
N TYR A 4 -3.42 5.94 7.00
CA TYR A 4 -2.63 7.21 7.05
C TYR A 4 -1.20 6.98 6.60
N LEU A 5 -0.29 7.84 6.97
CA LEU A 5 1.13 7.66 6.55
C LEU A 5 1.22 7.74 5.03
N ASN A 6 1.20 8.92 4.47
CA ASN A 6 1.27 9.03 3.00
C ASN A 6 2.49 9.84 2.57
N PRO A 7 3.66 9.27 2.73
CA PRO A 7 4.92 9.91 2.32
C PRO A 7 5.03 9.74 0.81
N HIS A 8 4.45 8.68 0.32
CA HIS A 8 4.44 8.40 -1.14
C HIS A 8 3.51 7.22 -1.39
N ASP A 9 2.49 7.11 -0.59
CA ASP A 9 1.54 5.99 -0.74
C ASP A 9 0.48 6.01 0.37
N THR A 10 -0.30 4.98 0.47
CA THR A 10 -1.36 4.92 1.53
C THR A 10 -2.51 5.85 1.16
N GLN A 11 -3.62 5.75 1.86
CA GLN A 11 -4.77 6.64 1.56
C GLN A 11 -5.80 6.63 2.70
N THR A 12 -5.45 6.11 3.86
CA THR A 12 -6.42 6.12 4.99
C THR A 12 -7.71 5.38 4.59
N CYS A 13 -8.38 4.81 5.53
CA CYS A 13 -9.65 4.07 5.23
C CYS A 13 -10.71 4.46 6.25
N PRO A 14 -11.19 5.68 6.12
CA PRO A 14 -12.22 6.22 7.03
C PRO A 14 -13.59 5.63 6.70
N SER A 15 -13.72 4.99 5.58
CA SER A 15 -15.04 4.40 5.20
C SER A 15 -14.82 3.03 4.55
N GLY A 16 -15.43 2.00 5.09
CA GLY A 16 -15.25 0.64 4.50
C GLY A 16 -14.74 -0.32 5.58
N GLN A 17 -13.89 -1.25 5.20
CA GLN A 17 -13.36 -2.21 6.20
C GLN A 17 -12.41 -1.48 7.15
N GLU A 18 -11.51 -2.18 7.78
CA GLU A 18 -10.57 -1.52 8.72
C GLU A 18 -9.13 -1.94 8.39
N ILE A 19 -8.95 -2.70 7.34
CA ILE A 19 -7.58 -3.13 6.97
C ILE A 19 -7.08 -2.28 5.80
N CYS A 20 -5.79 -2.23 5.64
CA CYS A 20 -5.22 -1.44 4.52
C CYS A 20 -4.29 -2.33 3.71
N TYR A 21 -4.46 -2.39 2.42
CA TYR A 21 -3.55 -3.22 1.61
C TYR A 21 -2.54 -2.27 0.96
N VAL A 22 -1.35 -2.70 0.75
CA VAL A 22 -0.35 -1.79 0.15
C VAL A 22 0.07 -2.28 -1.24
N LYS A 23 -0.32 -1.58 -2.26
CA LYS A 23 0.08 -2.00 -3.64
C LYS A 23 1.13 -1.04 -4.16
N SER A 24 2.21 -1.54 -4.68
CA SER A 24 3.27 -0.63 -5.17
C SER A 24 3.79 -1.09 -6.53
N TRP A 25 3.73 -0.25 -7.53
CA TRP A 25 4.23 -0.65 -8.88
C TRP A 25 5.04 0.50 -9.49
N CYS A 26 6.22 0.23 -9.97
CA CYS A 26 7.06 1.29 -10.59
C CYS A 26 7.21 1.00 -12.09
N ASN A 27 7.71 1.93 -12.85
CA ASN A 27 7.88 1.69 -14.31
C ASN A 27 9.34 1.31 -14.58
N ALA A 28 9.93 1.79 -15.64
CA ALA A 28 11.34 1.42 -15.93
C ALA A 28 12.28 2.56 -15.55
N TRP A 29 11.74 3.68 -15.21
CA TRP A 29 12.59 4.83 -14.84
C TRP A 29 11.93 5.66 -13.73
N CYS A 30 11.11 5.04 -12.91
CA CYS A 30 10.45 5.81 -11.83
C CYS A 30 11.45 6.32 -10.79
N SER A 31 12.74 6.11 -10.99
CA SER A 31 13.74 6.59 -10.00
C SER A 31 13.32 7.96 -9.48
N SER A 32 12.60 7.99 -8.38
CA SER A 32 12.10 9.28 -7.85
C SER A 32 11.58 10.13 -8.99
N ARG A 33 10.52 9.68 -9.58
CA ARG A 33 9.92 10.41 -10.72
C ARG A 33 8.40 10.49 -10.54
N GLY A 34 7.68 9.56 -11.09
CA GLY A 34 6.19 9.58 -10.94
C GLY A 34 5.72 8.25 -10.34
N LYS A 35 6.48 7.70 -9.44
CA LYS A 35 6.08 6.40 -8.82
C LYS A 35 4.60 6.46 -8.43
N VAL A 36 3.85 5.45 -8.78
CA VAL A 36 2.41 5.43 -8.41
C VAL A 36 2.20 4.38 -7.33
N LEU A 37 2.66 4.65 -6.15
CA LEU A 37 2.54 3.65 -5.07
C LEU A 37 1.61 4.16 -3.97
N GLU A 38 0.50 3.49 -3.75
CA GLU A 38 -0.45 3.92 -2.67
C GLU A 38 -1.02 2.67 -1.99
N PHE A 39 -1.72 2.85 -0.92
CA PHE A 39 -2.32 1.70 -0.20
C PHE A 39 -3.79 2.06 0.09
N GLY A 40 -4.68 1.12 -0.04
CA GLY A 40 -6.13 1.45 0.21
C GLY A 40 -6.66 0.68 1.41
N CYS A 41 -7.94 0.42 1.42
CA CYS A 41 -8.55 -0.32 2.55
C CYS A 41 -8.68 -1.78 2.15
N ALA A 42 -9.19 -2.58 3.02
CA ALA A 42 -9.34 -4.02 2.70
C ALA A 42 -9.79 -4.78 3.94
N ALA A 43 -9.95 -6.05 3.82
CA ALA A 43 -10.39 -6.89 4.96
C ALA A 43 -9.23 -7.79 5.42
N THR A 44 -8.54 -8.40 4.50
CA THR A 44 -7.40 -9.29 4.88
C THR A 44 -6.28 -9.17 3.85
N CYS A 45 -5.06 -9.25 4.30
CA CYS A 45 -3.89 -9.14 3.41
C CYS A 45 -4.17 -9.84 2.06
N PRO A 46 -3.93 -9.14 0.97
CA PRO A 46 -4.16 -9.69 -0.38
C PRO A 46 -2.93 -10.47 -0.84
N SER A 47 -3.13 -11.59 -1.49
CA SER A 47 -1.98 -12.40 -1.96
C SER A 47 -1.90 -12.35 -3.48
N VAL A 48 -1.98 -11.17 -4.06
CA VAL A 48 -1.92 -11.06 -5.55
C VAL A 48 -0.62 -10.37 -5.95
N ASN A 49 0.48 -11.07 -5.90
CA ASN A 49 1.78 -10.45 -6.28
C ASN A 49 2.00 -10.59 -7.78
N THR A 50 0.95 -10.67 -8.56
CA THR A 50 1.12 -10.81 -10.03
C THR A 50 1.72 -9.51 -10.60
N GLY A 51 3.02 -9.43 -10.65
CA GLY A 51 3.66 -8.19 -11.18
C GLY A 51 3.19 -6.99 -10.36
N THR A 52 2.65 -7.24 -9.20
CA THR A 52 2.17 -6.12 -8.36
C THR A 52 2.72 -6.28 -6.93
N GLU A 53 3.26 -5.24 -6.37
CA GLU A 53 3.82 -5.36 -4.98
C GLU A 53 2.70 -5.17 -3.95
N ILE A 54 1.93 -6.19 -3.69
CA ILE A 54 0.84 -6.05 -2.69
C ILE A 54 1.31 -6.64 -1.36
N LYS A 55 0.82 -6.14 -0.27
CA LYS A 55 1.24 -6.68 1.05
C LYS A 55 0.19 -6.34 2.10
N CYS A 56 0.47 -6.64 3.34
CA CYS A 56 -0.51 -6.34 4.43
C CYS A 56 -0.07 -5.09 5.17
N CYS A 57 -1.00 -4.24 5.52
CA CYS A 57 -0.62 -2.99 6.24
C CYS A 57 -1.82 -2.39 6.94
N SER A 58 -1.66 -1.96 8.15
CA SER A 58 -2.81 -1.35 8.86
C SER A 58 -2.35 -0.12 9.63
N ALA A 59 -1.10 0.23 9.51
CA ALA A 59 -0.59 1.43 10.22
C ALA A 59 0.77 1.82 9.63
N ASP A 60 1.81 1.70 10.41
CA ASP A 60 3.16 2.02 9.90
C ASP A 60 3.81 0.71 9.47
N LYS A 61 3.00 -0.18 8.96
CA LYS A 61 3.50 -1.49 8.52
C LYS A 61 3.49 -1.54 6.98
N CYS A 62 3.01 -0.50 6.36
CA CYS A 62 2.95 -0.48 4.88
C CYS A 62 4.36 -0.69 4.31
N ASN A 63 5.38 -0.48 5.11
CA ASN A 63 6.77 -0.67 4.63
C ASN A 63 7.33 -1.97 5.18
N THR A 64 7.07 -3.08 4.53
CA THR A 64 7.60 -4.38 5.03
C THR A 64 8.16 -5.20 3.88
N TYR A 65 9.37 -4.91 3.47
CA TYR A 65 9.98 -5.65 2.35
C TYR A 65 9.80 -7.16 2.54
N PRO A 66 10.09 -7.64 3.73
CA PRO A 66 9.98 -9.07 4.05
C PRO A 66 8.51 -9.43 4.33
N ARG A 1 -9.51 5.53 9.77
CA ARG A 1 -8.18 6.08 9.38
C ARG A 1 -7.08 5.17 9.91
N GLU A 2 -6.60 4.26 9.11
CA GLU A 2 -5.51 3.33 9.56
C GLU A 2 -4.43 3.28 8.48
N CYS A 3 -4.20 4.39 7.87
CA CYS A 3 -3.17 4.48 6.79
C CYS A 3 -2.73 5.94 6.68
N TYR A 4 -3.68 6.83 6.78
CA TYR A 4 -3.40 8.29 6.69
C TYR A 4 -2.44 8.60 5.56
N LEU A 5 -1.23 8.98 5.83
CA LEU A 5 -0.36 9.30 4.70
C LEU A 5 1.08 8.85 4.92
N ASN A 6 1.32 7.57 4.96
CA ASN A 6 2.72 7.11 5.10
C ASN A 6 3.48 7.69 3.90
N PRO A 7 4.74 7.38 3.80
CA PRO A 7 5.56 7.86 2.68
C PRO A 7 5.24 7.05 1.42
N HIS A 8 4.11 7.29 0.80
CA HIS A 8 3.76 6.51 -0.41
C HIS A 8 2.28 6.76 -0.80
N ASP A 9 1.89 8.00 -0.95
CA ASP A 9 0.47 8.29 -1.35
C ASP A 9 -0.48 8.02 -0.18
N THR A 10 -0.81 6.77 0.07
CA THR A 10 -1.72 6.42 1.20
C THR A 10 -3.19 6.67 0.84
N GLN A 11 -4.08 6.36 1.75
CA GLN A 11 -5.53 6.57 1.51
C GLN A 11 -6.30 6.13 2.75
N THR A 12 -6.46 7.01 3.70
CA THR A 12 -7.19 6.67 4.96
C THR A 12 -8.39 5.78 4.66
N CYS A 13 -8.80 5.01 5.63
CA CYS A 13 -9.98 4.11 5.44
C CYS A 13 -10.92 4.25 6.64
N PRO A 14 -11.57 5.38 6.72
CA PRO A 14 -12.50 5.69 7.82
C PRO A 14 -13.84 4.98 7.59
N SER A 15 -14.11 4.56 6.39
CA SER A 15 -15.40 3.86 6.11
C SER A 15 -15.14 2.64 5.20
N GLY A 16 -16.06 1.72 5.15
CA GLY A 16 -15.88 0.53 4.28
C GLY A 16 -15.32 -0.63 5.12
N GLN A 17 -14.04 -0.88 5.03
CA GLN A 17 -13.45 -1.99 5.82
C GLN A 17 -12.56 -1.41 6.92
N GLU A 18 -11.63 -2.18 7.43
CA GLU A 18 -10.75 -1.66 8.51
C GLU A 18 -9.31 -2.13 8.26
N ILE A 19 -9.06 -2.76 7.15
CA ILE A 19 -7.68 -3.23 6.84
C ILE A 19 -7.04 -2.30 5.83
N CYS A 20 -5.74 -2.29 5.79
CA CYS A 20 -5.02 -1.42 4.82
C CYS A 20 -4.09 -2.28 3.98
N TYR A 21 -4.28 -2.32 2.70
CA TYR A 21 -3.36 -3.15 1.86
C TYR A 21 -2.33 -2.22 1.25
N VAL A 22 -1.17 -2.71 0.95
CA VAL A 22 -0.13 -1.82 0.36
C VAL A 22 0.27 -2.36 -1.02
N LYS A 23 -0.14 -1.68 -2.06
CA LYS A 23 0.22 -2.15 -3.43
C LYS A 23 1.32 -1.25 -3.98
N SER A 24 2.37 -1.82 -4.49
CA SER A 24 3.47 -0.98 -5.03
C SER A 24 3.88 -1.47 -6.42
N TRP A 25 3.66 -0.66 -7.42
CA TRP A 25 4.04 -1.08 -8.80
C TRP A 25 4.70 0.09 -9.54
N CYS A 26 5.64 -0.20 -10.40
CA CYS A 26 6.32 0.88 -11.17
C CYS A 26 5.75 0.90 -12.59
N ASN A 27 6.38 1.65 -13.46
CA ASN A 27 5.90 1.72 -14.87
C ASN A 27 7.00 1.21 -15.79
N ALA A 28 6.73 1.06 -17.05
CA ALA A 28 7.78 0.56 -17.98
C ALA A 28 8.85 1.63 -18.18
N TRP A 29 8.59 2.81 -17.70
CA TRP A 29 9.57 3.91 -17.87
C TRP A 29 9.67 4.73 -16.58
N CYS A 30 9.30 4.17 -15.46
CA CYS A 30 9.38 4.93 -14.17
C CYS A 30 10.82 5.14 -13.71
N SER A 31 11.79 5.10 -14.58
CA SER A 31 13.20 5.30 -14.13
C SER A 31 13.23 6.52 -13.20
N SER A 32 13.10 6.30 -11.92
CA SER A 32 13.08 7.43 -10.96
C SER A 32 12.25 8.57 -11.53
N ARG A 33 10.98 8.41 -11.48
CA ARG A 33 10.06 9.46 -12.02
C ARG A 33 8.87 9.65 -11.08
N GLY A 34 7.71 9.15 -11.43
CA GLY A 34 6.54 9.31 -10.54
C GLY A 34 5.89 7.96 -10.27
N LYS A 35 6.63 7.05 -9.69
CA LYS A 35 6.08 5.70 -9.40
C LYS A 35 4.69 5.85 -8.76
N VAL A 36 3.84 4.87 -8.95
CA VAL A 36 2.47 4.95 -8.36
C VAL A 36 2.36 3.91 -7.25
N LEU A 37 2.92 4.18 -6.12
CA LEU A 37 2.87 3.21 -5.00
C LEU A 37 2.01 3.75 -3.86
N GLU A 38 0.79 3.28 -3.73
CA GLU A 38 -0.09 3.76 -2.63
C GLU A 38 -0.75 2.59 -1.92
N PHE A 39 -1.29 2.84 -0.76
CA PHE A 39 -1.97 1.77 0.00
C PHE A 39 -3.41 2.21 0.31
N GLY A 40 -4.34 1.30 0.27
CA GLY A 40 -5.76 1.69 0.53
C GLY A 40 -6.36 0.84 1.64
N CYS A 41 -7.65 0.60 1.58
CA CYS A 41 -8.31 -0.22 2.62
C CYS A 41 -8.50 -1.62 2.09
N ALA A 42 -9.01 -2.49 2.90
CA ALA A 42 -9.23 -3.89 2.47
C ALA A 42 -9.79 -4.71 3.63
N ALA A 43 -9.96 -5.98 3.41
CA ALA A 43 -10.51 -6.88 4.46
C ALA A 43 -9.40 -7.81 4.96
N THR A 44 -8.64 -8.37 4.05
CA THR A 44 -7.54 -9.29 4.47
C THR A 44 -6.35 -9.12 3.52
N CYS A 45 -5.16 -9.27 4.04
CA CYS A 45 -3.94 -9.11 3.22
C CYS A 45 -4.17 -9.73 1.82
N PRO A 46 -3.91 -8.96 0.78
CA PRO A 46 -4.09 -9.43 -0.61
C PRO A 46 -2.87 -10.23 -1.07
N SER A 47 -3.08 -11.37 -1.67
CA SER A 47 -1.94 -12.18 -2.15
C SER A 47 -1.89 -12.15 -3.67
N VAL A 48 -2.08 -11.00 -4.26
CA VAL A 48 -2.06 -10.90 -5.75
C VAL A 48 -0.73 -10.27 -6.18
N ASN A 49 0.36 -10.91 -5.86
CA ASN A 49 1.68 -10.36 -6.25
C ASN A 49 2.03 -10.80 -7.68
N THR A 50 1.20 -10.49 -8.63
CA THR A 50 1.53 -10.89 -10.03
C THR A 50 2.68 -10.01 -10.52
N GLY A 51 2.42 -9.01 -11.31
CA GLY A 51 3.52 -8.12 -11.75
C GLY A 51 3.57 -6.93 -10.79
N THR A 52 3.00 -7.11 -9.63
CA THR A 52 2.96 -6.03 -8.61
C THR A 52 3.43 -6.59 -7.27
N GLU A 53 3.70 -5.73 -6.31
CA GLU A 53 4.14 -6.24 -4.99
C GLU A 53 3.20 -5.71 -3.90
N ILE A 54 2.22 -6.50 -3.54
CA ILE A 54 1.27 -6.03 -2.49
C ILE A 54 1.64 -6.68 -1.14
N LYS A 55 1.13 -6.16 -0.06
CA LYS A 55 1.46 -6.75 1.26
C LYS A 55 0.36 -6.39 2.26
N CYS A 56 0.58 -6.71 3.51
CA CYS A 56 -0.44 -6.41 4.55
C CYS A 56 0.00 -5.17 5.33
N CYS A 57 -0.93 -4.35 5.72
CA CYS A 57 -0.56 -3.12 6.47
C CYS A 57 -1.79 -2.54 7.16
N SER A 58 -1.60 -1.90 8.28
CA SER A 58 -2.78 -1.31 8.97
C SER A 58 -2.38 0.01 9.63
N ALA A 59 -1.15 0.40 9.52
CA ALA A 59 -0.73 1.69 10.15
C ALA A 59 0.62 2.11 9.57
N ASP A 60 1.65 2.11 10.37
CA ASP A 60 2.99 2.48 9.85
C ASP A 60 3.72 1.19 9.51
N LYS A 61 2.98 0.22 9.07
CA LYS A 61 3.57 -1.09 8.71
C LYS A 61 3.54 -1.24 7.19
N CYS A 62 2.98 -0.28 6.50
CA CYS A 62 2.91 -0.39 5.02
C CYS A 62 4.33 -0.50 4.45
N ASN A 63 5.28 0.13 5.08
CA ASN A 63 6.68 0.06 4.58
C ASN A 63 7.47 -0.96 5.40
N THR A 64 6.98 -1.32 6.56
CA THR A 64 7.71 -2.31 7.40
C THR A 64 9.15 -1.85 7.60
N TYR A 65 9.44 -1.28 8.74
CA TYR A 65 10.82 -0.80 9.00
C TYR A 65 11.84 -1.89 8.64
N PRO A 66 11.60 -3.10 9.08
CA PRO A 66 12.50 -4.23 8.81
C PRO A 66 12.28 -4.77 7.40
N ARG A 1 -9.08 5.26 9.87
CA ARG A 1 -7.93 5.76 9.07
C ARG A 1 -6.67 5.00 9.46
N GLU A 2 -6.33 3.97 8.72
CA GLU A 2 -5.10 3.19 9.05
C GLU A 2 -4.25 3.01 7.78
N CYS A 3 -3.83 4.09 7.19
CA CYS A 3 -2.99 3.99 5.96
C CYS A 3 -2.05 5.20 5.88
N TYR A 4 -2.54 6.36 6.26
CA TYR A 4 -1.72 7.62 6.25
C TYR A 4 -0.24 7.30 6.36
N LEU A 5 0.43 7.02 5.29
CA LEU A 5 1.84 6.67 5.42
C LEU A 5 2.64 7.04 4.18
N ASN A 6 2.82 6.11 3.27
CA ASN A 6 3.61 6.40 2.04
C ASN A 6 3.36 7.84 1.58
N PRO A 7 4.37 8.45 1.01
CA PRO A 7 4.30 9.82 0.52
C PRO A 7 3.53 9.86 -0.81
N HIS A 8 3.05 8.73 -1.25
CA HIS A 8 2.29 8.70 -2.53
C HIS A 8 0.81 8.96 -2.26
N ASP A 9 0.53 9.86 -1.35
CA ASP A 9 -0.89 10.19 -1.02
C ASP A 9 -1.47 9.17 -0.04
N THR A 10 -1.33 7.89 -0.30
CA THR A 10 -1.90 6.88 0.63
C THR A 10 -3.42 6.98 0.57
N GLN A 11 -4.11 6.21 1.37
CA GLN A 11 -5.60 6.28 1.35
C GLN A 11 -6.17 5.81 2.69
N THR A 12 -6.09 6.63 3.69
CA THR A 12 -6.62 6.23 5.03
C THR A 12 -8.00 5.59 4.86
N CYS A 13 -8.30 4.61 5.68
CA CYS A 13 -9.64 3.95 5.58
C CYS A 13 -10.44 4.21 6.86
N PRO A 14 -11.26 5.23 6.82
CA PRO A 14 -12.10 5.62 7.97
C PRO A 14 -13.32 4.70 8.07
N SER A 15 -14.21 4.77 7.12
CA SER A 15 -15.44 3.91 7.18
C SER A 15 -15.26 2.71 6.24
N GLY A 16 -16.25 1.87 6.14
CA GLY A 16 -16.15 0.69 5.25
C GLY A 16 -15.46 -0.45 5.99
N GLN A 17 -14.52 -1.10 5.36
CA GLN A 17 -13.80 -2.23 6.04
C GLN A 17 -12.91 -1.66 7.15
N GLU A 18 -11.95 -2.42 7.59
CA GLU A 18 -11.06 -1.91 8.67
C GLU A 18 -9.60 -2.32 8.39
N ILE A 19 -9.36 -2.92 7.25
CA ILE A 19 -7.97 -3.34 6.93
C ILE A 19 -7.39 -2.40 5.88
N CYS A 20 -6.09 -2.34 5.82
CA CYS A 20 -5.43 -1.47 4.82
C CYS A 20 -4.43 -2.30 4.02
N TYR A 21 -4.49 -2.26 2.73
CA TYR A 21 -3.52 -3.07 1.93
C TYR A 21 -2.42 -2.15 1.45
N VAL A 22 -1.30 -2.69 1.10
CA VAL A 22 -0.18 -1.82 0.63
C VAL A 22 0.32 -2.31 -0.72
N LYS A 23 -0.03 -1.63 -1.78
CA LYS A 23 0.42 -2.07 -3.13
C LYS A 23 1.59 -1.17 -3.56
N SER A 24 2.75 -1.73 -3.75
CA SER A 24 3.91 -0.88 -4.14
C SER A 24 4.67 -1.52 -5.30
N TRP A 25 4.65 -0.88 -6.45
CA TRP A 25 5.38 -1.42 -7.63
C TRP A 25 5.96 -0.27 -8.45
N CYS A 26 7.03 -0.50 -9.15
CA CYS A 26 7.63 0.57 -10.00
C CYS A 26 8.06 -0.05 -11.33
N ASN A 27 8.87 0.65 -12.08
CA ASN A 27 9.31 0.10 -13.38
C ASN A 27 10.83 -0.18 -13.32
N ALA A 28 11.43 -0.53 -14.43
CA ALA A 28 12.89 -0.82 -14.42
C ALA A 28 13.67 0.49 -14.42
N TRP A 29 12.98 1.59 -14.36
CA TRP A 29 13.67 2.91 -14.37
C TRP A 29 13.07 3.82 -13.31
N CYS A 30 12.43 3.25 -12.31
CA CYS A 30 11.81 4.10 -11.24
C CYS A 30 12.87 4.76 -10.35
N SER A 31 14.11 4.79 -10.76
CA SER A 31 15.16 5.43 -9.91
C SER A 31 14.61 6.74 -9.35
N SER A 32 14.02 6.68 -8.19
CA SER A 32 13.43 7.90 -7.57
C SER A 32 12.82 8.79 -8.66
N ARG A 33 11.71 8.38 -9.16
CA ARG A 33 11.03 9.19 -10.23
C ARG A 33 9.57 9.40 -9.85
N GLY A 34 8.71 8.52 -10.27
CA GLY A 34 7.26 8.67 -9.94
C GLY A 34 6.65 7.29 -9.76
N LYS A 35 7.31 6.43 -9.02
CA LYS A 35 6.77 5.05 -8.82
C LYS A 35 5.26 5.14 -8.54
N VAL A 36 4.53 4.14 -8.93
CA VAL A 36 3.06 4.16 -8.68
C VAL A 36 2.77 3.35 -7.42
N LEU A 37 3.13 3.88 -6.28
CA LEU A 37 2.93 3.15 -5.01
C LEU A 37 1.78 3.76 -4.21
N GLU A 38 0.72 3.05 -4.00
CA GLU A 38 -0.40 3.61 -3.20
C GLU A 38 -1.04 2.52 -2.33
N PHE A 39 -1.64 2.90 -1.23
CA PHE A 39 -2.29 1.92 -0.34
C PHE A 39 -3.79 2.21 -0.30
N GLY A 40 -4.58 1.31 0.22
CA GLY A 40 -6.05 1.56 0.27
C GLY A 40 -6.67 0.77 1.43
N CYS A 41 -7.94 0.48 1.35
CA CYS A 41 -8.61 -0.28 2.43
C CYS A 41 -8.75 -1.73 1.98
N ALA A 42 -9.27 -2.54 2.82
CA ALA A 42 -9.44 -3.97 2.46
C ALA A 42 -10.00 -4.75 3.65
N ALA A 43 -10.21 -6.02 3.47
CA ALA A 43 -10.75 -6.88 4.55
C ALA A 43 -9.67 -7.84 5.04
N THR A 44 -8.89 -8.39 4.14
CA THR A 44 -7.82 -9.33 4.56
C THR A 44 -6.62 -9.18 3.63
N CYS A 45 -5.44 -9.41 4.13
CA CYS A 45 -4.21 -9.28 3.32
C CYS A 45 -4.46 -9.80 1.89
N PRO A 46 -4.14 -9.00 0.90
CA PRO A 46 -4.34 -9.37 -0.51
C PRO A 46 -3.13 -10.18 -1.01
N SER A 47 -3.35 -11.06 -1.94
CA SER A 47 -2.22 -11.89 -2.48
C SER A 47 -2.13 -11.73 -3.99
N VAL A 48 -2.15 -10.52 -4.48
CA VAL A 48 -2.07 -10.31 -5.95
C VAL A 48 -0.69 -9.74 -6.30
N ASN A 49 0.32 -10.56 -6.29
CA ASN A 49 1.69 -10.07 -6.60
C ASN A 49 1.90 -10.07 -8.12
N THR A 50 0.90 -9.72 -8.88
CA THR A 50 1.07 -9.68 -10.37
C THR A 50 2.03 -8.56 -10.74
N GLY A 51 3.31 -8.82 -10.73
CA GLY A 51 4.29 -7.75 -11.07
C GLY A 51 4.13 -6.60 -10.10
N THR A 52 3.46 -6.83 -9.00
CA THR A 52 3.26 -5.75 -7.99
C THR A 52 3.60 -6.29 -6.59
N GLU A 53 3.98 -5.43 -5.69
CA GLU A 53 4.32 -5.92 -4.33
C GLU A 53 3.20 -5.55 -3.35
N ILE A 54 2.21 -6.38 -3.20
CA ILE A 54 1.11 -6.06 -2.25
C ILE A 54 1.39 -6.75 -0.92
N LYS A 55 0.89 -6.23 0.15
CA LYS A 55 1.12 -6.87 1.47
C LYS A 55 0.00 -6.48 2.44
N CYS A 56 0.14 -6.86 3.68
CA CYS A 56 -0.91 -6.53 4.68
C CYS A 56 -0.46 -5.35 5.52
N CYS A 57 -1.36 -4.48 5.88
CA CYS A 57 -0.96 -3.30 6.69
C CYS A 57 -2.19 -2.70 7.37
N SER A 58 -2.07 -2.30 8.59
CA SER A 58 -3.23 -1.69 9.28
C SER A 58 -2.77 -0.51 10.11
N ALA A 59 -1.52 -0.17 10.04
CA ALA A 59 -1.02 0.98 10.84
C ALA A 59 0.34 1.41 10.30
N ASP A 60 1.38 1.28 11.07
CA ASP A 60 2.73 1.65 10.59
C ASP A 60 3.40 0.36 10.12
N LYS A 61 2.61 -0.51 9.55
CA LYS A 61 3.15 -1.80 9.07
C LYS A 61 3.15 -1.79 7.53
N CYS A 62 2.67 -0.73 6.94
CA CYS A 62 2.64 -0.65 5.45
C CYS A 62 4.06 -0.79 4.91
N ASN A 63 5.05 -0.62 5.75
CA ASN A 63 6.45 -0.75 5.28
C ASN A 63 7.04 -2.08 5.75
N THR A 64 6.79 -2.44 6.99
CA THR A 64 7.33 -3.72 7.51
C THR A 64 8.85 -3.76 7.32
N TYR A 65 9.47 -4.84 7.72
CA TYR A 65 10.94 -4.97 7.62
C TYR A 65 11.47 -4.27 6.34
N PRO A 66 10.93 -4.63 5.20
CA PRO A 66 11.33 -4.03 3.92
C PRO A 66 10.75 -2.62 3.78
#